data_3TS6
# 
_entry.id   3TS6 
# 
_audit_conform.dict_name       mmcif_pdbx.dic 
_audit_conform.dict_version    5.399 
_audit_conform.dict_location   http://mmcif.pdb.org/dictionaries/ascii/mmcif_pdbx.dic 
# 
loop_
_database_2.database_id 
_database_2.database_code 
_database_2.pdbx_database_accession 
_database_2.pdbx_DOI 
PDB   3TS6         pdb_00003ts6 10.2210/pdb3ts6/pdb 
RCSB  RCSB067853   ?            ?                   
WWPDB D_1000067853 ?            ?                   
# 
loop_
_pdbx_audit_revision_history.ordinal 
_pdbx_audit_revision_history.data_content_type 
_pdbx_audit_revision_history.major_revision 
_pdbx_audit_revision_history.minor_revision 
_pdbx_audit_revision_history.revision_date 
1 'Structure model' 1 0 2011-10-12 
2 'Structure model' 1 1 2017-11-08 
3 'Structure model' 1 2 2023-09-13 
4 'Structure model' 1 3 2023-12-06 
5 'Structure model' 1 4 2024-11-20 
# 
_pdbx_audit_revision_details.ordinal             1 
_pdbx_audit_revision_details.revision_ordinal    1 
_pdbx_audit_revision_details.data_content_type   'Structure model' 
_pdbx_audit_revision_details.provider            repository 
_pdbx_audit_revision_details.type                'Initial release' 
_pdbx_audit_revision_details.description         ? 
_pdbx_audit_revision_details.details             ? 
# 
loop_
_pdbx_audit_revision_group.ordinal 
_pdbx_audit_revision_group.revision_ordinal 
_pdbx_audit_revision_group.data_content_type 
_pdbx_audit_revision_group.group 
1 2 'Structure model' 'Refinement description' 
2 3 'Structure model' 'Data collection'        
3 3 'Structure model' 'Database references'    
4 3 'Structure model' 'Derived calculations'   
5 3 'Structure model' 'Refinement description' 
6 4 'Structure model' 'Data collection'        
7 5 'Structure model' 'Structure summary'      
# 
loop_
_pdbx_audit_revision_category.ordinal 
_pdbx_audit_revision_category.revision_ordinal 
_pdbx_audit_revision_category.data_content_type 
_pdbx_audit_revision_category.category 
1  2 'Structure model' software                      
2  3 'Structure model' chem_comp_atom                
3  3 'Structure model' chem_comp_bond                
4  3 'Structure model' database_2                    
5  3 'Structure model' diffrn_source                 
6  3 'Structure model' pdbx_initial_refinement_model 
7  3 'Structure model' struct_conn                   
8  3 'Structure model' struct_ref_seq_dif            
9  3 'Structure model' struct_site                   
10 4 'Structure model' chem_comp_atom                
11 4 'Structure model' chem_comp_bond                
12 5 'Structure model' pdbx_entry_details            
13 5 'Structure model' pdbx_modification_feature     
# 
loop_
_pdbx_audit_revision_item.ordinal 
_pdbx_audit_revision_item.revision_ordinal 
_pdbx_audit_revision_item.data_content_type 
_pdbx_audit_revision_item.item 
1  2 'Structure model' '_software.name'                       
2  3 'Structure model' '_database_2.pdbx_DOI'                 
3  3 'Structure model' '_database_2.pdbx_database_accession'  
4  3 'Structure model' '_diffrn_source.pdbx_synchrotron_site' 
5  3 'Structure model' '_struct_conn.pdbx_leaving_atom_flag'  
6  3 'Structure model' '_struct_ref_seq_dif.details'          
7  3 'Structure model' '_struct_site.pdbx_auth_asym_id'       
8  3 'Structure model' '_struct_site.pdbx_auth_comp_id'       
9  3 'Structure model' '_struct_site.pdbx_auth_seq_id'        
10 4 'Structure model' '_chem_comp_atom.atom_id'              
11 4 'Structure model' '_chem_comp_bond.atom_id_2'            
# 
_pdbx_database_status.status_code                     REL 
_pdbx_database_status.entry_id                        3TS6 
_pdbx_database_status.recvd_initial_deposition_date   2011-09-12 
_pdbx_database_status.deposit_site                    RCSB 
_pdbx_database_status.process_site                    RCSB 
_pdbx_database_status.status_code_sf                  REL 
_pdbx_database_status.status_code_mr                  ? 
_pdbx_database_status.SG_entry                        ? 
_pdbx_database_status.status_code_cs                  ? 
_pdbx_database_status.pdb_format_compatible           Y 
_pdbx_database_status.methods_development_category    ? 
_pdbx_database_status.status_code_nmr_data            ? 
# 
loop_
_pdbx_database_related.db_name 
_pdbx_database_related.db_id 
_pdbx_database_related.details 
_pdbx_database_related.content_type 
PDB 2D4N . unspecified 
PDB 2D4L . unspecified 
PDB 2D4M . unspecified 
PDB 3TP1 . unspecified 
PDB 3TPN . unspecified 
PDB 3TPS . unspecified 
PDB 3TPW . unspecified 
PDB 3TPY . unspecified 
PDB 3TQ3 . unspecified 
PDB 3TQ4 . unspecified 
PDB 3TQ5 . unspecified 
PDB 3TRL . unspecified 
PDB 3TRN . unspecified 
PDB 3TSL . unspecified 
PDB 3TTA . unspecified 
# 
loop_
_audit_author.name 
_audit_author.pdbx_ordinal 
'Nemeth, V.'     1 
'Barabas, O.'    2 
'Vertessy, G.B.' 3 
# 
loop_
_citation.id 
_citation.title 
_citation.journal_abbrev 
_citation.journal_volume 
_citation.page_first 
_citation.page_last 
_citation.year 
_citation.journal_id_ASTM 
_citation.country 
_citation.journal_id_ISSN 
_citation.journal_id_CSD 
_citation.book_publisher 
_citation.pdbx_database_id_PubMed 
_citation.pdbx_database_id_DOI 
primary 'Structural Snapshots of Enzyme-Catalysed Phosphate Ester Hydrolysis Directly Visualize in-Line Attack and Inversion' 
'To be Published'          ?  ?   ?   ?    ? ?  ?         0353 ? ?        ? 
1       'Crystallization and Preliminary X-Ray Studies of Dutpase from Mason-Pfizer Monkey Retrovirus.'                       
'Acta Crystallogr.,Sect.F' 62 399 401 2006 ? DK 1744-3091 ?    ? 16582495 ? 
# 
loop_
_citation_author.citation_id 
_citation_author.name 
_citation_author.ordinal 
_citation_author.identifier_ORCID 
primary 'Barabas, O.'    1  ? 
primary 'Nemeth, V.'     2  ? 
primary 'Bodor, A.'      3  ? 
primary 'Perczel, A.'    4  ? 
primary 'Rosta, E.'      5  ? 
primary 'Kele, Z.'       6  ? 
primary 'Zagyva, I.'     7  ? 
primary 'Szabadka, Z.'   8  ? 
primary 'Grolmusz, V.I.' 9  ? 
primary 'Wilmanns, M.'   10 ? 
primary 'Vertessy, B.G.' 11 ? 
1       'Barabas, O.'    12 ? 
1       'Nemeth, V.'     13 ? 
1       'Vertessy, B.G.' 14 ? 
# 
loop_
_entity.id 
_entity.type 
_entity.src_method 
_entity.pdbx_description 
_entity.formula_weight 
_entity.pdbx_number_of_molecules 
_entity.pdbx_ec 
_entity.pdbx_mutation 
_entity.pdbx_fragment 
_entity.details 
1 polymer     man 
;DEOXYURIDINE 5'-TRIPHOSPHATE NUCLEOTIDO HYDROLASE
;
16171.373 1   3.6.1.23 N1K 'DUTPASE (CATALYTIC) DOMAIN, UNP RESIDUES 608-759' ? 
2 non-polymer syn 
;2'-DEOXYURIDINE 5'-MONOPHOSPHATE
;
308.182   1   ?        ?   ?                                                  ? 
3 water       nat water                                               18.015    119 ?        ?   ? ? 
# 
_entity_poly.entity_id                      1 
_entity_poly.type                           'polypeptide(L)' 
_entity_poly.nstd_linkage                   no 
_entity_poly.nstd_monomer                   yes 
_entity_poly.pdbx_seq_one_letter_code       
;KRVEGPAPGPETSLWGSQLCSSQQKQPISKLTRATPGSAGLDL(CSO)STSHTVLTPEMGPQALSTGIYGPLPPNTFGLI
LGRSSITMKGLQVYPGVIDNDYTGEIKIMAKAVNNIVTVSQGNRIAQLILLPLIETDNKVQQPYRGQGSFGSSDIY
;
_entity_poly.pdbx_seq_one_letter_code_can   
;KRVEGPAPGPETSLWGSQLCSSQQKQPISKLTRATPGSAGLDLCSTSHTVLTPEMGPQALSTGIYGPLPPNTFGLILGRS
SITMKGLQVYPGVIDNDYTGEIKIMAKAVNNIVTVSQGNRIAQLILLPLIETDNKVQQPYRGQGSFGSSDIY
;
_entity_poly.pdbx_strand_id                 A 
_entity_poly.pdbx_target_identifier         ? 
# 
loop_
_pdbx_entity_nonpoly.entity_id 
_pdbx_entity_nonpoly.name 
_pdbx_entity_nonpoly.comp_id 
2 
;2'-DEOXYURIDINE 5'-MONOPHOSPHATE
;
UMP 
3 water                              HOH 
# 
loop_
_entity_poly_seq.entity_id 
_entity_poly_seq.num 
_entity_poly_seq.mon_id 
_entity_poly_seq.hetero 
1 1   LYS n 
1 2   ARG n 
1 3   VAL n 
1 4   GLU n 
1 5   GLY n 
1 6   PRO n 
1 7   ALA n 
1 8   PRO n 
1 9   GLY n 
1 10  PRO n 
1 11  GLU n 
1 12  THR n 
1 13  SER n 
1 14  LEU n 
1 15  TRP n 
1 16  GLY n 
1 17  SER n 
1 18  GLN n 
1 19  LEU n 
1 20  CYS n 
1 21  SER n 
1 22  SER n 
1 23  GLN n 
1 24  GLN n 
1 25  LYS n 
1 26  GLN n 
1 27  PRO n 
1 28  ILE n 
1 29  SER n 
1 30  LYS n 
1 31  LEU n 
1 32  THR n 
1 33  ARG n 
1 34  ALA n 
1 35  THR n 
1 36  PRO n 
1 37  GLY n 
1 38  SER n 
1 39  ALA n 
1 40  GLY n 
1 41  LEU n 
1 42  ASP n 
1 43  LEU n 
1 44  CSO n 
1 45  SER n 
1 46  THR n 
1 47  SER n 
1 48  HIS n 
1 49  THR n 
1 50  VAL n 
1 51  LEU n 
1 52  THR n 
1 53  PRO n 
1 54  GLU n 
1 55  MET n 
1 56  GLY n 
1 57  PRO n 
1 58  GLN n 
1 59  ALA n 
1 60  LEU n 
1 61  SER n 
1 62  THR n 
1 63  GLY n 
1 64  ILE n 
1 65  TYR n 
1 66  GLY n 
1 67  PRO n 
1 68  LEU n 
1 69  PRO n 
1 70  PRO n 
1 71  ASN n 
1 72  THR n 
1 73  PHE n 
1 74  GLY n 
1 75  LEU n 
1 76  ILE n 
1 77  LEU n 
1 78  GLY n 
1 79  ARG n 
1 80  SER n 
1 81  SER n 
1 82  ILE n 
1 83  THR n 
1 84  MET n 
1 85  LYS n 
1 86  GLY n 
1 87  LEU n 
1 88  GLN n 
1 89  VAL n 
1 90  TYR n 
1 91  PRO n 
1 92  GLY n 
1 93  VAL n 
1 94  ILE n 
1 95  ASP n 
1 96  ASN n 
1 97  ASP n 
1 98  TYR n 
1 99  THR n 
1 100 GLY n 
1 101 GLU n 
1 102 ILE n 
1 103 LYS n 
1 104 ILE n 
1 105 MET n 
1 106 ALA n 
1 107 LYS n 
1 108 ALA n 
1 109 VAL n 
1 110 ASN n 
1 111 ASN n 
1 112 ILE n 
1 113 VAL n 
1 114 THR n 
1 115 VAL n 
1 116 SER n 
1 117 GLN n 
1 118 GLY n 
1 119 ASN n 
1 120 ARG n 
1 121 ILE n 
1 122 ALA n 
1 123 GLN n 
1 124 LEU n 
1 125 ILE n 
1 126 LEU n 
1 127 LEU n 
1 128 PRO n 
1 129 LEU n 
1 130 ILE n 
1 131 GLU n 
1 132 THR n 
1 133 ASP n 
1 134 ASN n 
1 135 LYS n 
1 136 VAL n 
1 137 GLN n 
1 138 GLN n 
1 139 PRO n 
1 140 TYR n 
1 141 ARG n 
1 142 GLY n 
1 143 GLN n 
1 144 GLY n 
1 145 SER n 
1 146 PHE n 
1 147 GLY n 
1 148 SER n 
1 149 SER n 
1 150 ASP n 
1 151 ILE n 
1 152 TYR n 
# 
_entity_src_gen.entity_id                          1 
_entity_src_gen.pdbx_src_id                        1 
_entity_src_gen.pdbx_alt_source_flag               sample 
_entity_src_gen.pdbx_seq_type                      ? 
_entity_src_gen.pdbx_beg_seq_num                   ? 
_entity_src_gen.pdbx_end_seq_num                   ? 
_entity_src_gen.gene_src_common_name               MPMV 
_entity_src_gen.gene_src_genus                     ? 
_entity_src_gen.pdbx_gene_src_gene                 GAG-PRO 
_entity_src_gen.gene_src_species                   ? 
_entity_src_gen.gene_src_strain                    ? 
_entity_src_gen.gene_src_tissue                    ? 
_entity_src_gen.gene_src_tissue_fraction           ? 
_entity_src_gen.gene_src_details                   ? 
_entity_src_gen.pdbx_gene_src_fragment             ? 
_entity_src_gen.pdbx_gene_src_scientific_name      'MASON-PFIZER MONKEY VIRUS' 
_entity_src_gen.pdbx_gene_src_ncbi_taxonomy_id     11855 
_entity_src_gen.pdbx_gene_src_variant              ? 
_entity_src_gen.pdbx_gene_src_cell_line            ? 
_entity_src_gen.pdbx_gene_src_atcc                 ? 
_entity_src_gen.pdbx_gene_src_organ                ? 
_entity_src_gen.pdbx_gene_src_organelle            ? 
_entity_src_gen.pdbx_gene_src_cell                 ? 
_entity_src_gen.pdbx_gene_src_cellular_location    ? 
_entity_src_gen.host_org_common_name               ? 
_entity_src_gen.pdbx_host_org_scientific_name      'ESCHERICHIA COLI' 
_entity_src_gen.pdbx_host_org_ncbi_taxonomy_id     469008 
_entity_src_gen.host_org_genus                     ? 
_entity_src_gen.pdbx_host_org_gene                 ? 
_entity_src_gen.pdbx_host_org_organ                ? 
_entity_src_gen.host_org_species                   ? 
_entity_src_gen.pdbx_host_org_tissue               ? 
_entity_src_gen.pdbx_host_org_tissue_fraction      ? 
_entity_src_gen.pdbx_host_org_strain               'BL21(DE3)' 
_entity_src_gen.pdbx_host_org_variant              ? 
_entity_src_gen.pdbx_host_org_cell_line            ? 
_entity_src_gen.pdbx_host_org_atcc                 ? 
_entity_src_gen.pdbx_host_org_culture_collection   ? 
_entity_src_gen.pdbx_host_org_cell                 ? 
_entity_src_gen.pdbx_host_org_organelle            ? 
_entity_src_gen.pdbx_host_org_cellular_location    ? 
_entity_src_gen.pdbx_host_org_vector_type          PLASMID 
_entity_src_gen.pdbx_host_org_vector               ? 
_entity_src_gen.host_org_details                   ? 
_entity_src_gen.expression_system_id               ? 
_entity_src_gen.plasmid_name                       PET22B 
_entity_src_gen.plasmid_details                    ? 
_entity_src_gen.pdbx_description                   ? 
# 
loop_
_chem_comp.id 
_chem_comp.type 
_chem_comp.mon_nstd_flag 
_chem_comp.name 
_chem_comp.pdbx_synonyms 
_chem_comp.formula 
_chem_comp.formula_weight 
ALA 'L-peptide linking' y ALANINE                            ?    'C3 H7 N O2'     89.093  
ARG 'L-peptide linking' y ARGININE                           ?    'C6 H15 N4 O2 1' 175.209 
ASN 'L-peptide linking' y ASPARAGINE                         ?    'C4 H8 N2 O3'    132.118 
ASP 'L-peptide linking' y 'ASPARTIC ACID'                    ?    'C4 H7 N O4'     133.103 
CSO 'L-peptide linking' n S-HYDROXYCYSTEINE                  ?    'C3 H7 N O3 S'   137.158 
CYS 'L-peptide linking' y CYSTEINE                           ?    'C3 H7 N O2 S'   121.158 
GLN 'L-peptide linking' y GLUTAMINE                          ?    'C5 H10 N2 O3'   146.144 
GLU 'L-peptide linking' y 'GLUTAMIC ACID'                    ?    'C5 H9 N O4'     147.129 
GLY 'peptide linking'   y GLYCINE                            ?    'C2 H5 N O2'     75.067  
HIS 'L-peptide linking' y HISTIDINE                          ?    'C6 H10 N3 O2 1' 156.162 
HOH non-polymer         . WATER                              ?    'H2 O'           18.015  
ILE 'L-peptide linking' y ISOLEUCINE                         ?    'C6 H13 N O2'    131.173 
LEU 'L-peptide linking' y LEUCINE                            ?    'C6 H13 N O2'    131.173 
LYS 'L-peptide linking' y LYSINE                             ?    'C6 H15 N2 O2 1' 147.195 
MET 'L-peptide linking' y METHIONINE                         ?    'C5 H11 N O2 S'  149.211 
PHE 'L-peptide linking' y PHENYLALANINE                      ?    'C9 H11 N O2'    165.189 
PRO 'L-peptide linking' y PROLINE                            ?    'C5 H9 N O2'     115.130 
SER 'L-peptide linking' y SERINE                             ?    'C3 H7 N O3'     105.093 
THR 'L-peptide linking' y THREONINE                          ?    'C4 H9 N O3'     119.119 
TRP 'L-peptide linking' y TRYPTOPHAN                         ?    'C11 H12 N2 O2'  204.225 
TYR 'L-peptide linking' y TYROSINE                           ?    'C9 H11 N O3'    181.189 
UMP non-polymer         . 
;2'-DEOXYURIDINE 5'-MONOPHOSPHATE
;
DUMP 'C9 H13 N2 O8 P' 308.182 
VAL 'L-peptide linking' y VALINE                             ?    'C5 H11 N O2'    117.146 
# 
loop_
_pdbx_poly_seq_scheme.asym_id 
_pdbx_poly_seq_scheme.entity_id 
_pdbx_poly_seq_scheme.seq_id 
_pdbx_poly_seq_scheme.mon_id 
_pdbx_poly_seq_scheme.ndb_seq_num 
_pdbx_poly_seq_scheme.pdb_seq_num 
_pdbx_poly_seq_scheme.auth_seq_num 
_pdbx_poly_seq_scheme.pdb_mon_id 
_pdbx_poly_seq_scheme.auth_mon_id 
_pdbx_poly_seq_scheme.pdb_strand_id 
_pdbx_poly_seq_scheme.pdb_ins_code 
_pdbx_poly_seq_scheme.hetero 
A 1 1   LYS 1   1   ?   ?   ?   A . n 
A 1 2   ARG 2   2   ?   ?   ?   A . n 
A 1 3   VAL 3   3   ?   ?   ?   A . n 
A 1 4   GLU 4   4   ?   ?   ?   A . n 
A 1 5   GLY 5   5   ?   ?   ?   A . n 
A 1 6   PRO 6   6   ?   ?   ?   A . n 
A 1 7   ALA 7   7   ?   ?   ?   A . n 
A 1 8   PRO 8   8   ?   ?   ?   A . n 
A 1 9   GLY 9   9   ?   ?   ?   A . n 
A 1 10  PRO 10  10  ?   ?   ?   A . n 
A 1 11  GLU 11  11  ?   ?   ?   A . n 
A 1 12  THR 12  12  ?   ?   ?   A . n 
A 1 13  SER 13  13  ?   ?   ?   A . n 
A 1 14  LEU 14  14  ?   ?   ?   A . n 
A 1 15  TRP 15  15  ?   ?   ?   A . n 
A 1 16  GLY 16  16  ?   ?   ?   A . n 
A 1 17  SER 17  17  ?   ?   ?   A . n 
A 1 18  GLN 18  18  ?   ?   ?   A . n 
A 1 19  LEU 19  19  ?   ?   ?   A . n 
A 1 20  CYS 20  20  ?   ?   ?   A . n 
A 1 21  SER 21  21  ?   ?   ?   A . n 
A 1 22  SER 22  22  ?   ?   ?   A . n 
A 1 23  GLN 23  23  ?   ?   ?   A . n 
A 1 24  GLN 24  24  ?   ?   ?   A . n 
A 1 25  LYS 25  25  25  LYS LYS A . n 
A 1 26  GLN 26  26  26  GLN GLN A . n 
A 1 27  PRO 27  27  27  PRO PRO A . n 
A 1 28  ILE 28  28  28  ILE ILE A . n 
A 1 29  SER 29  29  29  SER SER A . n 
A 1 30  LYS 30  30  30  LYS LYS A . n 
A 1 31  LEU 31  31  31  LEU LEU A . n 
A 1 32  THR 32  32  32  THR THR A . n 
A 1 33  ARG 33  33  33  ARG ARG A . n 
A 1 34  ALA 34  34  34  ALA ALA A . n 
A 1 35  THR 35  35  35  THR THR A . n 
A 1 36  PRO 36  36  36  PRO PRO A . n 
A 1 37  GLY 37  37  37  GLY GLY A . n 
A 1 38  SER 38  38  38  SER SER A . n 
A 1 39  ALA 39  39  39  ALA ALA A . n 
A 1 40  GLY 40  40  40  GLY GLY A . n 
A 1 41  LEU 41  41  41  LEU LEU A . n 
A 1 42  ASP 42  42  42  ASP ASP A . n 
A 1 43  LEU 43  43  43  LEU LEU A . n 
A 1 44  CSO 44  44  44  CSO CSO A . n 
A 1 45  SER 45  45  45  SER SER A . n 
A 1 46  THR 46  46  46  THR THR A . n 
A 1 47  SER 47  47  47  SER SER A . n 
A 1 48  HIS 48  48  48  HIS HIS A . n 
A 1 49  THR 49  49  49  THR THR A . n 
A 1 50  VAL 50  50  50  VAL VAL A . n 
A 1 51  LEU 51  51  51  LEU LEU A . n 
A 1 52  THR 52  52  52  THR THR A . n 
A 1 53  PRO 53  53  53  PRO PRO A . n 
A 1 54  GLU 54  54  54  GLU GLU A . n 
A 1 55  MET 55  55  55  MET MET A . n 
A 1 56  GLY 56  56  56  GLY GLY A . n 
A 1 57  PRO 57  57  57  PRO PRO A . n 
A 1 58  GLN 58  58  58  GLN GLN A . n 
A 1 59  ALA 59  59  59  ALA ALA A . n 
A 1 60  LEU 60  60  60  LEU LEU A . n 
A 1 61  SER 61  61  61  SER SER A . n 
A 1 62  THR 62  62  62  THR THR A . n 
A 1 63  GLY 63  63  63  GLY GLY A . n 
A 1 64  ILE 64  64  64  ILE ILE A . n 
A 1 65  TYR 65  65  65  TYR TYR A . n 
A 1 66  GLY 66  66  66  GLY GLY A . n 
A 1 67  PRO 67  67  67  PRO PRO A . n 
A 1 68  LEU 68  68  68  LEU LEU A . n 
A 1 69  PRO 69  69  69  PRO PRO A . n 
A 1 70  PRO 70  70  70  PRO PRO A . n 
A 1 71  ASN 71  71  71  ASN ASN A . n 
A 1 72  THR 72  72  72  THR THR A . n 
A 1 73  PHE 73  73  73  PHE PHE A . n 
A 1 74  GLY 74  74  74  GLY GLY A . n 
A 1 75  LEU 75  75  75  LEU LEU A . n 
A 1 76  ILE 76  76  76  ILE ILE A . n 
A 1 77  LEU 77  77  77  LEU LEU A . n 
A 1 78  GLY 78  78  78  GLY GLY A . n 
A 1 79  ARG 79  79  79  ARG ARG A . n 
A 1 80  SER 80  80  80  SER SER A . n 
A 1 81  SER 81  81  81  SER SER A . n 
A 1 82  ILE 82  82  82  ILE ILE A . n 
A 1 83  THR 83  83  83  THR THR A . n 
A 1 84  MET 84  84  84  MET MET A . n 
A 1 85  LYS 85  85  85  LYS LYS A . n 
A 1 86  GLY 86  86  86  GLY GLY A . n 
A 1 87  LEU 87  87  87  LEU LEU A . n 
A 1 88  GLN 88  88  88  GLN GLN A . n 
A 1 89  VAL 89  89  89  VAL VAL A . n 
A 1 90  TYR 90  90  90  TYR TYR A . n 
A 1 91  PRO 91  91  91  PRO PRO A . n 
A 1 92  GLY 92  92  92  GLY GLY A . n 
A 1 93  VAL 93  93  93  VAL VAL A . n 
A 1 94  ILE 94  94  94  ILE ILE A . n 
A 1 95  ASP 95  95  95  ASP ASP A . n 
A 1 96  ASN 96  96  96  ASN ASN A . n 
A 1 97  ASP 97  97  97  ASP ASP A . n 
A 1 98  TYR 98  98  98  TYR TYR A . n 
A 1 99  THR 99  99  99  THR THR A . n 
A 1 100 GLY 100 100 100 GLY GLY A . n 
A 1 101 GLU 101 101 101 GLU GLU A . n 
A 1 102 ILE 102 102 102 ILE ILE A . n 
A 1 103 LYS 103 103 103 LYS LYS A . n 
A 1 104 ILE 104 104 104 ILE ILE A . n 
A 1 105 MET 105 105 105 MET MET A . n 
A 1 106 ALA 106 106 106 ALA ALA A . n 
A 1 107 LYS 107 107 107 LYS LYS A . n 
A 1 108 ALA 108 108 108 ALA ALA A . n 
A 1 109 VAL 109 109 109 VAL VAL A . n 
A 1 110 ASN 110 110 110 ASN ASN A . n 
A 1 111 ASN 111 111 111 ASN ASN A . n 
A 1 112 ILE 112 112 112 ILE ILE A . n 
A 1 113 VAL 113 113 113 VAL VAL A . n 
A 1 114 THR 114 114 114 THR THR A . n 
A 1 115 VAL 115 115 115 VAL VAL A . n 
A 1 116 SER 116 116 116 SER SER A . n 
A 1 117 GLN 117 117 117 GLN GLN A . n 
A 1 118 GLY 118 118 118 GLY GLY A . n 
A 1 119 ASN 119 119 119 ASN ASN A . n 
A 1 120 ARG 120 120 120 ARG ARG A . n 
A 1 121 ILE 121 121 121 ILE ILE A . n 
A 1 122 ALA 122 122 122 ALA ALA A . n 
A 1 123 GLN 123 123 123 GLN GLN A . n 
A 1 124 LEU 124 124 124 LEU LEU A . n 
A 1 125 ILE 125 125 125 ILE ILE A . n 
A 1 126 LEU 126 126 126 LEU LEU A . n 
A 1 127 LEU 127 127 127 LEU LEU A . n 
A 1 128 PRO 128 128 128 PRO PRO A . n 
A 1 129 LEU 129 129 129 LEU LEU A . n 
A 1 130 ILE 130 130 130 ILE ILE A . n 
A 1 131 GLU 131 131 131 GLU GLU A . n 
A 1 132 THR 132 132 132 THR THR A . n 
A 1 133 ASP 133 133 133 ASP ASP A . n 
A 1 134 ASN 134 134 134 ASN ASN A . n 
A 1 135 LYS 135 135 135 LYS LYS A . n 
A 1 136 VAL 136 136 136 VAL VAL A . n 
A 1 137 GLN 137 137 ?   ?   ?   A . n 
A 1 138 GLN 138 138 ?   ?   ?   A . n 
A 1 139 PRO 139 139 ?   ?   ?   A . n 
A 1 140 TYR 140 140 ?   ?   ?   A . n 
A 1 141 ARG 141 141 ?   ?   ?   A . n 
A 1 142 GLY 142 142 ?   ?   ?   A . n 
A 1 143 GLN 143 143 ?   ?   ?   A . n 
A 1 144 GLY 144 144 ?   ?   ?   A . n 
A 1 145 SER 145 145 ?   ?   ?   A . n 
A 1 146 PHE 146 146 ?   ?   ?   A . n 
A 1 147 GLY 147 147 ?   ?   ?   A . n 
A 1 148 SER 148 148 ?   ?   ?   A . n 
A 1 149 SER 149 149 ?   ?   ?   A . n 
A 1 150 ASP 150 150 ?   ?   ?   A . n 
A 1 151 ILE 151 151 ?   ?   ?   A . n 
A 1 152 TYR 152 152 ?   ?   ?   A . n 
# 
loop_
_pdbx_nonpoly_scheme.asym_id 
_pdbx_nonpoly_scheme.entity_id 
_pdbx_nonpoly_scheme.mon_id 
_pdbx_nonpoly_scheme.ndb_seq_num 
_pdbx_nonpoly_scheme.pdb_seq_num 
_pdbx_nonpoly_scheme.auth_seq_num 
_pdbx_nonpoly_scheme.pdb_mon_id 
_pdbx_nonpoly_scheme.auth_mon_id 
_pdbx_nonpoly_scheme.pdb_strand_id 
_pdbx_nonpoly_scheme.pdb_ins_code 
B 2 UMP 1   777 777 UMP UMP A . 
C 3 HOH 1   153 153 HOH HOH A . 
C 3 HOH 2   154 154 HOH HOH A . 
C 3 HOH 3   155 155 HOH HOH A . 
C 3 HOH 4   156 156 HOH HOH A . 
C 3 HOH 5   157 157 HOH HOH A . 
C 3 HOH 6   158 158 HOH HOH A . 
C 3 HOH 7   159 159 HOH HOH A . 
C 3 HOH 8   160 160 HOH HOH A . 
C 3 HOH 9   161 1   HOH HOH A . 
C 3 HOH 10  162 2   HOH HOH A . 
C 3 HOH 11  163 3   HOH HOH A . 
C 3 HOH 12  164 4   HOH HOH A . 
C 3 HOH 13  165 5   HOH HOH A . 
C 3 HOH 14  166 6   HOH HOH A . 
C 3 HOH 15  167 7   HOH HOH A . 
C 3 HOH 16  168 8   HOH HOH A . 
C 3 HOH 17  169 9   HOH HOH A . 
C 3 HOH 18  170 10  HOH HOH A . 
C 3 HOH 19  171 11  HOH HOH A . 
C 3 HOH 20  172 12  HOH HOH A . 
C 3 HOH 21  173 13  HOH HOH A . 
C 3 HOH 22  174 14  HOH HOH A . 
C 3 HOH 23  175 15  HOH HOH A . 
C 3 HOH 24  176 16  HOH HOH A . 
C 3 HOH 25  177 17  HOH HOH A . 
C 3 HOH 26  178 18  HOH HOH A . 
C 3 HOH 27  179 19  HOH HOH A . 
C 3 HOH 28  180 20  HOH HOH A . 
C 3 HOH 29  181 21  HOH HOH A . 
C 3 HOH 30  182 22  HOH HOH A . 
C 3 HOH 31  183 23  HOH HOH A . 
C 3 HOH 32  184 24  HOH HOH A . 
C 3 HOH 33  185 25  HOH HOH A . 
C 3 HOH 34  186 26  HOH HOH A . 
C 3 HOH 35  187 27  HOH HOH A . 
C 3 HOH 36  188 28  HOH HOH A . 
C 3 HOH 37  189 29  HOH HOH A . 
C 3 HOH 38  190 30  HOH HOH A . 
C 3 HOH 39  191 31  HOH HOH A . 
C 3 HOH 40  192 32  HOH HOH A . 
C 3 HOH 41  193 33  HOH HOH A . 
C 3 HOH 42  194 34  HOH HOH A . 
C 3 HOH 43  195 35  HOH HOH A . 
C 3 HOH 44  196 36  HOH HOH A . 
C 3 HOH 45  197 37  HOH HOH A . 
C 3 HOH 46  198 38  HOH HOH A . 
C 3 HOH 47  199 39  HOH HOH A . 
C 3 HOH 48  200 40  HOH HOH A . 
C 3 HOH 49  201 42  HOH HOH A . 
C 3 HOH 50  202 43  HOH HOH A . 
C 3 HOH 51  203 44  HOH HOH A . 
C 3 HOH 52  204 45  HOH HOH A . 
C 3 HOH 53  205 46  HOH HOH A . 
C 3 HOH 54  206 47  HOH HOH A . 
C 3 HOH 55  207 48  HOH HOH A . 
C 3 HOH 56  208 49  HOH HOH A . 
C 3 HOH 57  209 50  HOH HOH A . 
C 3 HOH 58  210 51  HOH HOH A . 
C 3 HOH 59  211 52  HOH HOH A . 
C 3 HOH 60  212 53  HOH HOH A . 
C 3 HOH 61  213 54  HOH HOH A . 
C 3 HOH 62  214 55  HOH HOH A . 
C 3 HOH 63  215 56  HOH HOH A . 
C 3 HOH 64  216 57  HOH HOH A . 
C 3 HOH 65  217 58  HOH HOH A . 
C 3 HOH 66  218 59  HOH HOH A . 
C 3 HOH 67  219 60  HOH HOH A . 
C 3 HOH 68  220 61  HOH HOH A . 
C 3 HOH 69  221 62  HOH HOH A . 
C 3 HOH 70  222 64  HOH HOH A . 
C 3 HOH 71  223 65  HOH HOH A . 
C 3 HOH 72  224 66  HOH HOH A . 
C 3 HOH 73  225 67  HOH HOH A . 
C 3 HOH 74  226 69  HOH HOH A . 
C 3 HOH 75  227 70  HOH HOH A . 
C 3 HOH 76  228 71  HOH HOH A . 
C 3 HOH 77  229 72  HOH HOH A . 
C 3 HOH 78  230 73  HOH HOH A . 
C 3 HOH 79  231 74  HOH HOH A . 
C 3 HOH 80  232 76  HOH HOH A . 
C 3 HOH 81  233 80  HOH HOH A . 
C 3 HOH 82  234 81  HOH HOH A . 
C 3 HOH 83  235 82  HOH HOH A . 
C 3 HOH 84  236 83  HOH HOH A . 
C 3 HOH 85  237 84  HOH HOH A . 
C 3 HOH 86  238 85  HOH HOH A . 
C 3 HOH 87  239 87  HOH HOH A . 
C 3 HOH 88  240 88  HOH HOH A . 
C 3 HOH 89  241 90  HOH HOH A . 
C 3 HOH 90  242 91  HOH HOH A . 
C 3 HOH 91  243 93  HOH HOH A . 
C 3 HOH 92  244 94  HOH HOH A . 
C 3 HOH 93  245 96  HOH HOH A . 
C 3 HOH 94  246 97  HOH HOH A . 
C 3 HOH 95  247 99  HOH HOH A . 
C 3 HOH 96  248 101 HOH HOH A . 
C 3 HOH 97  249 103 HOH HOH A . 
C 3 HOH 98  250 105 HOH HOH A . 
C 3 HOH 99  251 106 HOH HOH A . 
C 3 HOH 100 252 107 HOH HOH A . 
C 3 HOH 101 253 108 HOH HOH A . 
C 3 HOH 102 254 110 HOH HOH A . 
C 3 HOH 103 255 112 HOH HOH A . 
C 3 HOH 104 256 116 HOH HOH A . 
C 3 HOH 105 257 118 HOH HOH A . 
C 3 HOH 106 258 119 HOH HOH A . 
C 3 HOH 107 259 120 HOH HOH A . 
C 3 HOH 108 260 122 HOH HOH A . 
C 3 HOH 109 261 123 HOH HOH A . 
C 3 HOH 110 262 124 HOH HOH A . 
C 3 HOH 111 263 126 HOH HOH A . 
C 3 HOH 112 264 127 HOH HOH A . 
C 3 HOH 113 265 128 HOH HOH A . 
C 3 HOH 114 266 129 HOH HOH A . 
C 3 HOH 115 267 131 HOH HOH A . 
C 3 HOH 116 268 140 HOH HOH A . 
C 3 HOH 117 269 142 HOH HOH A . 
C 3 HOH 118 270 146 HOH HOH A . 
C 3 HOH 119 271 147 HOH HOH A . 
# 
loop_
_pdbx_unobs_or_zero_occ_atoms.id 
_pdbx_unobs_or_zero_occ_atoms.PDB_model_num 
_pdbx_unobs_or_zero_occ_atoms.polymer_flag 
_pdbx_unobs_or_zero_occ_atoms.occupancy_flag 
_pdbx_unobs_or_zero_occ_atoms.auth_asym_id 
_pdbx_unobs_or_zero_occ_atoms.auth_comp_id 
_pdbx_unobs_or_zero_occ_atoms.auth_seq_id 
_pdbx_unobs_or_zero_occ_atoms.PDB_ins_code 
_pdbx_unobs_or_zero_occ_atoms.auth_atom_id 
_pdbx_unobs_or_zero_occ_atoms.label_alt_id 
_pdbx_unobs_or_zero_occ_atoms.label_asym_id 
_pdbx_unobs_or_zero_occ_atoms.label_comp_id 
_pdbx_unobs_or_zero_occ_atoms.label_seq_id 
_pdbx_unobs_or_zero_occ_atoms.label_atom_id 
1  1 Y 1 A ILE 28  ? CD1 ? A ILE 28  CD1 
2  1 Y 1 A LYS 30  ? CE  ? A LYS 30  CE  
3  1 Y 1 A LYS 30  ? NZ  ? A LYS 30  NZ  
4  1 Y 1 A THR 35  ? OG1 ? A THR 35  OG1 
5  1 Y 1 A THR 35  ? CG2 ? A THR 35  CG2 
6  1 Y 1 A LYS 85  ? CD  ? A LYS 85  CD  
7  1 Y 1 A LYS 85  ? CE  ? A LYS 85  CE  
8  1 Y 1 A LYS 85  ? NZ  ? A LYS 85  NZ  
9  1 Y 1 A GLN 117 ? OE1 ? A GLN 117 OE1 
10 1 Y 1 A GLN 117 ? NE2 ? A GLN 117 NE2 
11 1 Y 1 A ASN 119 ? CG  ? A ASN 119 CG  
12 1 Y 1 A ASN 119 ? OD1 ? A ASN 119 OD1 
13 1 Y 1 A ASN 119 ? ND2 ? A ASN 119 ND2 
14 1 Y 1 A ARG 120 ? CD  ? A ARG 120 CD  
15 1 Y 1 A ARG 120 ? NE  ? A ARG 120 NE  
16 1 Y 1 A ARG 120 ? CZ  ? A ARG 120 CZ  
17 1 Y 1 A ARG 120 ? NH1 ? A ARG 120 NH1 
18 1 Y 1 A ARG 120 ? NH2 ? A ARG 120 NH2 
19 1 Y 1 A ILE 121 ? CD1 ? A ILE 121 CD1 
20 1 Y 1 A GLU 131 ? CG  ? A GLU 131 CG  
21 1 Y 1 A GLU 131 ? CD  ? A GLU 131 CD  
22 1 Y 1 A GLU 131 ? OE1 ? A GLU 131 OE1 
23 1 Y 1 A GLU 131 ? OE2 ? A GLU 131 OE2 
24 1 Y 1 A LYS 135 ? CG  ? A LYS 135 CG  
25 1 Y 1 A LYS 135 ? CD  ? A LYS 135 CD  
26 1 Y 1 A LYS 135 ? CE  ? A LYS 135 CE  
27 1 Y 1 A LYS 135 ? NZ  ? A LYS 135 NZ  
# 
loop_
_software.name 
_software.classification 
_software.version 
_software.citation_id 
_software.pdbx_ordinal 
MAR345 'data collection' .        ? 1 
REFMAC refinement        5.2.0005 ? 2 
XDS    'data reduction'  .        ? 3 
XSCALE 'data scaling'    .        ? 4 
REFMAC phasing           5.2.0005 ? 5 
# 
_cell.entry_id           3TS6 
_cell.length_a           60.682 
_cell.length_b           60.682 
_cell.length_c           63.544 
_cell.angle_alpha        90.00 
_cell.angle_beta         90.00 
_cell.angle_gamma        120.00 
_cell.Z_PDB              6 
_cell.pdbx_unique_axis   ? 
_cell.length_a_esd       ? 
_cell.length_b_esd       ? 
_cell.length_c_esd       ? 
_cell.angle_alpha_esd    ? 
_cell.angle_beta_esd     ? 
_cell.angle_gamma_esd    ? 
# 
_symmetry.entry_id                         3TS6 
_symmetry.space_group_name_H-M             'P 63' 
_symmetry.pdbx_full_space_group_name_H-M   ? 
_symmetry.cell_setting                     ? 
_symmetry.Int_Tables_number                173 
_symmetry.space_group_name_Hall            ? 
# 
_exptl.entry_id          3TS6 
_exptl.method            'X-RAY DIFFRACTION' 
_exptl.crystals_number   1 
# 
_exptl_crystal.id                    1 
_exptl_crystal.density_meas          ? 
_exptl_crystal.density_Matthews      2.09 
_exptl_crystal.density_percent_sol   41.10 
_exptl_crystal.description           ? 
_exptl_crystal.F_000                 ? 
_exptl_crystal.preparation           ? 
# 
_exptl_crystal_grow.crystal_id      1 
_exptl_crystal_grow.method          'VAPOR DIFFUSION, HANGING DROP' 
_exptl_crystal_grow.temp            293 
_exptl_crystal_grow.temp_details    ? 
_exptl_crystal_grow.pH              8.5 
_exptl_crystal_grow.pdbx_details    'PEG 8000, AMMONIUM CHLORIDE, TRIS, PH 8.5 , VAPOR DIFFUSION, HANGING DROP, temperature 293K' 
_exptl_crystal_grow.pdbx_pH_range   ? 
# 
_diffrn.id                     1 
_diffrn.ambient_temp           100 
_diffrn.ambient_temp_details   ? 
_diffrn.crystal_id             1 
# 
_diffrn_detector.diffrn_id              1 
_diffrn_detector.detector               CCD 
_diffrn_detector.type                   'MAR CCD 165 mm' 
_diffrn_detector.pdbx_collection_date   2004-11-26 
_diffrn_detector.details                MIRRORS 
# 
_diffrn_radiation.diffrn_id                        1 
_diffrn_radiation.wavelength_id                    1 
_diffrn_radiation.pdbx_monochromatic_or_laue_m_l   M 
_diffrn_radiation.monochromator                    'SI [111], HORIZONTALLY FOCUSING' 
_diffrn_radiation.pdbx_diffrn_protocol             'SINGLE WAVELENGTH' 
_diffrn_radiation.pdbx_scattering_type             x-ray 
# 
loop_
_diffrn_radiation_wavelength.id 
_diffrn_radiation_wavelength.wavelength 
_diffrn_radiation_wavelength.wt 
1 0.8128 1.0 
2 0.8031 1.0 
# 
_diffrn_source.diffrn_id                   1 
_diffrn_source.source                      SYNCHROTRON 
_diffrn_source.type                        'EMBL/DESY, HAMBURG BEAMLINE X13' 
_diffrn_source.pdbx_synchrotron_site       'EMBL/DESY, HAMBURG' 
_diffrn_source.pdbx_synchrotron_beamline   X13 
_diffrn_source.pdbx_wavelength             0.8128 
_diffrn_source.pdbx_wavelength_list        0.8031 
# 
_reflns.entry_id                     3TS6 
_reflns.observed_criterion_sigma_I   -3.0 
_reflns.observed_criterion_sigma_F   ? 
_reflns.d_resolution_low             52.56 
_reflns.d_resolution_high            1.84 
_reflns.number_obs                   11408 
_reflns.number_all                   11408 
_reflns.percent_possible_obs         98.3 
_reflns.pdbx_Rsym_value              0.041 
_reflns.pdbx_netI_over_sigmaI        17.1 
_reflns.B_iso_Wilson_estimate        ? 
_reflns.pdbx_redundancy              2.9 
_reflns.R_free_details               ? 
_reflns.limit_h_max                  ? 
_reflns.limit_h_min                  ? 
_reflns.limit_k_max                  ? 
_reflns.limit_k_min                  ? 
_reflns.limit_l_max                  ? 
_reflns.limit_l_min                  ? 
_reflns.observed_criterion_F_max     ? 
_reflns.observed_criterion_F_min     ? 
_reflns.pdbx_chi_squared             ? 
_reflns.pdbx_scaling_rejects         ? 
_reflns.pdbx_ordinal                 1 
_reflns.pdbx_diffrn_id               1 
_reflns.pdbx_Rmerge_I_obs            ? 
# 
_reflns_shell.d_res_high             1.84 
_reflns_shell.d_res_low              1.94 
_reflns_shell.percent_possible_all   99.5 
_reflns_shell.Rmerge_I_obs           ? 
_reflns_shell.pdbx_Rsym_value        0.359 
_reflns_shell.meanI_over_sigI_obs    3.7 
_reflns_shell.pdbx_redundancy        2.8 
_reflns_shell.percent_possible_obs   ? 
_reflns_shell.number_unique_all      1679 
_reflns_shell.number_measured_all    ? 
_reflns_shell.number_measured_obs    ? 
_reflns_shell.number_unique_obs      ? 
_reflns_shell.pdbx_chi_squared       ? 
_reflns_shell.pdbx_ordinal           1 
_reflns_shell.pdbx_diffrn_id         1 
# 
_refine.entry_id                                 3TS6 
_refine.ls_number_reflns_obs                     10798 
_refine.ls_number_reflns_all                     ? 
_refine.pdbx_ls_sigma_I                          ? 
_refine.pdbx_ls_sigma_F                          ? 
_refine.pdbx_data_cutoff_high_absF               ? 
_refine.pdbx_data_cutoff_low_absF                ? 
_refine.pdbx_data_cutoff_high_rms_absF           ? 
_refine.ls_d_res_low                             20 
_refine.ls_d_res_high                            1.84 
_refine.ls_percent_reflns_obs                    98.26 
_refine.ls_R_factor_obs                          0.16885 
_refine.ls_R_factor_R_work                       0.16698 
_refine.ls_R_factor_R_free                       0.20113 
_refine.ls_R_factor_R_free_error                 ? 
_refine.ls_R_factor_R_free_error_details         ? 
_refine.ls_percent_reflns_R_free                 5.3 
_refine.ls_number_reflns_R_free                  610 
_refine.ls_number_parameters                     ? 
_refine.ls_number_restraints                     ? 
_refine.occupancy_min                            ? 
_refine.occupancy_max                            ? 
_refine.correlation_coeff_Fo_to_Fc               0.969 
_refine.correlation_coeff_Fo_to_Fc_free          0.953 
_refine.B_iso_mean                               29.492 
_refine.aniso_B[1][1]                            1.34 
_refine.aniso_B[2][2]                            1.34 
_refine.aniso_B[3][3]                            -2.01 
_refine.aniso_B[1][2]                            0.67 
_refine.aniso_B[1][3]                            0.00 
_refine.aniso_B[2][3]                            0.00 
_refine.solvent_model_details                    'BABINET MODEL WITH MASK' 
_refine.solvent_model_param_ksol                 ? 
_refine.solvent_model_param_bsol                 ? 
_refine.pdbx_solvent_vdw_probe_radii             1.20 
_refine.pdbx_solvent_ion_probe_radii             0.80 
_refine.pdbx_solvent_shrinkage_radii             0.80 
_refine.pdbx_ls_cross_valid_method               THROUGHOUT 
_refine.details                                  'HYDROGENS HAVE BEEN ADDED IN THE RIDING POSITIONS' 
_refine.pdbx_starting_model                      'PDB ENTRY 2D4L' 
_refine.pdbx_method_to_determine_struct          'RIGID BODY REFINEMENT' 
_refine.pdbx_isotropic_thermal_model             isotropic 
_refine.pdbx_stereochemistry_target_values       'MAXIMUM LIKELIHOOD' 
_refine.pdbx_stereochem_target_val_spec_case     ? 
_refine.pdbx_R_Free_selection_details            RANDOM 
_refine.pdbx_overall_ESU_R_Free                  0.114 
_refine.overall_SU_ML                            0.095 
_refine.pdbx_overall_phase_error                 ? 
_refine.overall_SU_B                             5.970 
_refine.overall_SU_R_Cruickshank_DPI             ? 
_refine.ls_redundancy_reflns_obs                 ? 
_refine.B_iso_min                                ? 
_refine.B_iso_max                                ? 
_refine.overall_SU_R_free                        ? 
_refine.ls_wR_factor_R_free                      ? 
_refine.ls_wR_factor_R_work                      ? 
_refine.overall_FOM_free_R_set                   ? 
_refine.overall_FOM_work_R_set                   ? 
_refine.pdbx_diffrn_id                           1 
_refine.pdbx_refine_id                           'X-RAY DIFFRACTION' 
_refine.ls_R_factor_all                          ? 
_refine.pdbx_overall_ESU_R                       ? 
_refine.pdbx_TLS_residual_ADP_flag               ? 
_refine.pdbx_overall_SU_R_free_Cruickshank_DPI   ? 
_refine.pdbx_overall_SU_R_Blow_DPI               ? 
_refine.pdbx_overall_SU_R_free_Blow_DPI          ? 
# 
_refine_hist.pdbx_refine_id                   'X-RAY DIFFRACTION' 
_refine_hist.cycle_id                         LAST 
_refine_hist.pdbx_number_atoms_protein        803 
_refine_hist.pdbx_number_atoms_nucleic_acid   0 
_refine_hist.pdbx_number_atoms_ligand         20 
_refine_hist.number_atoms_solvent             119 
_refine_hist.number_atoms_total               942 
_refine_hist.d_res_high                       1.84 
_refine_hist.d_res_low                        20 
# 
loop_
_refine_ls_restr.type 
_refine_ls_restr.dev_ideal 
_refine_ls_restr.dev_ideal_target 
_refine_ls_restr.weight 
_refine_ls_restr.number 
_refine_ls_restr.pdbx_restraint_function 
_refine_ls_restr.pdbx_refine_id 
r_bond_refined_d             0.019  0.022  ? 877  ? 'X-RAY DIFFRACTION' 
r_bond_other_d               ?      ?      ? ?    ? 'X-RAY DIFFRACTION' 
r_angle_refined_deg          1.994  2.037  ? 1213 ? 'X-RAY DIFFRACTION' 
r_angle_other_deg            ?      ?      ? ?    ? 'X-RAY DIFFRACTION' 
r_dihedral_angle_1_deg       11.668 5.157  ? 127  ? 'X-RAY DIFFRACTION' 
r_dihedral_angle_2_deg       42.009 26.087 ? 23   ? 'X-RAY DIFFRACTION' 
r_dihedral_angle_3_deg       15.890 15.000 ? 143  ? 'X-RAY DIFFRACTION' 
r_dihedral_angle_4_deg       16.925 15.000 ? 2    ? 'X-RAY DIFFRACTION' 
r_chiral_restr               0.121  0.200  ? 156  ? 'X-RAY DIFFRACTION' 
r_gen_planes_refined         0.009  0.020  ? 628  ? 'X-RAY DIFFRACTION' 
r_gen_planes_other           ?      ?      ? ?    ? 'X-RAY DIFFRACTION' 
r_nbd_refined                0.228  0.200  ? 416  ? 'X-RAY DIFFRACTION' 
r_nbd_other                  ?      ?      ? ?    ? 'X-RAY DIFFRACTION' 
r_nbtor_refined              0.328  0.200  ? 620  ? 'X-RAY DIFFRACTION' 
r_nbtor_other                ?      ?      ? ?    ? 'X-RAY DIFFRACTION' 
r_xyhbond_nbd_refined        0.193  0.200  ? 105  ? 'X-RAY DIFFRACTION' 
r_xyhbond_nbd_other          ?      ?      ? ?    ? 'X-RAY DIFFRACTION' 
r_metal_ion_refined          ?      ?      ? ?    ? 'X-RAY DIFFRACTION' 
r_metal_ion_other            ?      ?      ? ?    ? 'X-RAY DIFFRACTION' 
r_symmetry_vdw_refined       0.199  0.200  ? 82   ? 'X-RAY DIFFRACTION' 
r_symmetry_vdw_other         ?      ?      ? ?    ? 'X-RAY DIFFRACTION' 
r_symmetry_hbond_refined     0.234  0.200  ? 28   ? 'X-RAY DIFFRACTION' 
r_symmetry_hbond_other       ?      ?      ? ?    ? 'X-RAY DIFFRACTION' 
r_symmetry_metal_ion_refined ?      ?      ? ?    ? 'X-RAY DIFFRACTION' 
r_symmetry_metal_ion_other   ?      ?      ? ?    ? 'X-RAY DIFFRACTION' 
r_mcbond_it                  1.974  2.000  ? 583  ? 'X-RAY DIFFRACTION' 
r_mcbond_other               ?      ?      ? ?    ? 'X-RAY DIFFRACTION' 
r_mcangle_it                 3.208  4.000  ? 951  ? 'X-RAY DIFFRACTION' 
r_scbond_it                  5.302  6.000  ? 314  ? 'X-RAY DIFFRACTION' 
r_scangle_it                 7.581  10.000 ? 255  ? 'X-RAY DIFFRACTION' 
r_rigid_bond_restr           ?      ?      ? ?    ? 'X-RAY DIFFRACTION' 
r_sphericity_free            ?      ?      ? ?    ? 'X-RAY DIFFRACTION' 
r_sphericity_bonded          ?      ?      ? ?    ? 'X-RAY DIFFRACTION' 
# 
_refine_ls_shell.pdbx_total_number_of_bins_used   20 
_refine_ls_shell.d_res_high                       1.840 
_refine_ls_shell.d_res_low                        1.888 
_refine_ls_shell.number_reflns_R_work             803 
_refine_ls_shell.R_factor_R_work                  0.248 
_refine_ls_shell.percent_reflns_obs               99.41 
_refine_ls_shell.R_factor_R_free                  0.296 
_refine_ls_shell.R_factor_R_free_error            ? 
_refine_ls_shell.percent_reflns_R_free            ? 
_refine_ls_shell.number_reflns_R_free             39 
_refine_ls_shell.number_reflns_all                ? 
_refine_ls_shell.R_factor_all                     ? 
_refine_ls_shell.number_reflns_obs                ? 
_refine_ls_shell.redundancy_reflns_obs            ? 
_refine_ls_shell.pdbx_refine_id                   'X-RAY DIFFRACTION' 
# 
_struct.entry_id                  3TS6 
_struct.title                     'Crystal structure of M-PMV DUTPASE relaxed end-product (dUMP) complex' 
_struct.pdbx_model_details        ? 
_struct.pdbx_CASP_flag            ? 
_struct.pdbx_model_type_details   ? 
# 
_struct_keywords.entry_id        3TS6 
_struct_keywords.pdbx_keywords   HYDROLASE 
_struct_keywords.text            'JELLY ROLL, HYDROLASE' 
# 
loop_
_struct_asym.id 
_struct_asym.pdbx_blank_PDB_chainid_flag 
_struct_asym.pdbx_modified 
_struct_asym.entity_id 
_struct_asym.details 
A N N 1 ? 
B N N 2 ? 
C N N 3 ? 
# 
_struct_ref.id                         1 
_struct_ref.db_name                    UNP 
_struct_ref.db_code                    O92810_MPMV 
_struct_ref.pdbx_db_accession          O92810 
_struct_ref.entity_id                  1 
_struct_ref.pdbx_seq_one_letter_code   
;NRVEGPAPGPETSLWGSQLCSSQQKQPISKLTRATPGSAGLDLCSTSHTVLTPEMGPQALSTGIYGPLPPNTFGLILGRS
SITMKGLQVYPGVIDNDYTGEIKIMAKAVNNIVTVSQGNRIAQLILLPLIETDNKVQQPYRGQGSFGSSDIY
;
_struct_ref.pdbx_align_begin           608 
_struct_ref.pdbx_db_isoform            ? 
# 
_struct_ref_seq.align_id                      1 
_struct_ref_seq.ref_id                        1 
_struct_ref_seq.pdbx_PDB_id_code              3TS6 
_struct_ref_seq.pdbx_strand_id                A 
_struct_ref_seq.seq_align_beg                 1 
_struct_ref_seq.pdbx_seq_align_beg_ins_code   ? 
_struct_ref_seq.seq_align_end                 152 
_struct_ref_seq.pdbx_seq_align_end_ins_code   ? 
_struct_ref_seq.pdbx_db_accession             O92810 
_struct_ref_seq.db_align_beg                  608 
_struct_ref_seq.pdbx_db_align_beg_ins_code    ? 
_struct_ref_seq.db_align_end                  759 
_struct_ref_seq.pdbx_db_align_end_ins_code    ? 
_struct_ref_seq.pdbx_auth_seq_align_beg       1 
_struct_ref_seq.pdbx_auth_seq_align_end       152 
# 
_struct_ref_seq_dif.align_id                     1 
_struct_ref_seq_dif.pdbx_pdb_id_code             3TS6 
_struct_ref_seq_dif.mon_id                       LYS 
_struct_ref_seq_dif.pdbx_pdb_strand_id           A 
_struct_ref_seq_dif.seq_num                      1 
_struct_ref_seq_dif.pdbx_pdb_ins_code            ? 
_struct_ref_seq_dif.pdbx_seq_db_name             UNP 
_struct_ref_seq_dif.pdbx_seq_db_accession_code   O92810 
_struct_ref_seq_dif.db_mon_id                    ASN 
_struct_ref_seq_dif.pdbx_seq_db_seq_num          608 
_struct_ref_seq_dif.details                      'engineered mutation' 
_struct_ref_seq_dif.pdbx_auth_seq_num            1 
_struct_ref_seq_dif.pdbx_ordinal                 1 
# 
_pdbx_struct_assembly.id                   1 
_pdbx_struct_assembly.details              author_and_software_defined_assembly 
_pdbx_struct_assembly.method_details       PISA 
_pdbx_struct_assembly.oligomeric_details   trimeric 
_pdbx_struct_assembly.oligomeric_count     3 
# 
loop_
_pdbx_struct_assembly_prop.biol_id 
_pdbx_struct_assembly_prop.type 
_pdbx_struct_assembly_prop.value 
_pdbx_struct_assembly_prop.details 
1 'ABSA (A^2)' 8300  ? 
1 MORE         -61   ? 
1 'SSA (A^2)'  12750 ? 
# 
_pdbx_struct_assembly_gen.assembly_id       1 
_pdbx_struct_assembly_gen.oper_expression   1,2,3 
_pdbx_struct_assembly_gen.asym_id_list      A,B,C 
# 
loop_
_pdbx_struct_oper_list.id 
_pdbx_struct_oper_list.type 
_pdbx_struct_oper_list.name 
_pdbx_struct_oper_list.symmetry_operation 
_pdbx_struct_oper_list.matrix[1][1] 
_pdbx_struct_oper_list.matrix[1][2] 
_pdbx_struct_oper_list.matrix[1][3] 
_pdbx_struct_oper_list.vector[1] 
_pdbx_struct_oper_list.matrix[2][1] 
_pdbx_struct_oper_list.matrix[2][2] 
_pdbx_struct_oper_list.matrix[2][3] 
_pdbx_struct_oper_list.vector[2] 
_pdbx_struct_oper_list.matrix[3][1] 
_pdbx_struct_oper_list.matrix[3][2] 
_pdbx_struct_oper_list.matrix[3][3] 
_pdbx_struct_oper_list.vector[3] 
1 'identity operation'         1_555 x,y,z        1.0000000000 0.0000000000  0.0000000000  0.0000000000   0.0000000000  1.0000000000  0.0000000000  0.0000000000  0.0000000000  0.0000000000  1.0000000000  0.0000000000   
2 'crystal symmetry operation' 2_775 -y+2,x-y+2,z 0.5769734414 0.0946402284  -0.8112612866 -10.4031397467 -0.7203856322 -0.4091070180 -0.5600678430 -5.3052138516 -0.3848976344 0.9075652456  -0.1678664233 -15.9578270990 
3 'crystal symmetry operation' 3_575 -x+y,-x+2,z  0.5769734414 -0.7203856322 -0.3848976344 -3.9615943945  0.0946402284  -0.4091070180 0.9075652456  13.2969245712 -0.8112612866 -0.5600678430 -0.1678664233 -14.0897275738 
# 
_struct_biol.id        1 
_struct_biol.details   ? 
# 
loop_
_struct_conf.conf_type_id 
_struct_conf.id 
_struct_conf.pdbx_PDB_helix_id 
_struct_conf.beg_label_comp_id 
_struct_conf.beg_label_asym_id 
_struct_conf.beg_label_seq_id 
_struct_conf.pdbx_beg_PDB_ins_code 
_struct_conf.end_label_comp_id 
_struct_conf.end_label_asym_id 
_struct_conf.end_label_seq_id 
_struct_conf.pdbx_end_PDB_ins_code 
_struct_conf.beg_auth_comp_id 
_struct_conf.beg_auth_asym_id 
_struct_conf.beg_auth_seq_id 
_struct_conf.end_auth_comp_id 
_struct_conf.end_auth_asym_id 
_struct_conf.end_auth_seq_id 
_struct_conf.pdbx_PDB_helix_class 
_struct_conf.details 
_struct_conf.pdbx_PDB_helix_length 
HELX_P HELX_P1 1 SER A 29 ? LEU A 31 ? SER A 29 LEU A 31 5 ? 3 
HELX_P HELX_P2 2 THR A 52 ? GLY A 56 ? THR A 52 GLY A 56 5 ? 5 
HELX_P HELX_P3 3 ARG A 79 ? LYS A 85 ? ARG A 79 LYS A 85 1 ? 7 
# 
_struct_conf_type.id          HELX_P 
_struct_conf_type.criteria    ? 
_struct_conf_type.reference   ? 
# 
loop_
_struct_conn.id 
_struct_conn.conn_type_id 
_struct_conn.pdbx_leaving_atom_flag 
_struct_conn.pdbx_PDB_id 
_struct_conn.ptnr1_label_asym_id 
_struct_conn.ptnr1_label_comp_id 
_struct_conn.ptnr1_label_seq_id 
_struct_conn.ptnr1_label_atom_id 
_struct_conn.pdbx_ptnr1_label_alt_id 
_struct_conn.pdbx_ptnr1_PDB_ins_code 
_struct_conn.pdbx_ptnr1_standard_comp_id 
_struct_conn.ptnr1_symmetry 
_struct_conn.ptnr2_label_asym_id 
_struct_conn.ptnr2_label_comp_id 
_struct_conn.ptnr2_label_seq_id 
_struct_conn.ptnr2_label_atom_id 
_struct_conn.pdbx_ptnr2_label_alt_id 
_struct_conn.pdbx_ptnr2_PDB_ins_code 
_struct_conn.ptnr1_auth_asym_id 
_struct_conn.ptnr1_auth_comp_id 
_struct_conn.ptnr1_auth_seq_id 
_struct_conn.ptnr2_auth_asym_id 
_struct_conn.ptnr2_auth_comp_id 
_struct_conn.ptnr2_auth_seq_id 
_struct_conn.ptnr2_symmetry 
_struct_conn.pdbx_ptnr3_label_atom_id 
_struct_conn.pdbx_ptnr3_label_seq_id 
_struct_conn.pdbx_ptnr3_label_comp_id 
_struct_conn.pdbx_ptnr3_label_asym_id 
_struct_conn.pdbx_ptnr3_label_alt_id 
_struct_conn.pdbx_ptnr3_PDB_ins_code 
_struct_conn.details 
_struct_conn.pdbx_dist_value 
_struct_conn.pdbx_value_order 
_struct_conn.pdbx_role 
covale1 covale both ? A LEU 43 C ? ? ? 1_555 A CSO 44 N ? ? A LEU 43 A CSO 44 1_555 ? ? ? ? ? ? ? 1.336 ? ? 
covale2 covale both ? A CSO 44 C ? ? ? 1_555 A SER 45 N ? ? A CSO 44 A SER 45 1_555 ? ? ? ? ? ? ? 1.352 ? ? 
# 
_struct_conn_type.id          covale 
_struct_conn_type.criteria    ? 
_struct_conn_type.reference   ? 
# 
_pdbx_modification_feature.ordinal                            1 
_pdbx_modification_feature.label_comp_id                      CSO 
_pdbx_modification_feature.label_asym_id                      A 
_pdbx_modification_feature.label_seq_id                       44 
_pdbx_modification_feature.label_alt_id                       ? 
_pdbx_modification_feature.modified_residue_label_comp_id     . 
_pdbx_modification_feature.modified_residue_label_asym_id     . 
_pdbx_modification_feature.modified_residue_label_seq_id      . 
_pdbx_modification_feature.modified_residue_label_alt_id      . 
_pdbx_modification_feature.auth_comp_id                       CSO 
_pdbx_modification_feature.auth_asym_id                       A 
_pdbx_modification_feature.auth_seq_id                        44 
_pdbx_modification_feature.PDB_ins_code                       ? 
_pdbx_modification_feature.symmetry                           1_555 
_pdbx_modification_feature.modified_residue_auth_comp_id      . 
_pdbx_modification_feature.modified_residue_auth_asym_id      . 
_pdbx_modification_feature.modified_residue_auth_seq_id       . 
_pdbx_modification_feature.modified_residue_PDB_ins_code      . 
_pdbx_modification_feature.modified_residue_symmetry          . 
_pdbx_modification_feature.comp_id_linking_atom               . 
_pdbx_modification_feature.modified_residue_id_linking_atom   . 
_pdbx_modification_feature.modified_residue_id                CYS 
_pdbx_modification_feature.ref_pcm_id                         1 
_pdbx_modification_feature.ref_comp_id                        CSO 
_pdbx_modification_feature.type                               Hydroxylation 
_pdbx_modification_feature.category                           'Named protein modification' 
# 
_struct_mon_prot_cis.pdbx_id                1 
_struct_mon_prot_cis.label_comp_id          GLY 
_struct_mon_prot_cis.label_seq_id           66 
_struct_mon_prot_cis.label_asym_id          A 
_struct_mon_prot_cis.label_alt_id           . 
_struct_mon_prot_cis.pdbx_PDB_ins_code      ? 
_struct_mon_prot_cis.auth_comp_id           GLY 
_struct_mon_prot_cis.auth_seq_id            66 
_struct_mon_prot_cis.auth_asym_id           A 
_struct_mon_prot_cis.pdbx_label_comp_id_2   PRO 
_struct_mon_prot_cis.pdbx_label_seq_id_2    67 
_struct_mon_prot_cis.pdbx_label_asym_id_2   A 
_struct_mon_prot_cis.pdbx_PDB_ins_code_2    ? 
_struct_mon_prot_cis.pdbx_auth_comp_id_2    PRO 
_struct_mon_prot_cis.pdbx_auth_seq_id_2     67 
_struct_mon_prot_cis.pdbx_auth_asym_id_2    A 
_struct_mon_prot_cis.pdbx_PDB_model_num     1 
_struct_mon_prot_cis.pdbx_omega_angle       8.87 
# 
loop_
_struct_sheet.id 
_struct_sheet.type 
_struct_sheet.number_strands 
_struct_sheet.details 
A ? 4 ? 
B ? 4 ? 
C ? 2 ? 
# 
loop_
_struct_sheet_order.sheet_id 
_struct_sheet_order.range_id_1 
_struct_sheet_order.range_id_2 
_struct_sheet_order.offset 
_struct_sheet_order.sense 
A 1 2 ? parallel      
A 2 3 ? anti-parallel 
A 3 4 ? anti-parallel 
B 1 2 ? anti-parallel 
B 2 3 ? anti-parallel 
B 3 4 ? anti-parallel 
C 1 2 ? anti-parallel 
# 
loop_
_struct_sheet_range.sheet_id 
_struct_sheet_range.id 
_struct_sheet_range.beg_label_comp_id 
_struct_sheet_range.beg_label_asym_id 
_struct_sheet_range.beg_label_seq_id 
_struct_sheet_range.pdbx_beg_PDB_ins_code 
_struct_sheet_range.end_label_comp_id 
_struct_sheet_range.end_label_asym_id 
_struct_sheet_range.end_label_seq_id 
_struct_sheet_range.pdbx_end_PDB_ins_code 
_struct_sheet_range.beg_auth_comp_id 
_struct_sheet_range.beg_auth_asym_id 
_struct_sheet_range.beg_auth_seq_id 
_struct_sheet_range.end_auth_comp_id 
_struct_sheet_range.end_auth_asym_id 
_struct_sheet_range.end_auth_seq_id 
A 1 GLN A 26  ? PRO A 27  ? GLN A 26  PRO A 27  
A 2 GLN A 58  ? TYR A 65  ? GLN A 58  TYR A 65  
A 3 GLU A 101 ? ALA A 108 ? GLU A 101 ALA A 108 
A 4 LEU A 87  ? VAL A 89  ? LEU A 87  VAL A 89  
B 1 LEU A 41  ? CSO A 44  ? LEU A 41  CSO A 44  
B 2 ARG A 120 ? PRO A 128 ? ARG A 120 PRO A 128 
B 3 THR A 72  ? GLY A 78  ? THR A 72  GLY A 78  
B 4 GLY A 92  ? ILE A 94  ? GLY A 92  ILE A 94  
C 1 THR A 49  ? LEU A 51  ? THR A 49  LEU A 51  
C 2 VAL A 113 ? VAL A 115 ? VAL A 113 VAL A 115 
# 
loop_
_pdbx_struct_sheet_hbond.sheet_id 
_pdbx_struct_sheet_hbond.range_id_1 
_pdbx_struct_sheet_hbond.range_id_2 
_pdbx_struct_sheet_hbond.range_1_label_atom_id 
_pdbx_struct_sheet_hbond.range_1_label_comp_id 
_pdbx_struct_sheet_hbond.range_1_label_asym_id 
_pdbx_struct_sheet_hbond.range_1_label_seq_id 
_pdbx_struct_sheet_hbond.range_1_PDB_ins_code 
_pdbx_struct_sheet_hbond.range_1_auth_atom_id 
_pdbx_struct_sheet_hbond.range_1_auth_comp_id 
_pdbx_struct_sheet_hbond.range_1_auth_asym_id 
_pdbx_struct_sheet_hbond.range_1_auth_seq_id 
_pdbx_struct_sheet_hbond.range_2_label_atom_id 
_pdbx_struct_sheet_hbond.range_2_label_comp_id 
_pdbx_struct_sheet_hbond.range_2_label_asym_id 
_pdbx_struct_sheet_hbond.range_2_label_seq_id 
_pdbx_struct_sheet_hbond.range_2_PDB_ins_code 
_pdbx_struct_sheet_hbond.range_2_auth_atom_id 
_pdbx_struct_sheet_hbond.range_2_auth_comp_id 
_pdbx_struct_sheet_hbond.range_2_auth_asym_id 
_pdbx_struct_sheet_hbond.range_2_auth_seq_id 
A 1 2 N GLN A 26  ? N GLN A 26  O TYR A 65  ? O TYR A 65  
A 2 3 N ILE A 64  ? N ILE A 64  O ILE A 102 ? O ILE A 102 
A 3 4 O LYS A 107 ? O LYS A 107 N GLN A 88  ? N GLN A 88  
B 1 2 N LEU A 41  ? N LEU A 41  O LEU A 124 ? O LEU A 124 
B 2 3 O ILE A 125 ? O ILE A 125 N LEU A 75  ? N LEU A 75  
B 3 4 N GLY A 74  ? N GLY A 74  O ILE A 94  ? O ILE A 94  
C 1 2 N THR A 49  ? N THR A 49  O VAL A 115 ? O VAL A 115 
# 
_struct_site.id                   AC1 
_struct_site.pdbx_evidence_code   Software 
_struct_site.pdbx_auth_asym_id    A 
_struct_site.pdbx_auth_comp_id    UMP 
_struct_site.pdbx_auth_seq_id     777 
_struct_site.pdbx_auth_ins_code   ? 
_struct_site.pdbx_num_residues    18 
_struct_site.details              'BINDING SITE FOR RESIDUE UMP A 777' 
# 
loop_
_struct_site_gen.id 
_struct_site_gen.site_id 
_struct_site_gen.pdbx_num_res 
_struct_site_gen.label_comp_id 
_struct_site_gen.label_asym_id 
_struct_site_gen.label_seq_id 
_struct_site_gen.pdbx_auth_ins_code 
_struct_site_gen.auth_comp_id 
_struct_site_gen.auth_asym_id 
_struct_site_gen.auth_seq_id 
_struct_site_gen.label_atom_id 
_struct_site_gen.label_alt_id 
_struct_site_gen.symmetry 
_struct_site_gen.details 
1  AC1 18 ILE A 76  ? ILE A 76  . ? 1_555 ? 
2  AC1 18 ARG A 79  ? ARG A 79  . ? 3_575 ? 
3  AC1 18 SER A 80  ? SER A 80  . ? 3_575 ? 
4  AC1 18 SER A 81  ? SER A 81  . ? 3_575 ? 
5  AC1 18 GLY A 92  ? GLY A 92  . ? 1_555 ? 
6  AC1 18 VAL A 93  ? VAL A 93  . ? 1_555 ? 
7  AC1 18 ILE A 94  ? ILE A 94  . ? 1_555 ? 
8  AC1 18 ASP A 95  ? ASP A 95  . ? 1_555 ? 
9  AC1 18 TYR A 98  ? TYR A 98  . ? 1_555 ? 
10 AC1 18 GLU A 101 ? GLU A 101 . ? 1_555 ? 
11 AC1 18 ILE A 102 ? ILE A 102 . ? 1_555 ? 
12 AC1 18 LYS A 103 ? LYS A 103 . ? 1_555 ? 
13 AC1 18 MET A 105 ? MET A 105 . ? 1_555 ? 
14 AC1 18 HOH C .   ? HOH A 161 . ? 1_555 ? 
15 AC1 18 HOH C .   ? HOH A 216 . ? 3_575 ? 
16 AC1 18 HOH C .   ? HOH A 244 . ? 3_575 ? 
17 AC1 18 HOH C .   ? HOH A 249 . ? 1_555 ? 
18 AC1 18 HOH C .   ? HOH A 271 . ? 1_555 ? 
# 
_pdbx_entry_details.entry_id                   3TS6 
_pdbx_entry_details.compound_details           ? 
_pdbx_entry_details.source_details             ? 
_pdbx_entry_details.nonpolymer_details         ? 
_pdbx_entry_details.sequence_details           ? 
_pdbx_entry_details.has_ligand_of_interest     ? 
_pdbx_entry_details.has_protein_modification   Y 
# 
_pdbx_validate_close_contact.id               1 
_pdbx_validate_close_contact.PDB_model_num    1 
_pdbx_validate_close_contact.auth_atom_id_1   OG 
_pdbx_validate_close_contact.auth_asym_id_1   A 
_pdbx_validate_close_contact.auth_comp_id_1   SER 
_pdbx_validate_close_contact.auth_seq_id_1    81 
_pdbx_validate_close_contact.PDB_ins_code_1   ? 
_pdbx_validate_close_contact.label_alt_id_1   ? 
_pdbx_validate_close_contact.auth_atom_id_2   O 
_pdbx_validate_close_contact.auth_asym_id_2   A 
_pdbx_validate_close_contact.auth_comp_id_2   HOH 
_pdbx_validate_close_contact.auth_seq_id_2    216 
_pdbx_validate_close_contact.PDB_ins_code_2   ? 
_pdbx_validate_close_contact.label_alt_id_2   ? 
_pdbx_validate_close_contact.dist             2.16 
# 
_pdbx_struct_mod_residue.id               1 
_pdbx_struct_mod_residue.label_asym_id    A 
_pdbx_struct_mod_residue.label_comp_id    CSO 
_pdbx_struct_mod_residue.label_seq_id     44 
_pdbx_struct_mod_residue.auth_asym_id     A 
_pdbx_struct_mod_residue.auth_comp_id     CSO 
_pdbx_struct_mod_residue.auth_seq_id      44 
_pdbx_struct_mod_residue.PDB_ins_code     ? 
_pdbx_struct_mod_residue.parent_comp_id   CYS 
_pdbx_struct_mod_residue.details          S-HYDROXYCYSTEINE 
# 
_pdbx_struct_special_symmetry.id              1 
_pdbx_struct_special_symmetry.PDB_model_num   1 
_pdbx_struct_special_symmetry.auth_asym_id    A 
_pdbx_struct_special_symmetry.auth_comp_id    HOH 
_pdbx_struct_special_symmetry.auth_seq_id     168 
_pdbx_struct_special_symmetry.PDB_ins_code    ? 
_pdbx_struct_special_symmetry.label_asym_id   C 
_pdbx_struct_special_symmetry.label_comp_id   HOH 
_pdbx_struct_special_symmetry.label_seq_id    . 
# 
loop_
_pdbx_unobs_or_zero_occ_residues.id 
_pdbx_unobs_or_zero_occ_residues.PDB_model_num 
_pdbx_unobs_or_zero_occ_residues.polymer_flag 
_pdbx_unobs_or_zero_occ_residues.occupancy_flag 
_pdbx_unobs_or_zero_occ_residues.auth_asym_id 
_pdbx_unobs_or_zero_occ_residues.auth_comp_id 
_pdbx_unobs_or_zero_occ_residues.auth_seq_id 
_pdbx_unobs_or_zero_occ_residues.PDB_ins_code 
_pdbx_unobs_or_zero_occ_residues.label_asym_id 
_pdbx_unobs_or_zero_occ_residues.label_comp_id 
_pdbx_unobs_or_zero_occ_residues.label_seq_id 
1  1 Y 1 A LYS 1   ? A LYS 1   
2  1 Y 1 A ARG 2   ? A ARG 2   
3  1 Y 1 A VAL 3   ? A VAL 3   
4  1 Y 1 A GLU 4   ? A GLU 4   
5  1 Y 1 A GLY 5   ? A GLY 5   
6  1 Y 1 A PRO 6   ? A PRO 6   
7  1 Y 1 A ALA 7   ? A ALA 7   
8  1 Y 1 A PRO 8   ? A PRO 8   
9  1 Y 1 A GLY 9   ? A GLY 9   
10 1 Y 1 A PRO 10  ? A PRO 10  
11 1 Y 1 A GLU 11  ? A GLU 11  
12 1 Y 1 A THR 12  ? A THR 12  
13 1 Y 1 A SER 13  ? A SER 13  
14 1 Y 1 A LEU 14  ? A LEU 14  
15 1 Y 1 A TRP 15  ? A TRP 15  
16 1 Y 1 A GLY 16  ? A GLY 16  
17 1 Y 1 A SER 17  ? A SER 17  
18 1 Y 1 A GLN 18  ? A GLN 18  
19 1 Y 1 A LEU 19  ? A LEU 19  
20 1 Y 1 A CYS 20  ? A CYS 20  
21 1 Y 1 A SER 21  ? A SER 21  
22 1 Y 1 A SER 22  ? A SER 22  
23 1 Y 1 A GLN 23  ? A GLN 23  
24 1 Y 1 A GLN 24  ? A GLN 24  
25 1 Y 1 A GLN 137 ? A GLN 137 
26 1 Y 1 A GLN 138 ? A GLN 138 
27 1 Y 1 A PRO 139 ? A PRO 139 
28 1 Y 1 A TYR 140 ? A TYR 140 
29 1 Y 1 A ARG 141 ? A ARG 141 
30 1 Y 1 A GLY 142 ? A GLY 142 
31 1 Y 1 A GLN 143 ? A GLN 143 
32 1 Y 1 A GLY 144 ? A GLY 144 
33 1 Y 1 A SER 145 ? A SER 145 
34 1 Y 1 A PHE 146 ? A PHE 146 
35 1 Y 1 A GLY 147 ? A GLY 147 
36 1 Y 1 A SER 148 ? A SER 148 
37 1 Y 1 A SER 149 ? A SER 149 
38 1 Y 1 A ASP 150 ? A ASP 150 
39 1 Y 1 A ILE 151 ? A ILE 151 
40 1 Y 1 A TYR 152 ? A TYR 152 
# 
loop_
_chem_comp_atom.comp_id 
_chem_comp_atom.atom_id 
_chem_comp_atom.type_symbol 
_chem_comp_atom.pdbx_aromatic_flag 
_chem_comp_atom.pdbx_stereo_config 
_chem_comp_atom.pdbx_ordinal 
ALA N      N N N 1   
ALA CA     C N S 2   
ALA C      C N N 3   
ALA O      O N N 4   
ALA CB     C N N 5   
ALA OXT    O N N 6   
ALA H      H N N 7   
ALA H2     H N N 8   
ALA HA     H N N 9   
ALA HB1    H N N 10  
ALA HB2    H N N 11  
ALA HB3    H N N 12  
ALA HXT    H N N 13  
ARG N      N N N 14  
ARG CA     C N S 15  
ARG C      C N N 16  
ARG O      O N N 17  
ARG CB     C N N 18  
ARG CG     C N N 19  
ARG CD     C N N 20  
ARG NE     N N N 21  
ARG CZ     C N N 22  
ARG NH1    N N N 23  
ARG NH2    N N N 24  
ARG OXT    O N N 25  
ARG H      H N N 26  
ARG H2     H N N 27  
ARG HA     H N N 28  
ARG HB2    H N N 29  
ARG HB3    H N N 30  
ARG HG2    H N N 31  
ARG HG3    H N N 32  
ARG HD2    H N N 33  
ARG HD3    H N N 34  
ARG HE     H N N 35  
ARG HH11   H N N 36  
ARG HH12   H N N 37  
ARG HH21   H N N 38  
ARG HH22   H N N 39  
ARG HXT    H N N 40  
ASN N      N N N 41  
ASN CA     C N S 42  
ASN C      C N N 43  
ASN O      O N N 44  
ASN CB     C N N 45  
ASN CG     C N N 46  
ASN OD1    O N N 47  
ASN ND2    N N N 48  
ASN OXT    O N N 49  
ASN H      H N N 50  
ASN H2     H N N 51  
ASN HA     H N N 52  
ASN HB2    H N N 53  
ASN HB3    H N N 54  
ASN HD21   H N N 55  
ASN HD22   H N N 56  
ASN HXT    H N N 57  
ASP N      N N N 58  
ASP CA     C N S 59  
ASP C      C N N 60  
ASP O      O N N 61  
ASP CB     C N N 62  
ASP CG     C N N 63  
ASP OD1    O N N 64  
ASP OD2    O N N 65  
ASP OXT    O N N 66  
ASP H      H N N 67  
ASP H2     H N N 68  
ASP HA     H N N 69  
ASP HB2    H N N 70  
ASP HB3    H N N 71  
ASP HD2    H N N 72  
ASP HXT    H N N 73  
CSO N      N N N 74  
CSO CA     C N R 75  
CSO CB     C N N 76  
CSO SG     S N N 77  
CSO C      C N N 78  
CSO O      O N N 79  
CSO OXT    O N N 80  
CSO OD     O N N 81  
CSO H      H N N 82  
CSO H2     H N N 83  
CSO HA     H N N 84  
CSO HB2    H N N 85  
CSO HB3    H N N 86  
CSO HXT    H N N 87  
CSO HD     H N N 88  
CYS N      N N N 89  
CYS CA     C N R 90  
CYS C      C N N 91  
CYS O      O N N 92  
CYS CB     C N N 93  
CYS SG     S N N 94  
CYS OXT    O N N 95  
CYS H      H N N 96  
CYS H2     H N N 97  
CYS HA     H N N 98  
CYS HB2    H N N 99  
CYS HB3    H N N 100 
CYS HG     H N N 101 
CYS HXT    H N N 102 
GLN N      N N N 103 
GLN CA     C N S 104 
GLN C      C N N 105 
GLN O      O N N 106 
GLN CB     C N N 107 
GLN CG     C N N 108 
GLN CD     C N N 109 
GLN OE1    O N N 110 
GLN NE2    N N N 111 
GLN OXT    O N N 112 
GLN H      H N N 113 
GLN H2     H N N 114 
GLN HA     H N N 115 
GLN HB2    H N N 116 
GLN HB3    H N N 117 
GLN HG2    H N N 118 
GLN HG3    H N N 119 
GLN HE21   H N N 120 
GLN HE22   H N N 121 
GLN HXT    H N N 122 
GLU N      N N N 123 
GLU CA     C N S 124 
GLU C      C N N 125 
GLU O      O N N 126 
GLU CB     C N N 127 
GLU CG     C N N 128 
GLU CD     C N N 129 
GLU OE1    O N N 130 
GLU OE2    O N N 131 
GLU OXT    O N N 132 
GLU H      H N N 133 
GLU H2     H N N 134 
GLU HA     H N N 135 
GLU HB2    H N N 136 
GLU HB3    H N N 137 
GLU HG2    H N N 138 
GLU HG3    H N N 139 
GLU HE2    H N N 140 
GLU HXT    H N N 141 
GLY N      N N N 142 
GLY CA     C N N 143 
GLY C      C N N 144 
GLY O      O N N 145 
GLY OXT    O N N 146 
GLY H      H N N 147 
GLY H2     H N N 148 
GLY HA2    H N N 149 
GLY HA3    H N N 150 
GLY HXT    H N N 151 
HIS N      N N N 152 
HIS CA     C N S 153 
HIS C      C N N 154 
HIS O      O N N 155 
HIS CB     C N N 156 
HIS CG     C Y N 157 
HIS ND1    N Y N 158 
HIS CD2    C Y N 159 
HIS CE1    C Y N 160 
HIS NE2    N Y N 161 
HIS OXT    O N N 162 
HIS H      H N N 163 
HIS H2     H N N 164 
HIS HA     H N N 165 
HIS HB2    H N N 166 
HIS HB3    H N N 167 
HIS HD1    H N N 168 
HIS HD2    H N N 169 
HIS HE1    H N N 170 
HIS HE2    H N N 171 
HIS HXT    H N N 172 
HOH O      O N N 173 
HOH H1     H N N 174 
HOH H2     H N N 175 
ILE N      N N N 176 
ILE CA     C N S 177 
ILE C      C N N 178 
ILE O      O N N 179 
ILE CB     C N S 180 
ILE CG1    C N N 181 
ILE CG2    C N N 182 
ILE CD1    C N N 183 
ILE OXT    O N N 184 
ILE H      H N N 185 
ILE H2     H N N 186 
ILE HA     H N N 187 
ILE HB     H N N 188 
ILE HG12   H N N 189 
ILE HG13   H N N 190 
ILE HG21   H N N 191 
ILE HG22   H N N 192 
ILE HG23   H N N 193 
ILE HD11   H N N 194 
ILE HD12   H N N 195 
ILE HD13   H N N 196 
ILE HXT    H N N 197 
LEU N      N N N 198 
LEU CA     C N S 199 
LEU C      C N N 200 
LEU O      O N N 201 
LEU CB     C N N 202 
LEU CG     C N N 203 
LEU CD1    C N N 204 
LEU CD2    C N N 205 
LEU OXT    O N N 206 
LEU H      H N N 207 
LEU H2     H N N 208 
LEU HA     H N N 209 
LEU HB2    H N N 210 
LEU HB3    H N N 211 
LEU HG     H N N 212 
LEU HD11   H N N 213 
LEU HD12   H N N 214 
LEU HD13   H N N 215 
LEU HD21   H N N 216 
LEU HD22   H N N 217 
LEU HD23   H N N 218 
LEU HXT    H N N 219 
LYS N      N N N 220 
LYS CA     C N S 221 
LYS C      C N N 222 
LYS O      O N N 223 
LYS CB     C N N 224 
LYS CG     C N N 225 
LYS CD     C N N 226 
LYS CE     C N N 227 
LYS NZ     N N N 228 
LYS OXT    O N N 229 
LYS H      H N N 230 
LYS H2     H N N 231 
LYS HA     H N N 232 
LYS HB2    H N N 233 
LYS HB3    H N N 234 
LYS HG2    H N N 235 
LYS HG3    H N N 236 
LYS HD2    H N N 237 
LYS HD3    H N N 238 
LYS HE2    H N N 239 
LYS HE3    H N N 240 
LYS HZ1    H N N 241 
LYS HZ2    H N N 242 
LYS HZ3    H N N 243 
LYS HXT    H N N 244 
MET N      N N N 245 
MET CA     C N S 246 
MET C      C N N 247 
MET O      O N N 248 
MET CB     C N N 249 
MET CG     C N N 250 
MET SD     S N N 251 
MET CE     C N N 252 
MET OXT    O N N 253 
MET H      H N N 254 
MET H2     H N N 255 
MET HA     H N N 256 
MET HB2    H N N 257 
MET HB3    H N N 258 
MET HG2    H N N 259 
MET HG3    H N N 260 
MET HE1    H N N 261 
MET HE2    H N N 262 
MET HE3    H N N 263 
MET HXT    H N N 264 
PHE N      N N N 265 
PHE CA     C N S 266 
PHE C      C N N 267 
PHE O      O N N 268 
PHE CB     C N N 269 
PHE CG     C Y N 270 
PHE CD1    C Y N 271 
PHE CD2    C Y N 272 
PHE CE1    C Y N 273 
PHE CE2    C Y N 274 
PHE CZ     C Y N 275 
PHE OXT    O N N 276 
PHE H      H N N 277 
PHE H2     H N N 278 
PHE HA     H N N 279 
PHE HB2    H N N 280 
PHE HB3    H N N 281 
PHE HD1    H N N 282 
PHE HD2    H N N 283 
PHE HE1    H N N 284 
PHE HE2    H N N 285 
PHE HZ     H N N 286 
PHE HXT    H N N 287 
PRO N      N N N 288 
PRO CA     C N S 289 
PRO C      C N N 290 
PRO O      O N N 291 
PRO CB     C N N 292 
PRO CG     C N N 293 
PRO CD     C N N 294 
PRO OXT    O N N 295 
PRO H      H N N 296 
PRO HA     H N N 297 
PRO HB2    H N N 298 
PRO HB3    H N N 299 
PRO HG2    H N N 300 
PRO HG3    H N N 301 
PRO HD2    H N N 302 
PRO HD3    H N N 303 
PRO HXT    H N N 304 
SER N      N N N 305 
SER CA     C N S 306 
SER C      C N N 307 
SER O      O N N 308 
SER CB     C N N 309 
SER OG     O N N 310 
SER OXT    O N N 311 
SER H      H N N 312 
SER H2     H N N 313 
SER HA     H N N 314 
SER HB2    H N N 315 
SER HB3    H N N 316 
SER HG     H N N 317 
SER HXT    H N N 318 
THR N      N N N 319 
THR CA     C N S 320 
THR C      C N N 321 
THR O      O N N 322 
THR CB     C N R 323 
THR OG1    O N N 324 
THR CG2    C N N 325 
THR OXT    O N N 326 
THR H      H N N 327 
THR H2     H N N 328 
THR HA     H N N 329 
THR HB     H N N 330 
THR HG1    H N N 331 
THR HG21   H N N 332 
THR HG22   H N N 333 
THR HG23   H N N 334 
THR HXT    H N N 335 
TRP N      N N N 336 
TRP CA     C N S 337 
TRP C      C N N 338 
TRP O      O N N 339 
TRP CB     C N N 340 
TRP CG     C Y N 341 
TRP CD1    C Y N 342 
TRP CD2    C Y N 343 
TRP NE1    N Y N 344 
TRP CE2    C Y N 345 
TRP CE3    C Y N 346 
TRP CZ2    C Y N 347 
TRP CZ3    C Y N 348 
TRP CH2    C Y N 349 
TRP OXT    O N N 350 
TRP H      H N N 351 
TRP H2     H N N 352 
TRP HA     H N N 353 
TRP HB2    H N N 354 
TRP HB3    H N N 355 
TRP HD1    H N N 356 
TRP HE1    H N N 357 
TRP HE3    H N N 358 
TRP HZ2    H N N 359 
TRP HZ3    H N N 360 
TRP HH2    H N N 361 
TRP HXT    H N N 362 
TYR N      N N N 363 
TYR CA     C N S 364 
TYR C      C N N 365 
TYR O      O N N 366 
TYR CB     C N N 367 
TYR CG     C Y N 368 
TYR CD1    C Y N 369 
TYR CD2    C Y N 370 
TYR CE1    C Y N 371 
TYR CE2    C Y N 372 
TYR CZ     C Y N 373 
TYR OH     O N N 374 
TYR OXT    O N N 375 
TYR H      H N N 376 
TYR H2     H N N 377 
TYR HA     H N N 378 
TYR HB2    H N N 379 
TYR HB3    H N N 380 
TYR HD1    H N N 381 
TYR HD2    H N N 382 
TYR HE1    H N N 383 
TYR HE2    H N N 384 
TYR HH     H N N 385 
TYR HXT    H N N 386 
UMP N1     N N N 387 
UMP C2     C N N 388 
UMP N3     N N N 389 
UMP C4     C N N 390 
UMP C5     C N N 391 
UMP C6     C N N 392 
UMP O2     O N N 393 
UMP O4     O N N 394 
UMP "C1'"  C N R 395 
UMP "C2'"  C N N 396 
UMP "C3'"  C N S 397 
UMP "C4'"  C N R 398 
UMP "O3'"  O N N 399 
UMP "O4'"  O N N 400 
UMP "C5'"  C N N 401 
UMP "O5'"  O N N 402 
UMP P      P N N 403 
UMP OP1    O N N 404 
UMP OP2    O N N 405 
UMP OP3    O N N 406 
UMP HN3    H N N 407 
UMP H5     H N N 408 
UMP H6     H N N 409 
UMP "H1'"  H N N 410 
UMP "H2'"  H N N 411 
UMP "H2''" H N N 412 
UMP "H3'"  H N N 413 
UMP "H4'"  H N N 414 
UMP "HO3'" H N N 415 
UMP "H5'"  H N N 416 
UMP "H5''" H N N 417 
UMP HOP2   H N N 418 
UMP HOP3   H N N 419 
VAL N      N N N 420 
VAL CA     C N S 421 
VAL C      C N N 422 
VAL O      O N N 423 
VAL CB     C N N 424 
VAL CG1    C N N 425 
VAL CG2    C N N 426 
VAL OXT    O N N 427 
VAL H      H N N 428 
VAL H2     H N N 429 
VAL HA     H N N 430 
VAL HB     H N N 431 
VAL HG11   H N N 432 
VAL HG12   H N N 433 
VAL HG13   H N N 434 
VAL HG21   H N N 435 
VAL HG22   H N N 436 
VAL HG23   H N N 437 
VAL HXT    H N N 438 
# 
loop_
_chem_comp_bond.comp_id 
_chem_comp_bond.atom_id_1 
_chem_comp_bond.atom_id_2 
_chem_comp_bond.value_order 
_chem_comp_bond.pdbx_aromatic_flag 
_chem_comp_bond.pdbx_stereo_config 
_chem_comp_bond.pdbx_ordinal 
ALA N     CA     sing N N 1   
ALA N     H      sing N N 2   
ALA N     H2     sing N N 3   
ALA CA    C      sing N N 4   
ALA CA    CB     sing N N 5   
ALA CA    HA     sing N N 6   
ALA C     O      doub N N 7   
ALA C     OXT    sing N N 8   
ALA CB    HB1    sing N N 9   
ALA CB    HB2    sing N N 10  
ALA CB    HB3    sing N N 11  
ALA OXT   HXT    sing N N 12  
ARG N     CA     sing N N 13  
ARG N     H      sing N N 14  
ARG N     H2     sing N N 15  
ARG CA    C      sing N N 16  
ARG CA    CB     sing N N 17  
ARG CA    HA     sing N N 18  
ARG C     O      doub N N 19  
ARG C     OXT    sing N N 20  
ARG CB    CG     sing N N 21  
ARG CB    HB2    sing N N 22  
ARG CB    HB3    sing N N 23  
ARG CG    CD     sing N N 24  
ARG CG    HG2    sing N N 25  
ARG CG    HG3    sing N N 26  
ARG CD    NE     sing N N 27  
ARG CD    HD2    sing N N 28  
ARG CD    HD3    sing N N 29  
ARG NE    CZ     sing N N 30  
ARG NE    HE     sing N N 31  
ARG CZ    NH1    sing N N 32  
ARG CZ    NH2    doub N N 33  
ARG NH1   HH11   sing N N 34  
ARG NH1   HH12   sing N N 35  
ARG NH2   HH21   sing N N 36  
ARG NH2   HH22   sing N N 37  
ARG OXT   HXT    sing N N 38  
ASN N     CA     sing N N 39  
ASN N     H      sing N N 40  
ASN N     H2     sing N N 41  
ASN CA    C      sing N N 42  
ASN CA    CB     sing N N 43  
ASN CA    HA     sing N N 44  
ASN C     O      doub N N 45  
ASN C     OXT    sing N N 46  
ASN CB    CG     sing N N 47  
ASN CB    HB2    sing N N 48  
ASN CB    HB3    sing N N 49  
ASN CG    OD1    doub N N 50  
ASN CG    ND2    sing N N 51  
ASN ND2   HD21   sing N N 52  
ASN ND2   HD22   sing N N 53  
ASN OXT   HXT    sing N N 54  
ASP N     CA     sing N N 55  
ASP N     H      sing N N 56  
ASP N     H2     sing N N 57  
ASP CA    C      sing N N 58  
ASP CA    CB     sing N N 59  
ASP CA    HA     sing N N 60  
ASP C     O      doub N N 61  
ASP C     OXT    sing N N 62  
ASP CB    CG     sing N N 63  
ASP CB    HB2    sing N N 64  
ASP CB    HB3    sing N N 65  
ASP CG    OD1    doub N N 66  
ASP CG    OD2    sing N N 67  
ASP OD2   HD2    sing N N 68  
ASP OXT   HXT    sing N N 69  
CSO N     CA     sing N N 70  
CSO N     H      sing N N 71  
CSO N     H2     sing N N 72  
CSO CA    CB     sing N N 73  
CSO CA    C      sing N N 74  
CSO CA    HA     sing N N 75  
CSO CB    SG     sing N N 76  
CSO CB    HB2    sing N N 77  
CSO CB    HB3    sing N N 78  
CSO SG    OD     sing N N 79  
CSO C     O      doub N N 80  
CSO C     OXT    sing N N 81  
CSO OXT   HXT    sing N N 82  
CSO OD    HD     sing N N 83  
CYS N     CA     sing N N 84  
CYS N     H      sing N N 85  
CYS N     H2     sing N N 86  
CYS CA    C      sing N N 87  
CYS CA    CB     sing N N 88  
CYS CA    HA     sing N N 89  
CYS C     O      doub N N 90  
CYS C     OXT    sing N N 91  
CYS CB    SG     sing N N 92  
CYS CB    HB2    sing N N 93  
CYS CB    HB3    sing N N 94  
CYS SG    HG     sing N N 95  
CYS OXT   HXT    sing N N 96  
GLN N     CA     sing N N 97  
GLN N     H      sing N N 98  
GLN N     H2     sing N N 99  
GLN CA    C      sing N N 100 
GLN CA    CB     sing N N 101 
GLN CA    HA     sing N N 102 
GLN C     O      doub N N 103 
GLN C     OXT    sing N N 104 
GLN CB    CG     sing N N 105 
GLN CB    HB2    sing N N 106 
GLN CB    HB3    sing N N 107 
GLN CG    CD     sing N N 108 
GLN CG    HG2    sing N N 109 
GLN CG    HG3    sing N N 110 
GLN CD    OE1    doub N N 111 
GLN CD    NE2    sing N N 112 
GLN NE2   HE21   sing N N 113 
GLN NE2   HE22   sing N N 114 
GLN OXT   HXT    sing N N 115 
GLU N     CA     sing N N 116 
GLU N     H      sing N N 117 
GLU N     H2     sing N N 118 
GLU CA    C      sing N N 119 
GLU CA    CB     sing N N 120 
GLU CA    HA     sing N N 121 
GLU C     O      doub N N 122 
GLU C     OXT    sing N N 123 
GLU CB    CG     sing N N 124 
GLU CB    HB2    sing N N 125 
GLU CB    HB3    sing N N 126 
GLU CG    CD     sing N N 127 
GLU CG    HG2    sing N N 128 
GLU CG    HG3    sing N N 129 
GLU CD    OE1    doub N N 130 
GLU CD    OE2    sing N N 131 
GLU OE2   HE2    sing N N 132 
GLU OXT   HXT    sing N N 133 
GLY N     CA     sing N N 134 
GLY N     H      sing N N 135 
GLY N     H2     sing N N 136 
GLY CA    C      sing N N 137 
GLY CA    HA2    sing N N 138 
GLY CA    HA3    sing N N 139 
GLY C     O      doub N N 140 
GLY C     OXT    sing N N 141 
GLY OXT   HXT    sing N N 142 
HIS N     CA     sing N N 143 
HIS N     H      sing N N 144 
HIS N     H2     sing N N 145 
HIS CA    C      sing N N 146 
HIS CA    CB     sing N N 147 
HIS CA    HA     sing N N 148 
HIS C     O      doub N N 149 
HIS C     OXT    sing N N 150 
HIS CB    CG     sing N N 151 
HIS CB    HB2    sing N N 152 
HIS CB    HB3    sing N N 153 
HIS CG    ND1    sing Y N 154 
HIS CG    CD2    doub Y N 155 
HIS ND1   CE1    doub Y N 156 
HIS ND1   HD1    sing N N 157 
HIS CD2   NE2    sing Y N 158 
HIS CD2   HD2    sing N N 159 
HIS CE1   NE2    sing Y N 160 
HIS CE1   HE1    sing N N 161 
HIS NE2   HE2    sing N N 162 
HIS OXT   HXT    sing N N 163 
HOH O     H1     sing N N 164 
HOH O     H2     sing N N 165 
ILE N     CA     sing N N 166 
ILE N     H      sing N N 167 
ILE N     H2     sing N N 168 
ILE CA    C      sing N N 169 
ILE CA    CB     sing N N 170 
ILE CA    HA     sing N N 171 
ILE C     O      doub N N 172 
ILE C     OXT    sing N N 173 
ILE CB    CG1    sing N N 174 
ILE CB    CG2    sing N N 175 
ILE CB    HB     sing N N 176 
ILE CG1   CD1    sing N N 177 
ILE CG1   HG12   sing N N 178 
ILE CG1   HG13   sing N N 179 
ILE CG2   HG21   sing N N 180 
ILE CG2   HG22   sing N N 181 
ILE CG2   HG23   sing N N 182 
ILE CD1   HD11   sing N N 183 
ILE CD1   HD12   sing N N 184 
ILE CD1   HD13   sing N N 185 
ILE OXT   HXT    sing N N 186 
LEU N     CA     sing N N 187 
LEU N     H      sing N N 188 
LEU N     H2     sing N N 189 
LEU CA    C      sing N N 190 
LEU CA    CB     sing N N 191 
LEU CA    HA     sing N N 192 
LEU C     O      doub N N 193 
LEU C     OXT    sing N N 194 
LEU CB    CG     sing N N 195 
LEU CB    HB2    sing N N 196 
LEU CB    HB3    sing N N 197 
LEU CG    CD1    sing N N 198 
LEU CG    CD2    sing N N 199 
LEU CG    HG     sing N N 200 
LEU CD1   HD11   sing N N 201 
LEU CD1   HD12   sing N N 202 
LEU CD1   HD13   sing N N 203 
LEU CD2   HD21   sing N N 204 
LEU CD2   HD22   sing N N 205 
LEU CD2   HD23   sing N N 206 
LEU OXT   HXT    sing N N 207 
LYS N     CA     sing N N 208 
LYS N     H      sing N N 209 
LYS N     H2     sing N N 210 
LYS CA    C      sing N N 211 
LYS CA    CB     sing N N 212 
LYS CA    HA     sing N N 213 
LYS C     O      doub N N 214 
LYS C     OXT    sing N N 215 
LYS CB    CG     sing N N 216 
LYS CB    HB2    sing N N 217 
LYS CB    HB3    sing N N 218 
LYS CG    CD     sing N N 219 
LYS CG    HG2    sing N N 220 
LYS CG    HG3    sing N N 221 
LYS CD    CE     sing N N 222 
LYS CD    HD2    sing N N 223 
LYS CD    HD3    sing N N 224 
LYS CE    NZ     sing N N 225 
LYS CE    HE2    sing N N 226 
LYS CE    HE3    sing N N 227 
LYS NZ    HZ1    sing N N 228 
LYS NZ    HZ2    sing N N 229 
LYS NZ    HZ3    sing N N 230 
LYS OXT   HXT    sing N N 231 
MET N     CA     sing N N 232 
MET N     H      sing N N 233 
MET N     H2     sing N N 234 
MET CA    C      sing N N 235 
MET CA    CB     sing N N 236 
MET CA    HA     sing N N 237 
MET C     O      doub N N 238 
MET C     OXT    sing N N 239 
MET CB    CG     sing N N 240 
MET CB    HB2    sing N N 241 
MET CB    HB3    sing N N 242 
MET CG    SD     sing N N 243 
MET CG    HG2    sing N N 244 
MET CG    HG3    sing N N 245 
MET SD    CE     sing N N 246 
MET CE    HE1    sing N N 247 
MET CE    HE2    sing N N 248 
MET CE    HE3    sing N N 249 
MET OXT   HXT    sing N N 250 
PHE N     CA     sing N N 251 
PHE N     H      sing N N 252 
PHE N     H2     sing N N 253 
PHE CA    C      sing N N 254 
PHE CA    CB     sing N N 255 
PHE CA    HA     sing N N 256 
PHE C     O      doub N N 257 
PHE C     OXT    sing N N 258 
PHE CB    CG     sing N N 259 
PHE CB    HB2    sing N N 260 
PHE CB    HB3    sing N N 261 
PHE CG    CD1    doub Y N 262 
PHE CG    CD2    sing Y N 263 
PHE CD1   CE1    sing Y N 264 
PHE CD1   HD1    sing N N 265 
PHE CD2   CE2    doub Y N 266 
PHE CD2   HD2    sing N N 267 
PHE CE1   CZ     doub Y N 268 
PHE CE1   HE1    sing N N 269 
PHE CE2   CZ     sing Y N 270 
PHE CE2   HE2    sing N N 271 
PHE CZ    HZ     sing N N 272 
PHE OXT   HXT    sing N N 273 
PRO N     CA     sing N N 274 
PRO N     CD     sing N N 275 
PRO N     H      sing N N 276 
PRO CA    C      sing N N 277 
PRO CA    CB     sing N N 278 
PRO CA    HA     sing N N 279 
PRO C     O      doub N N 280 
PRO C     OXT    sing N N 281 
PRO CB    CG     sing N N 282 
PRO CB    HB2    sing N N 283 
PRO CB    HB3    sing N N 284 
PRO CG    CD     sing N N 285 
PRO CG    HG2    sing N N 286 
PRO CG    HG3    sing N N 287 
PRO CD    HD2    sing N N 288 
PRO CD    HD3    sing N N 289 
PRO OXT   HXT    sing N N 290 
SER N     CA     sing N N 291 
SER N     H      sing N N 292 
SER N     H2     sing N N 293 
SER CA    C      sing N N 294 
SER CA    CB     sing N N 295 
SER CA    HA     sing N N 296 
SER C     O      doub N N 297 
SER C     OXT    sing N N 298 
SER CB    OG     sing N N 299 
SER CB    HB2    sing N N 300 
SER CB    HB3    sing N N 301 
SER OG    HG     sing N N 302 
SER OXT   HXT    sing N N 303 
THR N     CA     sing N N 304 
THR N     H      sing N N 305 
THR N     H2     sing N N 306 
THR CA    C      sing N N 307 
THR CA    CB     sing N N 308 
THR CA    HA     sing N N 309 
THR C     O      doub N N 310 
THR C     OXT    sing N N 311 
THR CB    OG1    sing N N 312 
THR CB    CG2    sing N N 313 
THR CB    HB     sing N N 314 
THR OG1   HG1    sing N N 315 
THR CG2   HG21   sing N N 316 
THR CG2   HG22   sing N N 317 
THR CG2   HG23   sing N N 318 
THR OXT   HXT    sing N N 319 
TRP N     CA     sing N N 320 
TRP N     H      sing N N 321 
TRP N     H2     sing N N 322 
TRP CA    C      sing N N 323 
TRP CA    CB     sing N N 324 
TRP CA    HA     sing N N 325 
TRP C     O      doub N N 326 
TRP C     OXT    sing N N 327 
TRP CB    CG     sing N N 328 
TRP CB    HB2    sing N N 329 
TRP CB    HB3    sing N N 330 
TRP CG    CD1    doub Y N 331 
TRP CG    CD2    sing Y N 332 
TRP CD1   NE1    sing Y N 333 
TRP CD1   HD1    sing N N 334 
TRP CD2   CE2    doub Y N 335 
TRP CD2   CE3    sing Y N 336 
TRP NE1   CE2    sing Y N 337 
TRP NE1   HE1    sing N N 338 
TRP CE2   CZ2    sing Y N 339 
TRP CE3   CZ3    doub Y N 340 
TRP CE3   HE3    sing N N 341 
TRP CZ2   CH2    doub Y N 342 
TRP CZ2   HZ2    sing N N 343 
TRP CZ3   CH2    sing Y N 344 
TRP CZ3   HZ3    sing N N 345 
TRP CH2   HH2    sing N N 346 
TRP OXT   HXT    sing N N 347 
TYR N     CA     sing N N 348 
TYR N     H      sing N N 349 
TYR N     H2     sing N N 350 
TYR CA    C      sing N N 351 
TYR CA    CB     sing N N 352 
TYR CA    HA     sing N N 353 
TYR C     O      doub N N 354 
TYR C     OXT    sing N N 355 
TYR CB    CG     sing N N 356 
TYR CB    HB2    sing N N 357 
TYR CB    HB3    sing N N 358 
TYR CG    CD1    doub Y N 359 
TYR CG    CD2    sing Y N 360 
TYR CD1   CE1    sing Y N 361 
TYR CD1   HD1    sing N N 362 
TYR CD2   CE2    doub Y N 363 
TYR CD2   HD2    sing N N 364 
TYR CE1   CZ     doub Y N 365 
TYR CE1   HE1    sing N N 366 
TYR CE2   CZ     sing Y N 367 
TYR CE2   HE2    sing N N 368 
TYR CZ    OH     sing N N 369 
TYR OH    HH     sing N N 370 
TYR OXT   HXT    sing N N 371 
UMP N1    C2     sing N N 372 
UMP N1    C6     sing N N 373 
UMP N1    "C1'"  sing N N 374 
UMP C2    N3     sing N N 375 
UMP C2    O2     doub N N 376 
UMP N3    C4     sing N N 377 
UMP N3    HN3    sing N N 378 
UMP C4    C5     sing N N 379 
UMP C4    O4     doub N N 380 
UMP C5    C6     doub N N 381 
UMP C5    H5     sing N N 382 
UMP C6    H6     sing N N 383 
UMP "C1'" "C2'"  sing N N 384 
UMP "C1'" "O4'"  sing N N 385 
UMP "C1'" "H1'"  sing N N 386 
UMP "C2'" "C3'"  sing N N 387 
UMP "C2'" "H2'"  sing N N 388 
UMP "C2'" "H2''" sing N N 389 
UMP "C3'" "C4'"  sing N N 390 
UMP "C3'" "O3'"  sing N N 391 
UMP "C3'" "H3'"  sing N N 392 
UMP "C4'" "O4'"  sing N N 393 
UMP "C4'" "C5'"  sing N N 394 
UMP "C4'" "H4'"  sing N N 395 
UMP "O3'" "HO3'" sing N N 396 
UMP "C5'" "O5'"  sing N N 397 
UMP "C5'" "H5'"  sing N N 398 
UMP "C5'" "H5''" sing N N 399 
UMP "O5'" P      sing N N 400 
UMP P     OP1    doub N N 401 
UMP P     OP2    sing N N 402 
UMP P     OP3    sing N N 403 
UMP OP2   HOP2   sing N N 404 
UMP OP3   HOP3   sing N N 405 
VAL N     CA     sing N N 406 
VAL N     H      sing N N 407 
VAL N     H2     sing N N 408 
VAL CA    C      sing N N 409 
VAL CA    CB     sing N N 410 
VAL CA    HA     sing N N 411 
VAL C     O      doub N N 412 
VAL C     OXT    sing N N 413 
VAL CB    CG1    sing N N 414 
VAL CB    CG2    sing N N 415 
VAL CB    HB     sing N N 416 
VAL CG1   HG11   sing N N 417 
VAL CG1   HG12   sing N N 418 
VAL CG1   HG13   sing N N 419 
VAL CG2   HG21   sing N N 420 
VAL CG2   HG22   sing N N 421 
VAL CG2   HG23   sing N N 422 
VAL OXT   HXT    sing N N 423 
# 
_pdbx_initial_refinement_model.id               1 
_pdbx_initial_refinement_model.entity_id_list   ? 
_pdbx_initial_refinement_model.type             'experimental model' 
_pdbx_initial_refinement_model.source_name      PDB 
_pdbx_initial_refinement_model.accession_code   2D4L 
_pdbx_initial_refinement_model.details          'PDB ENTRY 2D4L' 
# 
_atom_sites.entry_id                    3TS6 
_atom_sites.fract_transf_matrix[1][1]   -0.00800129 
_atom_sites.fract_transf_matrix[1][2]   -0.01621556 
_atom_sites.fract_transf_matrix[1][3]   -0.00592525 
_atom_sites.fract_transf_matrix[2][1]   -0.00934589 
_atom_sites.fract_transf_matrix[2][2]   -0.00049899 
_atom_sites.fract_transf_matrix[2][3]   -0.01656829 
_atom_sites.fract_transf_matrix[3][1]   0.01333456 
_atom_sites.fract_transf_matrix[3][2]   -0.00387384 
_atom_sites.fract_transf_matrix[3][3]   -0.00740513 
_atom_sites.fract_transf_vector[1]      0.612180 
_atom_sites.fract_transf_vector[2]      1.123987 
_atom_sites.fract_transf_vector[3]      0.469366 
# 
loop_
_atom_type.symbol 
C 
N 
O 
P 
S 
# 
loop_
_atom_site.group_PDB 
_atom_site.id 
_atom_site.type_symbol 
_atom_site.label_atom_id 
_atom_site.label_alt_id 
_atom_site.label_comp_id 
_atom_site.label_asym_id 
_atom_site.label_entity_id 
_atom_site.label_seq_id 
_atom_site.pdbx_PDB_ins_code 
_atom_site.Cartn_x 
_atom_site.Cartn_y 
_atom_site.Cartn_z 
_atom_site.occupancy 
_atom_site.B_iso_or_equiv 
_atom_site.pdbx_formal_charge 
_atom_site.auth_seq_id 
_atom_site.auth_comp_id 
_atom_site.auth_asym_id 
_atom_site.auth_atom_id 
_atom_site.pdbx_PDB_model_num 
ATOM   1   N N     . LYS A 1 25  ? 12.093  0.725   12.074  1.00 31.42 ? 25  LYS A N     1 
ATOM   2   C CA    . LYS A 1 25  ? 11.830  0.766   10.612  1.00 28.67 ? 25  LYS A CA    1 
ATOM   3   C C     . LYS A 1 25  ? 12.259  -0.536  9.923   1.00 28.35 ? 25  LYS A C     1 
ATOM   4   O O     . LYS A 1 25  ? 13.312  -1.091  10.242  1.00 29.26 ? 25  LYS A O     1 
ATOM   5   C CB    . LYS A 1 25  ? 12.607  1.931   10.036  1.00 29.32 ? 25  LYS A CB    1 
ATOM   6   C CG    . LYS A 1 25  ? 12.531  3.178   10.867  1.00 33.60 ? 25  LYS A CG    1 
ATOM   7   C CD    . LYS A 1 25  ? 12.964  4.330   10.017  1.00 32.00 ? 25  LYS A CD    1 
ATOM   8   C CE    . LYS A 1 25  ? 13.372  5.487   10.873  1.00 42.70 ? 25  LYS A CE    1 
ATOM   9   N NZ    . LYS A 1 25  ? 13.766  6.532   9.921   1.00 48.80 ? 25  LYS A NZ    1 
ATOM   10  N N     . GLN A 1 26  ? 11.429  -1.055  9.020   1.00 27.26 ? 26  GLN A N     1 
ATOM   11  C CA    . GLN A 1 26  ? 11.807  -2.200  8.185   1.00 27.24 ? 26  GLN A CA    1 
ATOM   12  C C     . GLN A 1 26  ? 11.806  -1.745  6.742   1.00 23.60 ? 26  GLN A C     1 
ATOM   13  O O     . GLN A 1 26  ? 10.966  -1.020  6.367   1.00 23.58 ? 26  GLN A O     1 
ATOM   14  C CB    . GLN A 1 26  ? 10.834  -3.371  8.319   1.00 27.75 ? 26  GLN A CB    1 
ATOM   15  C CG    . GLN A 1 26  ? 10.836  -4.030  9.713   1.00 37.57 ? 26  GLN A CG    1 
ATOM   16  C CD    . GLN A 1 26  ? 12.022  -4.969  9.948   1.00 46.07 ? 26  GLN A CD    1 
ATOM   17  O OE1   . GLN A 1 26  ? 13.170  -4.718  9.528   1.00 50.90 ? 26  GLN A OE1   1 
ATOM   18  N NE2   . GLN A 1 26  ? 11.740  -6.075  10.628  1.00 58.25 ? 26  GLN A NE2   1 
ATOM   19  N N     . PRO A 1 27  ? 12.819  -2.132  5.973   1.00 22.67 ? 27  PRO A N     1 
ATOM   20  C CA    . PRO A 1 27  ? 12.992  -1.853  4.562   1.00 21.93 ? 27  PRO A CA    1 
ATOM   21  C C     . PRO A 1 27  ? 12.116  -2.744  3.656   1.00 21.25 ? 27  PRO A C     1 
ATOM   22  O O     . PRO A 1 27  ? 11.590  -3.813  4.074   1.00 21.32 ? 27  PRO A O     1 
ATOM   23  C CB    . PRO A 1 27  ? 14.478  -2.148  4.347   1.00 20.79 ? 27  PRO A CB    1 
ATOM   24  C CG    . PRO A 1 27  ? 14.677  -3.338  5.236   1.00 19.43 ? 27  PRO A CG    1 
ATOM   25  C CD    . PRO A 1 27  ? 13.967  -2.861  6.506   1.00 16.79 ? 27  PRO A CD    1 
ATOM   26  N N     . ILE A 1 28  ? 11.948  -2.300  2.418   1.00 18.93 ? 28  ILE A N     1 
ATOM   27  C CA    A ILE A 1 28  ? 11.142  -3.002  1.427   0.70 21.68 ? 28  ILE A CA    1 
ATOM   28  C CA    B ILE A 1 28  ? 11.073  -3.063  1.523   0.30 19.79 ? 28  ILE A CA    1 
ATOM   29  C C     . ILE A 1 28  ? 11.649  -4.439  1.199   1.00 22.14 ? 28  ILE A C     1 
ATOM   30  O O     . ILE A 1 28  ? 10.904  -5.329  0.811   1.00 24.99 ? 28  ILE A O     1 
ATOM   31  C CB    A ILE A 1 28  ? 11.063  -2.126  0.128   0.70 22.12 ? 28  ILE A CB    1 
ATOM   32  C CB    B ILE A 1 28  ? 10.671  -2.304  0.239   0.30 19.74 ? 28  ILE A CB    1 
ATOM   33  C CG1   A ILE A 1 28  ? 9.917   -1.119  0.297   0.70 21.35 ? 28  ILE A CG1   1 
ATOM   34  C CG1   B ILE A 1 28  ? 11.916  -1.837  -0.508  0.30 11.14 ? 28  ILE A CG1   1 
ATOM   35  C CG2   A ILE A 1 28  ? 10.930  -2.956  -1.140  0.70 28.59 ? 28  ILE A CG2   1 
ATOM   36  C CG2   B ILE A 1 28  ? 9.750   -1.148  0.594   0.30 16.45 ? 28  ILE A CG2   1 
ATOM   37  N N     . SER A 1 29  ? 12.943  -4.641  1.425   1.00 22.07 ? 29  SER A N     1 
ATOM   38  C CA    . SER A 1 29  ? 13.554  -5.963  1.181   1.00 23.19 ? 29  SER A CA    1 
ATOM   39  C C     . SER A 1 29  ? 13.019  -7.036  2.123   1.00 24.37 ? 29  SER A C     1 
ATOM   40  O O     . SER A 1 29  ? 13.179  -8.219  1.834   1.00 23.51 ? 29  SER A O     1 
ATOM   41  C CB    . SER A 1 29  ? 15.079  -5.886  1.259   1.00 24.16 ? 29  SER A CB    1 
ATOM   42  O OG    . SER A 1 29  ? 15.487  -5.443  2.530   1.00 27.04 ? 29  SER A OG    1 
ATOM   43  N N     . LYS A 1 30  ? 12.387  -6.626  3.227   1.00 26.03 ? 30  LYS A N     1 
ATOM   44  C CA    . LYS A 1 30  ? 11.818  -7.553  4.226   1.00 28.38 ? 30  LYS A CA    1 
ATOM   45  C C     . LYS A 1 30  ? 10.420  -7.999  3.841   1.00 28.37 ? 30  LYS A C     1 
ATOM   46  O O     . LYS A 1 30  ? 9.914   -8.991  4.387   1.00 25.49 ? 30  LYS A O     1 
ATOM   47  C CB    . LYS A 1 30  ? 11.751  -6.928  5.626   1.00 29.89 ? 30  LYS A CB    1 
ATOM   48  C CG    . LYS A 1 30  ? 13.102  -6.541  6.215   1.00 29.08 ? 30  LYS A CG    1 
ATOM   49  C CD    . LYS A 1 30  ? 13.972  -7.757  6.556   1.00 27.47 ? 30  LYS A CD    1 
ATOM   50  N N     . LEU A 1 31  ? 9.812   -7.296  2.885   1.00 26.05 ? 31  LEU A N     1 
ATOM   51  C CA    . LEU A 1 31  ? 8.528   -7.744  2.362   1.00 25.59 ? 31  LEU A CA    1 
ATOM   52  C C     . LEU A 1 31  ? 8.677   -9.070  1.667   1.00 26.90 ? 31  LEU A C     1 
ATOM   53  O O     . LEU A 1 31  ? 9.729   -9.390  1.073   1.00 27.27 ? 31  LEU A O     1 
ATOM   54  C CB    . LEU A 1 31  ? 7.903   -6.743  1.392   1.00 26.95 ? 31  LEU A CB    1 
ATOM   55  C CG    . LEU A 1 31  ? 7.721   -5.343  1.989   1.00 28.97 ? 31  LEU A CG    1 
ATOM   56  C CD1   . LEU A 1 31  ? 7.274   -4.350  0.923   1.00 24.14 ? 31  LEU A CD1   1 
ATOM   57  C CD2   . LEU A 1 31  ? 6.690   -5.423  3.090   1.00 30.05 ? 31  LEU A CD2   1 
ATOM   58  N N     . THR A 1 32  ? 7.590   -9.836  1.716   1.00 26.95 ? 32  THR A N     1 
ATOM   59  C CA    . THR A 1 32  ? 7.548   -11.103 1.013   1.00 30.27 ? 32  THR A CA    1 
ATOM   60  C C     . THR A 1 32  ? 6.539   -11.050 -0.134  1.00 30.50 ? 32  THR A C     1 
ATOM   61  O O     . THR A 1 32  ? 5.563   -10.274 -0.136  1.00 28.20 ? 32  THR A O     1 
ATOM   62  C CB    . THR A 1 32  ? 7.202   -12.267 1.963   1.00 29.53 ? 32  THR A CB    1 
ATOM   63  O OG1   . THR A 1 32  ? 6.094   -11.878 2.767   1.00 34.28 ? 32  THR A OG1   1 
ATOM   64  C CG2   . THR A 1 32  ? 8.336   -12.521 2.878   1.00 30.00 ? 32  THR A CG2   1 
ATOM   65  N N     . ARG A 1 33  ? 6.846   -11.874 -1.117  1.00 31.59 ? 33  ARG A N     1 
ATOM   66  C CA    . ARG A 1 33  ? 6.025   -12.108 -2.269  1.00 34.16 ? 33  ARG A CA    1 
ATOM   67  C C     . ARG A 1 33  ? 5.222   -13.349 -1.912  1.00 39.55 ? 33  ARG A C     1 
ATOM   68  O O     . ARG A 1 33  ? 5.763   -14.261 -1.248  1.00 41.78 ? 33  ARG A O     1 
ATOM   69  C CB    . ARG A 1 33  ? 6.975   -12.416 -3.411  1.00 33.12 ? 33  ARG A CB    1 
ATOM   70  C CG    . ARG A 1 33  ? 6.624   -11.752 -4.639  1.00 29.78 ? 33  ARG A CG    1 
ATOM   71  C CD    . ARG A 1 33  ? 7.599   -12.006 -5.749  1.00 25.22 ? 33  ARG A CD    1 
ATOM   72  N NE    . ARG A 1 33  ? 8.500   -10.855 -5.845  1.00 24.08 ? 33  ARG A NE    1 
ATOM   73  C CZ    . ARG A 1 33  ? 8.147   -9.626  -6.211  1.00 33.99 ? 33  ARG A CZ    1 
ATOM   74  N NH1   . ARG A 1 33  ? 6.886   -9.343  -6.532  1.00 29.29 ? 33  ARG A NH1   1 
ATOM   75  N NH2   . ARG A 1 33  ? 9.067   -8.668  -6.232  1.00 29.87 ? 33  ARG A NH2   1 
ATOM   76  N N     . ALA A 1 34  ? 3.953   -13.409 -2.312  1.00 41.98 ? 34  ALA A N     1 
ATOM   77  C CA    . ALA A 1 34  ? 3.101   -14.546 -1.931  1.00 43.86 ? 34  ALA A CA    1 
ATOM   78  C C     . ALA A 1 34  ? 3.476   -15.820 -2.695  1.00 43.58 ? 34  ALA A C     1 
ATOM   79  O O     . ALA A 1 34  ? 3.380   -16.925 -2.171  1.00 44.32 ? 34  ALA A O     1 
ATOM   80  C CB    . ALA A 1 34  ? 1.604   -14.214 -2.123  1.00 44.25 ? 34  ALA A CB    1 
ATOM   81  N N     . THR A 1 35  ? 3.931   -15.645 -3.920  1.00 43.46 ? 35  THR A N     1 
ATOM   82  C CA    . THR A 1 35  ? 4.118   -16.732 -4.853  1.00 41.90 ? 35  THR A CA    1 
ATOM   83  C C     . THR A 1 35  ? 5.192   -16.167 -5.730  1.00 41.93 ? 35  THR A C     1 
ATOM   84  O O     . THR A 1 35  ? 5.321   -14.940 -5.805  1.00 42.25 ? 35  THR A O     1 
ATOM   85  C CB    . THR A 1 35  ? 2.847   -16.944 -5.714  1.00 41.48 ? 35  THR A CB    1 
ATOM   86  N N     . PRO A 1 36  ? 6.021   -17.023 -6.354  1.00 40.67 ? 36  PRO A N     1 
ATOM   87  C CA    . PRO A 1 36  ? 7.004   -16.482 -7.315  1.00 38.50 ? 36  PRO A CA    1 
ATOM   88  C C     . PRO A 1 36  ? 6.388   -15.679 -8.459  1.00 37.85 ? 36  PRO A C     1 
ATOM   89  O O     . PRO A 1 36  ? 7.075   -14.855 -9.078  1.00 35.99 ? 36  PRO A O     1 
ATOM   90  C CB    . PRO A 1 36  ? 7.690   -17.740 -7.877  1.00 38.38 ? 36  PRO A CB    1 
ATOM   91  C CG    . PRO A 1 36  ? 7.434   -18.802 -6.896  1.00 35.68 ? 36  PRO A CG    1 
ATOM   92  C CD    . PRO A 1 36  ? 6.149   -18.491 -6.188  1.00 40.54 ? 36  PRO A CD    1 
ATOM   93  N N     . GLY A 1 37  ? 5.114   -15.903 -8.764  1.00 38.01 ? 37  GLY A N     1 
ATOM   94  C CA    . GLY A 1 37  ? 4.514   -15.200 -9.924  1.00 37.24 ? 37  GLY A CA    1 
ATOM   95  C C     . GLY A 1 37  ? 3.824   -13.889 -9.561  1.00 35.50 ? 37  GLY A C     1 
ATOM   96  O O     . GLY A 1 37  ? 3.431   -13.094 -10.457 1.00 36.02 ? 37  GLY A O     1 
ATOM   97  N N     . SER A 1 38  ? 3.713   -13.675 -8.239  1.00 35.54 ? 38  SER A N     1 
ATOM   98  C CA    . SER A 1 38  ? 3.057   -12.546 -7.640  1.00 31.41 ? 38  SER A CA    1 
ATOM   99  C C     . SER A 1 38  ? 3.771   -11.303 -8.081  1.00 29.40 ? 38  SER A C     1 
ATOM   100 O O     . SER A 1 38  ? 4.970   -11.154 -7.887  1.00 29.30 ? 38  SER A O     1 
ATOM   101 C CB    . SER A 1 38  ? 3.095   -12.630 -6.140  1.00 33.63 ? 38  SER A CB    1 
ATOM   102 O OG    . SER A 1 38  ? 2.174   -13.610 -5.654  1.00 36.68 ? 38  SER A OG    1 
ATOM   103 N N     . ALA A 1 39  ? 3.040   -10.391 -8.689  1.00 26.91 ? 39  ALA A N     1 
ATOM   104 C CA    . ALA A 1 39  ? 3.616   -9.110  -9.014  1.00 26.54 ? 39  ALA A CA    1 
ATOM   105 C C     . ALA A 1 39  ? 3.917   -8.211  -7.795  1.00 26.20 ? 39  ALA A C     1 
ATOM   106 O O     . ALA A 1 39  ? 4.824   -7.385  -7.841  1.00 26.25 ? 39  ALA A O     1 
ATOM   107 C CB    . ALA A 1 39  ? 2.677   -8.398  -9.947  1.00 30.55 ? 39  ALA A CB    1 
ATOM   108 N N     . GLY A 1 40  ? 3.154   -8.366  -6.719  1.00 22.39 ? 40  GLY A N     1 
ATOM   109 C CA    . GLY A 1 40  ? 3.145   -7.358  -5.653  1.00 19.41 ? 40  GLY A CA    1 
ATOM   110 C C     . GLY A 1 40  ? 3.791   -7.909  -4.420  1.00 20.98 ? 40  GLY A C     1 
ATOM   111 O O     . GLY A 1 40  ? 3.825   -9.132  -4.268  1.00 20.30 ? 40  GLY A O     1 
ATOM   112 N N     . LEU A 1 41  ? 4.331   -7.001  -3.587  1.00 20.75 ? 41  LEU A N     1 
ATOM   113 C CA    . LEU A 1 41  ? 4.837   -7.359  -2.284  1.00 22.41 ? 41  LEU A CA    1 
ATOM   114 C C     . LEU A 1 41  ? 3.746   -7.005  -1.284  1.00 22.74 ? 41  LEU A C     1 
ATOM   115 O O     . LEU A 1 41  ? 3.278   -5.881  -1.229  1.00 25.43 ? 41  LEU A O     1 
ATOM   116 C CB    . LEU A 1 41  ? 6.082   -6.557  -1.976  1.00 20.86 ? 41  LEU A CB    1 
ATOM   117 C CG    . LEU A 1 41  ? 7.261   -6.811  -2.923  1.00 25.28 ? 41  LEU A CG    1 
ATOM   118 C CD1   . LEU A 1 41  ? 8.388   -5.755  -2.818  1.00 25.13 ? 41  LEU A CD1   1 
ATOM   119 C CD2   . LEU A 1 41  ? 7.833   -8.228  -2.815  1.00 27.56 ? 41  LEU A CD2   1 
ATOM   120 N N     . ASP A 1 42  ? 3.352   -7.970  -0.484  1.00 24.82 ? 42  ASP A N     1 
ATOM   121 C CA    . ASP A 1 42  ? 2.247   -7.767  0.456   1.00 27.02 ? 42  ASP A CA    1 
ATOM   122 C C     . ASP A 1 42  ? 2.530   -6.762  1.551   1.00 23.48 ? 42  ASP A C     1 
ATOM   123 O O     . ASP A 1 42  ? 3.605   -6.758  2.116   1.00 23.93 ? 42  ASP A O     1 
ATOM   124 C CB    . ASP A 1 42  ? 1.844   -9.104  1.061   1.00 30.97 ? 42  ASP A CB    1 
ATOM   125 C CG    . ASP A 1 42  ? 1.398   -10.088 0.002   1.00 37.59 ? 42  ASP A CG    1 
ATOM   126 O OD1   . ASP A 1 42  ? 0.422   -9.786  -0.694  1.00 40.71 ? 42  ASP A OD1   1 
ATOM   127 O OD2   . ASP A 1 42  ? 2.063   -11.133 -0.163  1.00 53.76 ? 42  ASP A OD2   1 
ATOM   128 N N     . LEU A 1 43  ? 1.517   -5.932  1.837   1.00 25.07 ? 43  LEU A N     1 
ATOM   129 C CA    . LEU A 1 43  ? 1.552   -4.892  2.844   1.00 24.41 ? 43  LEU A CA    1 
ATOM   130 C C     . LEU A 1 43  ? 0.422   -5.136  3.837   1.00 27.02 ? 43  LEU A C     1 
ATOM   131 O O     . LEU A 1 43  ? -0.710  -5.396  3.452   1.00 26.25 ? 43  LEU A O     1 
ATOM   132 C CB    . LEU A 1 43  ? 1.443   -3.459  2.195   1.00 22.49 ? 43  LEU A CB    1 
ATOM   133 C CG    . LEU A 1 43  ? 2.552   -2.993  1.270   1.00 19.23 ? 43  LEU A CG    1 
ATOM   134 C CD1   . LEU A 1 43  ? 2.159   -1.669  0.674   1.00 20.95 ? 43  LEU A CD1   1 
ATOM   135 C CD2   . LEU A 1 43  ? 3.866   -2.842  2.032   1.00 25.62 ? 43  LEU A CD2   1 
HETATM 136 N N     . CSO A 1 44  ? 0.762   -5.109  5.129   1.00 30.30 ? 44  CSO A N     1 
HETATM 137 C CA    . CSO A 1 44  ? -0.223  -5.177  6.227   1.00 33.75 ? 44  CSO A CA    1 
HETATM 138 C CB    . CSO A 1 44  ? 0.160   -6.330  7.157   1.00 33.28 ? 44  CSO A CB    1 
HETATM 139 S SG    . CSO A 1 44  ? 0.431   -7.868  6.236   1.00 52.16 ? 44  CSO A SG    1 
HETATM 140 C C     . CSO A 1 44  ? -0.215  -3.872  7.050   1.00 34.41 ? 44  CSO A C     1 
HETATM 141 O O     . CSO A 1 44  ? 0.790   -3.150  7.009   1.00 34.35 ? 44  CSO A O     1 
HETATM 142 O OD    . CSO A 1 44  ? 2.108   -8.144  5.682   1.00 42.16 ? 44  CSO A OD    1 
ATOM   143 N N     . SER A 1 45  ? -1.302  -3.569  7.795   1.00 33.63 ? 45  SER A N     1 
ATOM   144 C CA    . SER A 1 45  ? -1.276  -2.434  8.746   1.00 32.23 ? 45  SER A CA    1 
ATOM   145 C C     . SER A 1 45  ? -0.684  -2.882  10.057  1.00 32.48 ? 45  SER A C     1 
ATOM   146 O O     . SER A 1 45  ? -0.901  -3.986  10.510  1.00 31.24 ? 45  SER A O     1 
ATOM   147 C CB    . SER A 1 45  ? -2.659  -1.761  9.034   1.00 34.84 ? 45  SER A CB    1 
ATOM   148 O OG    . SER A 1 45  ? -2.518  -0.766  10.098  1.00 38.37 ? 45  SER A OG    1 
ATOM   149 N N     . THR A 1 46  ? 0.064   -2.014  10.708  1.00 31.11 ? 46  THR A N     1 
ATOM   150 C CA    . THR A 1 46  ? 0.644   -2.451  11.953  1.00 29.83 ? 46  THR A CA    1 
ATOM   151 C C     . THR A 1 46  ? -0.384  -2.327  13.081  1.00 27.19 ? 46  THR A C     1 
ATOM   152 O O     . THR A 1 46  ? -0.148  -2.738  14.201  1.00 27.28 ? 46  THR A O     1 
ATOM   153 C CB    . THR A 1 46  ? 1.903   -1.656  12.264  1.00 32.61 ? 46  THR A CB    1 
ATOM   154 O OG1   . THR A 1 46  ? 1.649   -0.283  11.993  1.00 33.09 ? 46  THR A OG1   1 
ATOM   155 C CG2   . THR A 1 46  ? 3.057   -2.132  11.366  1.00 37.57 ? 46  THR A CG2   1 
ATOM   156 N N     . SER A 1 47  ? -1.531  -1.736  12.787  1.00 26.22 ? 47  SER A N     1 
ATOM   157 C CA    . SER A 1 47  ? -2.500  -1.469  13.829  1.00 30.96 ? 47  SER A CA    1 
ATOM   158 C C     . SER A 1 47  ? -3.838  -2.066  13.471  1.00 30.57 ? 47  SER A C     1 
ATOM   159 O O     . SER A 1 47  ? -4.184  -2.197  12.314  1.00 33.55 ? 47  SER A O     1 
ATOM   160 C CB    . SER A 1 47  ? -2.702  0.038   14.030  1.00 31.64 ? 47  SER A CB    1 
ATOM   161 O OG    . SER A 1 47  ? -1.713  0.512   14.918  1.00 33.77 ? 47  SER A OG    1 
ATOM   162 N N     . HIS A 1 48  ? -4.584  -2.392  14.498  1.00 27.80 ? 48  HIS A N     1 
ATOM   163 C CA    . HIS A 1 48  ? -5.927  -2.749  14.311  1.00 31.96 ? 48  HIS A CA    1 
ATOM   164 C C     . HIS A 1 48  ? -6.668  -1.434  14.045  1.00 32.20 ? 48  HIS A C     1 
ATOM   165 O O     . HIS A 1 48  ? -6.648  -0.516  14.896  1.00 34.18 ? 48  HIS A O     1 
ATOM   166 C CB    . HIS A 1 48  ? -6.483  -3.393  15.597  1.00 30.73 ? 48  HIS A CB    1 
ATOM   167 C CG    . HIS A 1 48  ? -7.896  -3.846  15.432  1.00 36.71 ? 48  HIS A CG    1 
ATOM   168 N ND1   . HIS A 1 48  ? -8.221  -5.064  14.875  1.00 39.71 ? 48  HIS A ND1   1 
ATOM   169 C CD2   . HIS A 1 48  ? -9.072  -3.215  15.666  1.00 44.62 ? 48  HIS A CD2   1 
ATOM   170 C CE1   . HIS A 1 48  ? -9.533  -5.174  14.793  1.00 35.69 ? 48  HIS A CE1   1 
ATOM   171 N NE2   . HIS A 1 48  ? -10.075 -4.071  15.273  1.00 40.86 ? 48  HIS A NE2   1 
ATOM   172 N N     . THR A 1 49  ? -7.329  -1.335  12.917  1.00 32.41 ? 49  THR A N     1 
ATOM   173 C CA    . THR A 1 49  ? -8.172  -0.147  12.701  1.00 33.87 ? 49  THR A CA    1 
ATOM   174 C C     . THR A 1 49  ? -9.589  -0.417  12.118  1.00 28.57 ? 49  THR A C     1 
ATOM   175 O O     . THR A 1 49  ? -9.820  -1.343  11.327  1.00 25.90 ? 49  THR A O     1 
ATOM   176 C CB    . THR A 1 49  ? -7.354  1.118   12.080  1.00 37.63 ? 49  THR A CB    1 
ATOM   177 O OG1   . THR A 1 49  ? -8.062  1.779   11.013  1.00 46.32 ? 49  THR A OG1   1 
ATOM   178 C CG2   . THR A 1 49  ? -5.818  0.804   11.698  1.00 34.30 ? 49  THR A CG2   1 
ATOM   179 N N     . VAL A 1 50  ? -10.535 0.379   12.582  1.00 25.56 ? 50  VAL A N     1 
ATOM   180 C CA    . VAL A 1 50  ? -11.912 0.261   12.122  1.00 22.54 ? 50  VAL A CA    1 
ATOM   181 C C     . VAL A 1 50  ? -12.166 1.466   11.229  1.00 20.66 ? 50  VAL A C     1 
ATOM   182 O O     . VAL A 1 50  ? -11.814 2.571   11.578  1.00 20.20 ? 50  VAL A O     1 
ATOM   183 C CB    . VAL A 1 50  ? -12.871 0.223   13.312  1.00 23.33 ? 50  VAL A CB    1 
ATOM   184 C CG1   . VAL A 1 50  ? -14.326 -0.012  12.774  1.00 23.34 ? 50  VAL A CG1   1 
ATOM   185 C CG2   . VAL A 1 50  ? -12.428 -0.824  14.432  1.00 28.51 ? 50  VAL A CG2   1 
ATOM   186 N N     . LEU A 1 51  ? -12.760 1.258   10.068  1.00 18.37 ? 51  LEU A N     1 
ATOM   187 C CA    . LEU A 1 51  ? -13.022 2.352   9.097   1.00 19.90 ? 51  LEU A CA    1 
ATOM   188 C C     . LEU A 1 51  ? -14.515 2.381   8.738   1.00 20.79 ? 51  LEU A C     1 
ATOM   189 O O     . LEU A 1 51  ? -15.140 1.354   8.585   1.00 20.53 ? 51  LEU A O     1 
ATOM   190 C CB    . LEU A 1 51  ? -12.222 2.128   7.803   1.00 19.30 ? 51  LEU A CB    1 
ATOM   191 C CG    . LEU A 1 51  ? -10.705 2.149   7.982   1.00 23.16 ? 51  LEU A CG    1 
ATOM   192 C CD1   . LEU A 1 51  ? -10.119 1.999   6.600   1.00 30.83 ? 51  LEU A CD1   1 
ATOM   193 C CD2   . LEU A 1 51  ? -10.177 3.454   8.583   1.00 26.21 ? 51  LEU A CD2   1 
ATOM   194 N N     . THR A 1 52  ? -15.099 3.568   8.686   1.00 17.56 ? 52  THR A N     1 
ATOM   195 C CA    . THR A 1 52  ? -16.501 3.662   8.319   1.00 20.49 ? 52  THR A CA    1 
ATOM   196 C C     . THR A 1 52  ? -16.454 4.562   7.085   1.00 21.08 ? 52  THR A C     1 
ATOM   197 O O     . THR A 1 52  ? -15.506 5.323   6.943   1.00 22.45 ? 52  THR A O     1 
ATOM   198 C CB    . THR A 1 52  ? -17.300 4.375   9.358   1.00 17.60 ? 52  THR A CB    1 
ATOM   199 O OG1   . THR A 1 52  ? -16.631 5.588   9.675   1.00 23.44 ? 52  THR A OG1   1 
ATOM   200 C CG2   . THR A 1 52  ? -17.438 3.484   10.664  1.00 24.95 ? 52  THR A CG2   1 
ATOM   201 N N     . PRO A 1 53  ? -17.481 4.499   6.237   1.00 24.13 ? 53  PRO A N     1 
ATOM   202 C CA    . PRO A 1 53  ? -17.522 5.343   5.018   1.00 27.19 ? 53  PRO A CA    1 
ATOM   203 C C     . PRO A 1 53  ? -17.403 6.841   5.327   1.00 29.05 ? 53  PRO A C     1 
ATOM   204 O O     . PRO A 1 53  ? -16.647 7.582   4.657   1.00 29.20 ? 53  PRO A O     1 
ATOM   205 C CB    . PRO A 1 53  ? -18.863 4.992   4.379   1.00 27.84 ? 53  PRO A CB    1 
ATOM   206 C CG    . PRO A 1 53  ? -19.137 3.595   4.853   1.00 26.19 ? 53  PRO A CG    1 
ATOM   207 C CD    . PRO A 1 53  ? -18.635 3.594   6.319   1.00 22.61 ? 53  PRO A CD    1 
ATOM   208 N N     . GLU A 1 54  ? -18.055 7.271   6.389   1.00 26.44 ? 54  GLU A N     1 
ATOM   209 C CA    A GLU A 1 54  ? -18.050 8.691   6.662   0.50 24.55 ? 54  GLU A CA    1 
ATOM   210 C CA    B GLU A 1 54  ? -18.063 8.677   6.777   0.50 26.04 ? 54  GLU A CA    1 
ATOM   211 C C     . GLU A 1 54  ? -16.682 9.167   7.132   1.00 26.03 ? 54  GLU A C     1 
ATOM   212 O O     . GLU A 1 54  ? -16.429 10.367  7.137   1.00 25.29 ? 54  GLU A O     1 
ATOM   213 C CB    A GLU A 1 54  ? -19.187 9.112   7.611   0.50 25.47 ? 54  GLU A CB    1 
ATOM   214 C CB    B GLU A 1 54  ? -18.963 8.904   7.996   0.50 27.55 ? 54  GLU A CB    1 
ATOM   215 C CG    A GLU A 1 54  ? -19.028 8.694   9.065   0.50 20.47 ? 54  GLU A CG    1 
ATOM   216 C CG    B GLU A 1 54  ? -20.433 8.784   7.717   0.50 32.60 ? 54  GLU A CG    1 
ATOM   217 C CD    A GLU A 1 54  ? -19.469 7.270   9.341   0.50 25.96 ? 54  GLU A CD    1 
ATOM   218 C CD    B GLU A 1 54  ? -20.898 7.354   7.511   0.50 35.11 ? 54  GLU A CD    1 
ATOM   219 O OE1   A GLU A 1 54  ? -19.742 6.500   8.360   0.50 18.35 ? 54  GLU A OE1   1 
ATOM   220 O OE1   B GLU A 1 54  ? -20.362 6.417   8.158   0.50 30.16 ? 54  GLU A OE1   1 
ATOM   221 O OE2   A GLU A 1 54  ? -19.517 6.918   10.556  0.50 19.80 ? 54  GLU A OE2   1 
ATOM   222 O OE2   B GLU A 1 54  ? -21.813 7.175   6.688   0.50 23.83 ? 54  GLU A OE2   1 
ATOM   223 N N     . MET A 1 55  ? -15.776 8.252   7.497   1.00 20.97 ? 55  MET A N     1 
ATOM   224 C CA    . MET A 1 55  ? -14.456 8.708   7.853   1.00 23.68 ? 55  MET A CA    1 
ATOM   225 C C     . MET A 1 55  ? -13.627 9.206   6.689   1.00 26.77 ? 55  MET A C     1 
ATOM   226 O O     . MET A 1 55  ? -12.617 9.882   6.908   1.00 29.88 ? 55  MET A O     1 
ATOM   227 C CB    . MET A 1 55  ? -13.648 7.608   8.544   1.00 22.32 ? 55  MET A CB    1 
ATOM   228 C CG    . MET A 1 55  ? -14.048 7.431   9.967   1.00 25.03 ? 55  MET A CG    1 
ATOM   229 S SD    . MET A 1 55  ? -13.335 5.883   10.593  1.00 23.65 ? 55  MET A SD    1 
ATOM   230 C CE    . MET A 1 55  ? -11.631 6.244   10.815  1.00 28.03 ? 55  MET A CE    1 
ATOM   231 N N     . GLY A 1 56  ? -13.980 8.821   5.479   1.00 27.05 ? 56  GLY A N     1 
ATOM   232 C CA    . GLY A 1 56  ? -13.091 9.191   4.386   1.00 31.08 ? 56  GLY A CA    1 
ATOM   233 C C     . GLY A 1 56  ? -11.687 8.584   4.413   1.00 31.86 ? 56  GLY A C     1 
ATOM   234 O O     . GLY A 1 56  ? -11.361 7.753   5.293   1.00 35.18 ? 56  GLY A O     1 
ATOM   235 N N     . PRO A 1 57  ? -10.832 9.016   3.457   1.00 29.59 ? 57  PRO A N     1 
ATOM   236 C CA    . PRO A 1 57  ? -9.527  8.411   3.315   1.00 28.53 ? 57  PRO A CA    1 
ATOM   237 C C     . PRO A 1 57  ? -8.751  8.388   4.638   1.00 28.46 ? 57  PRO A C     1 
ATOM   238 O O     . PRO A 1 57  ? -8.713  9.377   5.387   1.00 26.79 ? 57  PRO A O     1 
ATOM   239 C CB    . PRO A 1 57  ? -8.843  9.286   2.255   1.00 27.23 ? 57  PRO A CB    1 
ATOM   240 C CG    . PRO A 1 57  ? -9.999  9.741   1.403   1.00 28.23 ? 57  PRO A CG    1 
ATOM   241 C CD    . PRO A 1 57  ? -11.081 10.031  2.412   1.00 28.31 ? 57  PRO A CD    1 
ATOM   242 N N     . GLN A 1 58  ? -8.173  7.240   4.929   1.00 25.99 ? 58  GLN A N     1 
ATOM   243 C CA    . GLN A 1 58  ? -7.348  7.098   6.103   1.00 24.57 ? 58  GLN A CA    1 
ATOM   244 C C     . GLN A 1 58  ? -5.995  6.550   5.738   1.00 25.15 ? 58  GLN A C     1 
ATOM   245 O O     . GLN A 1 58  ? -5.922  5.728   4.863   1.00 28.00 ? 58  GLN A O     1 
ATOM   246 C CB    . GLN A 1 58  ? -8.014  6.135   7.049   1.00 26.35 ? 58  GLN A CB    1 
ATOM   247 C CG    . GLN A 1 58  ? -9.275  6.646   7.704   1.00 33.91 ? 58  GLN A CG    1 
ATOM   248 C CD    . GLN A 1 58  ? -9.062  7.816   8.609   1.00 39.23 ? 58  GLN A CD    1 
ATOM   249 O OE1   . GLN A 1 58  ? -8.444  7.710   9.686   1.00 35.06 ? 58  GLN A OE1   1 
ATOM   250 N NE2   . GLN A 1 58  ? -9.634  8.941   8.223   1.00 28.46 ? 58  GLN A NE2   1 
ATOM   251 N N     . ALA A 1 59  ? -4.917  6.983   6.418   1.00 23.53 ? 59  ALA A N     1 
ATOM   252 C CA    . ALA A 1 59  ? -3.571  6.458   6.049   1.00 25.10 ? 59  ALA A CA    1 
ATOM   253 C C     . ALA A 1 59  ? -3.194  5.388   7.031   1.00 29.00 ? 59  ALA A C     1 
ATOM   254 O O     . ALA A 1 59  ? -3.047  5.701   8.225   1.00 27.16 ? 59  ALA A O     1 
ATOM   255 C CB    . ALA A 1 59  ? -2.528  7.576   6.078   1.00 25.89 ? 59  ALA A CB    1 
ATOM   256 N N     . LEU A 1 60  ? -3.091  4.121   6.576   1.00 24.29 ? 60  LEU A N     1 
ATOM   257 C CA    . LEU A 1 60  ? -2.761  3.030   7.492   1.00 25.39 ? 60  LEU A CA    1 
ATOM   258 C C     . LEU A 1 60  ? -1.275  2.798   7.548   1.00 25.54 ? 60  LEU A C     1 
ATOM   259 O O     . LEU A 1 60  ? -0.647  2.833   6.517   1.00 24.02 ? 60  LEU A O     1 
ATOM   260 C CB    . LEU A 1 60  ? -3.439  1.746   7.003   1.00 23.26 ? 60  LEU A CB    1 
ATOM   261 C CG    . LEU A 1 60  ? -4.937  1.974   6.727   1.00 32.17 ? 60  LEU A CG    1 
ATOM   262 C CD1   . LEU A 1 60  ? -5.482  0.661   6.167   1.00 28.48 ? 60  LEU A CD1   1 
ATOM   263 C CD2   . LEU A 1 60  ? -5.557  2.280   8.090   1.00 32.84 ? 60  LEU A CD2   1 
ATOM   264 N N     . SER A 1 61  ? -0.702  2.626   8.756   1.00 26.30 ? 61  SER A N     1 
ATOM   265 C CA    . SER A 1 61  ? 0.738   2.514   8.903   1.00 27.50 ? 61  SER A CA    1 
ATOM   266 C C     . SER A 1 61  ? 1.162   1.096   8.547   1.00 26.53 ? 61  SER A C     1 
ATOM   267 O O     . SER A 1 61  ? 0.426   0.150   8.800   1.00 27.08 ? 61  SER A O     1 
ATOM   268 C CB    . SER A 1 61  ? 1.119   2.814   10.378  1.00 30.26 ? 61  SER A CB    1 
ATOM   269 O OG    . SER A 1 61  ? 0.808   4.178   10.644  1.00 36.72 ? 61  SER A OG    1 
ATOM   270 N N     . THR A 1 62  ? 2.352   0.923   7.979   1.00 26.93 ? 62  THR A N     1 
ATOM   271 C CA    . THR A 1 62  ? 2.786   -0.408  7.653   1.00 28.51 ? 62  THR A CA    1 
ATOM   272 C C     . THR A 1 62  ? 4.038   -0.770  8.382   1.00 28.13 ? 62  THR A C     1 
ATOM   273 O O     . THR A 1 62  ? 4.424   -1.909  8.416   1.00 29.34 ? 62  THR A O     1 
ATOM   274 C CB    . THR A 1 62  ? 3.090   -0.573  6.163   1.00 29.57 ? 62  THR A CB    1 
ATOM   275 O OG1   . THR A 1 62  ? 4.066   0.384   5.824   1.00 25.71 ? 62  THR A OG1   1 
ATOM   276 C CG2   . THR A 1 62  ? 1.840   -0.367  5.309   1.00 28.28 ? 62  THR A CG2   1 
ATOM   277 N N     . GLY A 1 63  ? 4.729   0.222   8.887   1.00 25.26 ? 63  GLY A N     1 
ATOM   278 C CA    . GLY A 1 63  ? 6.025   -0.018  9.518   1.00 27.40 ? 63  GLY A CA    1 
ATOM   279 C C     . GLY A 1 63  ? 7.119   -0.262  8.477   1.00 25.20 ? 63  GLY A C     1 
ATOM   280 O O     . GLY A 1 63  ? 8.243   -0.583  8.842   1.00 24.90 ? 63  GLY A O     1 
ATOM   281 N N     . ILE A 1 64  ? 6.796   -0.138  7.193   1.00 24.35 ? 64  ILE A N     1 
ATOM   282 C CA    . ILE A 1 64  ? 7.785   -0.390  6.106   1.00 22.23 ? 64  ILE A CA    1 
ATOM   283 C C     . ILE A 1 64  ? 8.196   0.937   5.499   1.00 22.27 ? 64  ILE A C     1 
ATOM   284 O O     . ILE A 1 64  ? 7.336   1.808   5.285   1.00 24.70 ? 64  ILE A O     1 
ATOM   285 C CB    . ILE A 1 64  ? 7.166   -1.207  4.928   1.00 20.46 ? 64  ILE A CB    1 
ATOM   286 C CG1   . ILE A 1 64  ? 6.548   -2.500  5.505   1.00 21.42 ? 64  ILE A CG1   1 
ATOM   287 C CG2   . ILE A 1 64  ? 8.272   -1.547  3.961   1.00 16.98 ? 64  ILE A CG2   1 
ATOM   288 C CD1   . ILE A 1 64  ? 7.601   -3.388  6.109   1.00 21.36 ? 64  ILE A CD1   1 
ATOM   289 N N     . TYR A 1 65  ? 9.485   1.084   5.178   1.00 20.15 ? 65  TYR A N     1 
ATOM   290 C CA    . TYR A 1 65  ? 10.009  2.353   4.748   1.00 22.04 ? 65  TYR A CA    1 
ATOM   291 C C     . TYR A 1 65  ? 10.636  2.262   3.398   1.00 21.97 ? 65  TYR A C     1 
ATOM   292 O O     . TYR A 1 65  ? 11.233  1.223   3.047   1.00 21.40 ? 65  TYR A O     1 
ATOM   293 C CB    . TYR A 1 65  ? 11.105  2.775   5.784   1.00 22.69 ? 65  TYR A CB    1 
ATOM   294 C CG    . TYR A 1 65  ? 10.457  3.269   7.039   1.00 27.88 ? 65  TYR A CG    1 
ATOM   295 C CD1   . TYR A 1 65  ? 9.858   2.377   7.917   1.00 22.98 ? 65  TYR A CD1   1 
ATOM   296 C CD2   . TYR A 1 65  ? 10.375  4.651   7.318   1.00 24.96 ? 65  TYR A CD2   1 
ATOM   297 C CE1   . TYR A 1 65  ? 9.211   2.810   9.090   1.00 25.71 ? 65  TYR A CE1   1 
ATOM   298 C CE2   . TYR A 1 65  ? 9.735   5.102   8.484   1.00 23.56 ? 65  TYR A CE2   1 
ATOM   299 C CZ    . TYR A 1 65  ? 9.139   4.168   9.351   1.00 27.43 ? 65  TYR A CZ    1 
ATOM   300 O OH    . TYR A 1 65  ? 8.508   4.582   10.497  1.00 31.62 ? 65  TYR A OH    1 
ATOM   301 N N     . GLY A 1 66  ? 10.547  3.355   2.631   1.00 19.76 ? 66  GLY A N     1 
ATOM   302 C CA    . GLY A 1 66  ? 11.410  3.469   1.469   1.00 21.82 ? 66  GLY A CA    1 
ATOM   303 C C     . GLY A 1 66  ? 12.861  3.529   1.949   1.00 21.98 ? 66  GLY A C     1 
ATOM   304 O O     . GLY A 1 66  ? 13.148  3.624   3.182   1.00 18.80 ? 66  GLY A O     1 
ATOM   305 N N     . PRO A 1 67  ? 13.799  3.642   1.019   1.00 20.88 ? 67  PRO A N     1 
ATOM   306 C CA    . PRO A 1 67  ? 13.671  3.894   -0.420  1.00 20.49 ? 67  PRO A CA    1 
ATOM   307 C C     . PRO A 1 67  ? 13.591  2.631   -1.254  1.00 23.82 ? 67  PRO A C     1 
ATOM   308 O O     . PRO A 1 67  ? 13.666  1.503   -0.711  1.00 24.80 ? 67  PRO A O     1 
ATOM   309 C CB    . PRO A 1 67  ? 14.969  4.671   -0.731  1.00 19.08 ? 67  PRO A CB    1 
ATOM   310 C CG    . PRO A 1 67  ? 15.980  3.921   0.185   1.00 20.92 ? 67  PRO A CG    1 
ATOM   311 C CD    . PRO A 1 67  ? 15.195  3.769   1.483   1.00 19.62 ? 67  PRO A CD    1 
ATOM   312 N N     . LEU A 1 68  ? 13.480  2.806   -2.560  1.00 21.61 ? 68  LEU A N     1 
ATOM   313 C CA    . LEU A 1 68  ? 13.222  1.698   -3.421  1.00 23.18 ? 68  LEU A CA    1 
ATOM   314 C C     . LEU A 1 68  ? 14.487  1.361   -4.145  1.00 22.79 ? 68  LEU A C     1 
ATOM   315 O O     . LEU A 1 68  ? 15.475  2.125   -4.025  1.00 23.94 ? 68  LEU A O     1 
ATOM   316 C CB    . LEU A 1 68  ? 12.143  2.098   -4.405  1.00 24.44 ? 68  LEU A CB    1 
ATOM   317 C CG    . LEU A 1 68  ? 10.822  2.465   -3.664  1.00 32.31 ? 68  LEU A CG    1 
ATOM   318 C CD1   . LEU A 1 68  ? 9.763   2.505   -4.656  1.00 31.81 ? 68  LEU A CD1   1 
ATOM   319 C CD2   . LEU A 1 68  ? 10.409  1.457   -2.607  1.00 34.81 ? 68  LEU A CD2   1 
ATOM   320 N N     . PRO A 1 69  ? 14.520  0.184   -4.803  1.00 24.64 ? 69  PRO A N     1 
ATOM   321 C CA    . PRO A 1 69  ? 15.647  -0.219  -5.653  1.00 25.38 ? 69  PRO A CA    1 
ATOM   322 C C     . PRO A 1 69  ? 15.974  0.820   -6.697  1.00 24.96 ? 69  PRO A C     1 
ATOM   323 O O     . PRO A 1 69  ? 15.071  1.481   -7.206  1.00 28.45 ? 69  PRO A O     1 
ATOM   324 C CB    . PRO A 1 69  ? 15.132  -1.486  -6.356  1.00 26.53 ? 69  PRO A CB    1 
ATOM   325 C CG    . PRO A 1 69  ? 14.240  -2.119  -5.337  1.00 27.04 ? 69  PRO A CG    1 
ATOM   326 C CD    . PRO A 1 69  ? 13.510  -0.904  -4.689  1.00 23.60 ? 69  PRO A CD    1 
ATOM   327 N N     . PRO A 1 70  ? 17.265  0.992   -7.028  1.00 24.97 ? 70  PRO A N     1 
ATOM   328 C CA    . PRO A 1 70  ? 17.623  2.005   -7.998  1.00 25.27 ? 70  PRO A CA    1 
ATOM   329 C C     . PRO A 1 70  ? 16.761  1.872   -9.293  1.00 23.68 ? 70  PRO A C     1 
ATOM   330 O O     . PRO A 1 70  ? 16.412  0.757   -9.689  1.00 26.18 ? 70  PRO A O     1 
ATOM   331 C CB    . PRO A 1 70  ? 19.119  1.749   -8.252  1.00 24.55 ? 70  PRO A CB    1 
ATOM   332 C CG    . PRO A 1 70  ? 19.458  0.497   -7.523  1.00 27.22 ? 70  PRO A CG    1 
ATOM   333 C CD    . PRO A 1 70  ? 18.431  0.242   -6.509  1.00 21.45 ? 70  PRO A CD    1 
ATOM   334 N N     . ASN A 1 71  ? 16.391  3.003   -9.892  1.00 25.70 ? 71  ASN A N     1 
ATOM   335 C CA    . ASN A 1 71  ? 15.660  3.045   -11.183 1.00 26.29 ? 71  ASN A CA    1 
ATOM   336 C C     . ASN A 1 71  ? 14.261  2.455   -11.133 1.00 26.77 ? 71  ASN A C     1 
ATOM   337 O O     . ASN A 1 71  ? 13.713  2.023   -12.162 1.00 23.15 ? 71  ASN A O     1 
ATOM   338 C CB    . ASN A 1 71  ? 16.482  2.369   -12.304 1.00 27.06 ? 71  ASN A CB    1 
ATOM   339 C CG    . ASN A 1 71  ? 17.947  2.798   -12.282 1.00 31.46 ? 71  ASN A CG    1 
ATOM   340 O OD1   . ASN A 1 71  ? 18.237  3.968   -12.377 1.00 35.10 ? 71  ASN A OD1   1 
ATOM   341 N ND2   . ASN A 1 71  ? 18.861  1.842   -12.127 1.00 32.06 ? 71  ASN A ND2   1 
ATOM   342 N N     . THR A 1 72  ? 13.702  2.385   -9.932  1.00 26.00 ? 72  THR A N     1 
ATOM   343 C CA    . THR A 1 72  ? 12.296  1.900   -9.792  1.00 25.87 ? 72  THR A CA    1 
ATOM   344 C C     . THR A 1 72  ? 11.501  2.881   -8.946  1.00 26.33 ? 72  THR A C     1 
ATOM   345 O O     . THR A 1 72  ? 12.074  3.634   -8.127  1.00 26.86 ? 72  THR A O     1 
ATOM   346 C CB    . THR A 1 72  ? 12.193  0.487   -9.115  1.00 26.55 ? 72  THR A CB    1 
ATOM   347 O OG1   . THR A 1 72  ? 12.378  0.595   -7.703  1.00 27.50 ? 72  THR A OG1   1 
ATOM   348 C CG2   . THR A 1 72  ? 13.196  -0.494  -9.698  1.00 25.49 ? 72  THR A CG2   1 
ATOM   349 N N     . PHE A 1 73  ? 10.184  2.860   -9.123  1.00 23.62 ? 73  PHE A N     1 
ATOM   350 C CA    . PHE A 1 73  ? 9.313   3.544   -8.196  1.00 22.55 ? 73  PHE A CA    1 
ATOM   351 C C     . PHE A 1 73  ? 8.279   2.521   -7.773  1.00 24.38 ? 73  PHE A C     1 
ATOM   352 O O     . PHE A 1 73  ? 8.256   1.420   -8.307  1.00 25.98 ? 73  PHE A O     1 
ATOM   353 C CB    . PHE A 1 73  ? 8.673   4.744   -8.848  1.00 24.53 ? 73  PHE A CB    1 
ATOM   354 C CG    . PHE A 1 73  ? 7.607   4.430   -9.858  1.00 26.86 ? 73  PHE A CG    1 
ATOM   355 C CD1   . PHE A 1 73  ? 6.268   4.485   -9.480  1.00 26.95 ? 73  PHE A CD1   1 
ATOM   356 C CD2   . PHE A 1 73  ? 7.916   4.159   -11.196 1.00 21.43 ? 73  PHE A CD2   1 
ATOM   357 C CE1   . PHE A 1 73  ? 5.281   4.214   -10.373 1.00 25.97 ? 73  PHE A CE1   1 
ATOM   358 C CE2   . PHE A 1 73  ? 6.883   3.966   -12.133 1.00 22.94 ? 73  PHE A CE2   1 
ATOM   359 C CZ    . PHE A 1 73  ? 5.586   3.978   -11.712 1.00 22.34 ? 73  PHE A CZ    1 
ATOM   360 N N     . GLY A 1 74  ? 7.421   2.885   -6.838  1.00 22.67 ? 74  GLY A N     1 
ATOM   361 C CA    . GLY A 1 74  ? 6.535   1.869   -6.256  1.00 21.61 ? 74  GLY A CA    1 
ATOM   362 C C     . GLY A 1 74  ? 5.100   2.287   -6.480  1.00 22.91 ? 74  GLY A C     1 
ATOM   363 O O     . GLY A 1 74  ? 4.793   3.485   -6.575  1.00 23.66 ? 74  GLY A O     1 
ATOM   364 N N     . LEU A 1 75  ? 4.212   1.300   -6.612  1.00 22.57 ? 75  LEU A N     1 
ATOM   365 C CA    . LEU A 1 75  ? 2.784   1.620   -6.718  1.00 23.82 ? 75  LEU A CA    1 
ATOM   366 C C     . LEU A 1 75  ? 2.059   0.780   -5.671  1.00 25.02 ? 75  LEU A C     1 
ATOM   367 O O     . LEU A 1 75  ? 2.225   -0.445  -5.653  1.00 23.02 ? 75  LEU A O     1 
ATOM   368 C CB    . LEU A 1 75  ? 2.331   1.278   -8.141  1.00 25.67 ? 75  LEU A CB    1 
ATOM   369 C CG    . LEU A 1 75  ? 0.890   1.579   -8.493  1.00 33.29 ? 75  LEU A CG    1 
ATOM   370 C CD1   . LEU A 1 75  ? 0.510   3.085   -8.172  1.00 35.72 ? 75  LEU A CD1   1 
ATOM   371 C CD2   . LEU A 1 75  ? 0.725   1.209   -10.023 1.00 31.12 ? 75  LEU A CD2   1 
ATOM   372 N N     . ILE A 1 76  ? 1.314   1.444   -4.770  1.00 22.93 ? 76  ILE A N     1 
ATOM   373 C CA    A ILE A 1 76  ? 0.504   0.730   -3.770  0.50 22.86 ? 76  ILE A CA    1 
ATOM   374 C CA    B ILE A 1 76  ? 0.513   0.737   -3.779  0.50 22.53 ? 76  ILE A CA    1 
ATOM   375 C C     . ILE A 1 76  ? -0.879  0.513   -4.387  1.00 21.80 ? 76  ILE A C     1 
ATOM   376 O O     . ILE A 1 76  ? -1.492  1.443   -4.804  1.00 24.10 ? 76  ILE A O     1 
ATOM   377 C CB    A ILE A 1 76  ? 0.299   1.518   -2.473  0.50 21.46 ? 76  ILE A CB    1 
ATOM   378 C CB    B ILE A 1 76  ? 0.435   1.540   -2.481  0.50 21.28 ? 76  ILE A CB    1 
ATOM   379 C CG1   A ILE A 1 76  ? 1.605   1.688   -1.711  0.50 24.58 ? 76  ILE A CG1   1 
ATOM   380 C CG1   B ILE A 1 76  ? 1.847   2.042   -2.142  0.50 17.16 ? 76  ILE A CG1   1 
ATOM   381 C CG2   A ILE A 1 76  ? -0.760  0.853   -1.578  0.50 17.00 ? 76  ILE A CG2   1 
ATOM   382 C CG2   B ILE A 1 76  ? -0.187  0.709   -1.361  0.50 19.35 ? 76  ILE A CG2   1 
ATOM   383 C CD1   A ILE A 1 76  ? 1.339   2.430   -0.399  0.50 18.52 ? 76  ILE A CD1   1 
ATOM   384 C CD1   B ILE A 1 76  ? 2.760   0.937   -1.863  0.50 14.22 ? 76  ILE A CD1   1 
ATOM   385 N N     . LEU A 1 77  ? -1.295  -0.744  -4.437  1.00 22.47 ? 77  LEU A N     1 
ATOM   386 C CA    . LEU A 1 77  ? -2.631  -1.103  -4.887  1.00 25.88 ? 77  LEU A CA    1 
ATOM   387 C C     . LEU A 1 77  ? -3.281  -2.047  -3.903  1.00 24.66 ? 77  LEU A C     1 
ATOM   388 O O     . LEU A 1 77  ? -2.583  -2.710  -3.129  1.00 23.58 ? 77  LEU A O     1 
ATOM   389 C CB    . LEU A 1 77  ? -2.541  -1.766  -6.287  1.00 26.04 ? 77  LEU A CB    1 
ATOM   390 C CG    . LEU A 1 77  ? -2.065  -0.828  -7.419  1.00 28.61 ? 77  LEU A CG    1 
ATOM   391 C CD1   . LEU A 1 77  ? -1.993  -1.602  -8.768  1.00 30.19 ? 77  LEU A CD1   1 
ATOM   392 C CD2   . LEU A 1 77  ? -2.980  0.424   -7.552  1.00 27.22 ? 77  LEU A CD2   1 
ATOM   393 N N     . GLY A 1 78  ? -4.604  -2.188  -4.019  1.00 24.46 ? 78  GLY A N     1 
ATOM   394 C CA    . GLY A 1 78  ? -5.378  -3.044  -3.126  1.00 25.98 ? 78  GLY A CA    1 
ATOM   395 C C     . GLY A 1 78  ? -5.235  -4.461  -3.593  1.00 26.70 ? 78  GLY A C     1 
ATOM   396 O O     . GLY A 1 78  ? -4.726  -4.709  -4.700  1.00 25.62 ? 78  GLY A O     1 
ATOM   397 N N     . ARG A 1 79  ? -5.652  -5.402  -2.736  1.00 22.46 ? 79  ARG A N     1 
ATOM   398 C CA    . ARG A 1 79  ? -5.762  -6.795  -3.116  1.00 24.97 ? 79  ARG A CA    1 
ATOM   399 C C     . ARG A 1 79  ? -7.218  -6.963  -3.456  1.00 24.93 ? 79  ARG A C     1 
ATOM   400 O O     . ARG A 1 79  ? -8.050  -6.255  -2.922  1.00 26.04 ? 79  ARG A O     1 
ATOM   401 C CB    . ARG A 1 79  ? -5.300  -7.701  -1.955  1.00 24.20 ? 79  ARG A CB    1 
ATOM   402 C CG    . ARG A 1 79  ? -3.773  -7.673  -1.814  1.00 28.83 ? 79  ARG A CG    1 
ATOM   403 C CD    . ARG A 1 79  ? -3.241  -9.007  -1.458  1.00 45.76 ? 79  ARG A CD    1 
ATOM   404 N NE    . ARG A 1 79  ? -3.082  -9.846  -2.645  1.00 50.81 ? 79  ARG A NE    1 
ATOM   405 C CZ    . ARG A 1 79  ? -1.963  -9.996  -3.375  1.00 47.15 ? 79  ARG A CZ    1 
ATOM   406 N NH1   . ARG A 1 79  ? -0.843  -9.374  -3.056  1.00 36.03 ? 79  ARG A NH1   1 
ATOM   407 N NH2   . ARG A 1 79  ? -1.963  -10.833 -4.419  1.00 34.26 ? 79  ARG A NH2   1 
ATOM   408 N N     . SER A 1 80  ? -7.528  -7.883  -4.339  1.00 23.87 ? 80  SER A N     1 
ATOM   409 C CA    A SER A 1 80  ? -8.907  -8.052  -4.810  0.80 26.86 ? 80  SER A CA    1 
ATOM   410 C CA    B SER A 1 80  ? -8.881  -8.115  -4.838  0.20 24.48 ? 80  SER A CA    1 
ATOM   411 C C     . SER A 1 80  ? -9.840  -8.498  -3.710  1.00 26.26 ? 80  SER A C     1 
ATOM   412 O O     . SER A 1 80  ? -10.986 -8.005  -3.609  1.00 24.61 ? 80  SER A O     1 
ATOM   413 C CB    A SER A 1 80  ? -8.985  -9.006  -6.029  0.80 27.24 ? 80  SER A CB    1 
ATOM   414 C CB    B SER A 1 80  ? -8.819  -9.218  -5.914  0.20 23.99 ? 80  SER A CB    1 
ATOM   415 O OG    A SER A 1 80  ? -8.594  -10.310 -5.688  0.80 35.29 ? 80  SER A OG    1 
ATOM   416 O OG    B SER A 1 80  ? -10.077 -9.493  -6.495  0.20 15.25 ? 80  SER A OG    1 
ATOM   417 N N     . SER A 1 81  ? -9.366  -9.369  -2.823  1.00 27.69 ? 81  SER A N     1 
ATOM   418 C CA    . SER A 1 81  ? -10.311 -9.938  -1.874  1.00 29.20 ? 81  SER A CA    1 
ATOM   419 C C     . SER A 1 81  ? -10.716 -8.887  -0.892  1.00 27.64 ? 81  SER A C     1 
ATOM   420 O O     . SER A 1 81  ? -11.862 -8.836  -0.468  1.00 29.07 ? 81  SER A O     1 
ATOM   421 C CB    . SER A 1 81  ? -9.730  -11.163 -1.192  1.00 30.60 ? 81  SER A CB    1 
ATOM   422 O OG    . SER A 1 81  ? -8.439  -10.843 -0.740  1.00 37.88 ? 81  SER A OG    1 
ATOM   423 N N     . ILE A 1 82  ? -9.787  -8.001  -0.592  1.00 27.34 ? 82  ILE A N     1 
ATOM   424 C CA    . ILE A 1 82  ? -9.980  -6.911  0.345   1.00 25.65 ? 82  ILE A CA    1 
ATOM   425 C C     . ILE A 1 82  ? -10.911 -5.852  -0.260  1.00 25.46 ? 82  ILE A C     1 
ATOM   426 O O     . ILE A 1 82  ? -11.819 -5.346  0.382   1.00 23.26 ? 82  ILE A O     1 
ATOM   427 C CB    . ILE A 1 82  ? -8.628  -6.258  0.611   1.00 29.36 ? 82  ILE A CB    1 
ATOM   428 C CG1   . ILE A 1 82  ? -7.589  -7.295  1.119   1.00 39.16 ? 82  ILE A CG1   1 
ATOM   429 C CG2   . ILE A 1 82  ? -8.792  -5.165  1.564   1.00 26.62 ? 82  ILE A CG2   1 
ATOM   430 C CD1   . ILE A 1 82  ? -7.898  -7.892  2.507   1.00 48.44 ? 82  ILE A CD1   1 
ATOM   431 N N     . THR A 1 83  ? -10.644 -5.515  -1.520  1.00 25.39 ? 83  THR A N     1 
ATOM   432 C CA    . THR A 1 83  ? -11.521 -4.613  -2.255  1.00 23.46 ? 83  THR A CA    1 
ATOM   433 C C     . THR A 1 83  ? -12.964 -5.128  -2.266  1.00 22.60 ? 83  THR A C     1 
ATOM   434 O O     . THR A 1 83  ? -13.937 -4.383  -1.996  1.00 22.26 ? 83  THR A O     1 
ATOM   435 C CB    . THR A 1 83  ? -11.050 -4.477  -3.730  1.00 25.45 ? 83  THR A CB    1 
ATOM   436 O OG1   . THR A 1 83  ? -9.699  -4.046  -3.729  1.00 25.88 ? 83  THR A OG1   1 
ATOM   437 C CG2   . THR A 1 83  ? -11.912 -3.445  -4.453  1.00 23.18 ? 83  THR A CG2   1 
ATOM   438 N N     . MET A 1 84  ? -13.121 -6.412  -2.600  1.00 23.42 ? 84  MET A N     1 
ATOM   439 C CA    . MET A 1 84  ? -14.434 -7.028  -2.611  1.00 24.06 ? 84  MET A CA    1 
ATOM   440 C C     . MET A 1 84  ? -15.130 -7.000  -1.244  1.00 27.33 ? 84  MET A C     1 
ATOM   441 O O     . MET A 1 84  ? -16.353 -6.919  -1.178  1.00 26.87 ? 84  MET A O     1 
ATOM   442 C CB    . MET A 1 84  ? -14.333 -8.443  -3.170  1.00 24.22 ? 84  MET A CB    1 
ATOM   443 C CG    . MET A 1 84  ? -13.865 -8.464  -4.609  1.00 22.14 ? 84  MET A CG    1 
ATOM   444 S SD    . MET A 1 84  ? -14.953 -7.557  -5.746  1.00 32.00 ? 84  MET A SD    1 
ATOM   445 C CE    . MET A 1 84  ? -16.519 -8.264  -5.229  1.00 25.62 ? 84  MET A CE    1 
ATOM   446 N N     . LYS A 1 85  ? -14.357 -7.018  -0.161  1.00 29.06 ? 85  LYS A N     1 
ATOM   447 C CA    . LYS A 1 85  ? -14.909 -6.877  1.192   1.00 31.24 ? 85  LYS A CA    1 
ATOM   448 C C     . LYS A 1 85  ? -15.225 -5.402  1.562   1.00 33.03 ? 85  LYS A C     1 
ATOM   449 O O     . LYS A 1 85  ? -15.626 -5.114  2.686   1.00 35.76 ? 85  LYS A O     1 
ATOM   450 C CB    . LYS A 1 85  ? -13.980 -7.511  2.239   1.00 32.23 ? 85  LYS A CB    1 
ATOM   451 C CG    . LYS A 1 85  ? -13.799 -9.008  2.115   1.00 37.50 ? 85  LYS A CG    1 
ATOM   452 N N     . GLY A 1 86  ? -15.070 -4.464  0.631   1.00 28.80 ? 86  GLY A N     1 
ATOM   453 C CA    . GLY A 1 86  ? -15.503 -3.098  0.907   1.00 28.39 ? 86  GLY A CA    1 
ATOM   454 C C     . GLY A 1 86  ? -14.395 -2.139  1.360   1.00 29.03 ? 86  GLY A C     1 
ATOM   455 O O     . GLY A 1 86  ? -14.686 -1.016  1.714   1.00 31.30 ? 86  GLY A O     1 
ATOM   456 N N     . LEU A 1 87  ? -13.129 -2.567  1.304   1.00 25.32 ? 87  LEU A N     1 
ATOM   457 C CA    . LEU A 1 87  ? -12.029 -1.666  1.567   1.00 25.70 ? 87  LEU A CA    1 
ATOM   458 C C     . LEU A 1 87  ? -11.292 -1.253  0.323   1.00 26.57 ? 87  LEU A C     1 
ATOM   459 O O     . LEU A 1 87  ? -10.680 -2.099  -0.364  1.00 26.30 ? 87  LEU A O     1 
ATOM   460 C CB    . LEU A 1 87  ? -11.085 -2.245  2.611   1.00 27.85 ? 87  LEU A CB    1 
ATOM   461 C CG    . LEU A 1 87  ? -9.913  -1.313  2.950   1.00 30.33 ? 87  LEU A CG    1 
ATOM   462 C CD1   . LEU A 1 87  ? -10.419 -0.291  3.914   1.00 30.72 ? 87  LEU A CD1   1 
ATOM   463 C CD2   . LEU A 1 87  ? -8.857  -2.099  3.594   1.00 34.71 ? 87  LEU A CD2   1 
ATOM   464 N N     . GLN A 1 88  ? -11.474 0.027   -0.030  1.00 25.25 ? 88  GLN A N     1 
ATOM   465 C CA    . GLN A 1 88  ? -10.831 0.634   -1.184  1.00 27.06 ? 88  GLN A CA    1 
ATOM   466 C C     . GLN A 1 88  ? -9.446  1.109   -0.812  1.00 25.83 ? 88  GLN A C     1 
ATOM   467 O O     . GLN A 1 88  ? -9.314  1.860   0.148   1.00 28.60 ? 88  GLN A O     1 
ATOM   468 C CB    . GLN A 1 88  ? -11.602 1.874   -1.614  1.00 26.05 ? 88  GLN A CB    1 
ATOM   469 C CG    . GLN A 1 88  ? -10.884 2.546   -2.735  1.00 25.34 ? 88  GLN A CG    1 
ATOM   470 C CD    . GLN A 1 88  ? -11.750 3.500   -3.509  1.00 40.50 ? 88  GLN A CD    1 
ATOM   471 O OE1   . GLN A 1 88  ? -12.815 3.969   -3.036  1.00 38.26 ? 88  GLN A OE1   1 
ATOM   472 N NE2   . GLN A 1 88  ? -11.300 3.806   -4.709  1.00 29.85 ? 88  GLN A NE2   1 
ATOM   473 N N     . VAL A 1 89  ? -8.434  0.642   -1.545  1.00 21.37 ? 89  VAL A N     1 
ATOM   474 C CA    . VAL A 1 89  ? -7.081  1.211   -1.404  1.00 21.22 ? 89  VAL A CA    1 
ATOM   475 C C     . VAL A 1 89  ? -6.910  2.159   -2.570  1.00 22.49 ? 89  VAL A C     1 
ATOM   476 O O     . VAL A 1 89  ? -7.103  1.755   -3.750  1.00 20.29 ? 89  VAL A O     1 
ATOM   477 C CB    . VAL A 1 89  ? -6.050  0.085   -1.469  1.00 22.22 ? 89  VAL A CB    1 
ATOM   478 C CG1   . VAL A 1 89  ? -4.616  0.571   -1.660  1.00 19.65 ? 89  VAL A CG1   1 
ATOM   479 C CG2   . VAL A 1 89  ? -6.151  -0.710  -0.211  1.00 19.26 ? 89  VAL A CG2   1 
ATOM   480 N N     . TYR A 1 90  ? -6.553  3.386   -2.273  1.00 21.56 ? 90  TYR A N     1 
ATOM   481 C CA    . TYR A 1 90  ? -6.282  4.387   -3.310  1.00 21.65 ? 90  TYR A CA    1 
ATOM   482 C C     . TYR A 1 90  ? -4.883  4.165   -3.823  1.00 20.20 ? 90  TYR A C     1 
ATOM   483 O O     . TYR A 1 90  ? -3.945  4.027   -3.036  1.00 19.59 ? 90  TYR A O     1 
ATOM   484 C CB    . TYR A 1 90  ? -6.386  5.814   -2.801  1.00 20.79 ? 90  TYR A CB    1 
ATOM   485 C CG    . TYR A 1 90  ? -7.779  6.165   -2.285  1.00 23.40 ? 90  TYR A CG    1 
ATOM   486 C CD1   . TYR A 1 90  ? -8.831  6.357   -3.174  1.00 27.19 ? 90  TYR A CD1   1 
ATOM   487 C CD2   . TYR A 1 90  ? -8.047  6.252   -0.894  1.00 25.79 ? 90  TYR A CD2   1 
ATOM   488 C CE1   . TYR A 1 90  ? -10.146 6.656   -2.722  1.00 23.41 ? 90  TYR A CE1   1 
ATOM   489 C CE2   . TYR A 1 90  ? -9.340  6.593   -0.442  1.00 27.63 ? 90  TYR A CE2   1 
ATOM   490 C CZ    . TYR A 1 90  ? -10.380 6.773   -1.354  1.00 23.66 ? 90  TYR A CZ    1 
ATOM   491 O OH    . TYR A 1 90  ? -11.660 7.109   -0.947  1.00 25.00 ? 90  TYR A OH    1 
ATOM   492 N N     . PRO A 1 91  ? -4.740  4.116   -5.152  1.00 21.84 ? 91  PRO A N     1 
ATOM   493 C CA    . PRO A 1 91  ? -3.429  3.911   -5.781  1.00 21.57 ? 91  PRO A CA    1 
ATOM   494 C C     . PRO A 1 91  ? -2.439  4.933   -5.216  1.00 24.53 ? 91  PRO A C     1 
ATOM   495 O O     . PRO A 1 91  ? -2.765  6.141   -5.156  1.00 27.09 ? 91  PRO A O     1 
ATOM   496 C CB    . PRO A 1 91  ? -3.727  4.094   -7.266  1.00 26.44 ? 91  PRO A CB    1 
ATOM   497 C CG    . PRO A 1 91  ? -5.154  3.655   -7.377  1.00 25.68 ? 91  PRO A CG    1 
ATOM   498 C CD    . PRO A 1 91  ? -5.833  4.217   -6.146  1.00 19.94 ? 91  PRO A CD    1 
ATOM   499 N N     . GLY A 1 92  ? -1.289  4.488   -4.704  1.00 24.07 ? 92  GLY A N     1 
ATOM   500 C CA    . GLY A 1 92  ? -0.362  5.480   -4.231  1.00 23.31 ? 92  GLY A CA    1 
ATOM   501 C C     . GLY A 1 92  ? 0.968   5.280   -4.939  1.00 26.08 ? 92  GLY A C     1 
ATOM   502 O O     . GLY A 1 92  ? 1.417   4.139   -5.089  1.00 25.01 ? 92  GLY A O     1 
ATOM   503 N N     . VAL A 1 93  ? 1.611   6.385   -5.328  1.00 22.79 ? 93  VAL A N     1 
ATOM   504 C CA    . VAL A 1 93  ? 2.939   6.350   -5.960  1.00 22.46 ? 93  VAL A CA    1 
ATOM   505 C C     . VAL A 1 93  ? 3.978   6.528   -4.864  1.00 24.20 ? 93  VAL A C     1 
ATOM   506 O O     . VAL A 1 93  ? 3.895   7.458   -4.054  1.00 22.21 ? 93  VAL A O     1 
ATOM   507 C CB    . VAL A 1 93  ? 3.044   7.483   -7.009  1.00 22.72 ? 93  VAL A CB    1 
ATOM   508 C CG1   . VAL A 1 93  ? 4.423   7.526   -7.658  1.00 21.93 ? 93  VAL A CG1   1 
ATOM   509 C CG2   . VAL A 1 93  ? 1.953   7.293   -8.090  1.00 23.99 ? 93  VAL A CG2   1 
ATOM   510 N N     . ILE A 1 94  ? 4.949   5.618   -4.832  1.00 21.22 ? 94  ILE A N     1 
ATOM   511 C CA    . ILE A 1 94  ? 6.074   5.764   -3.950  1.00 19.78 ? 94  ILE A CA    1 
ATOM   512 C C     . ILE A 1 94  ? 7.304   6.127   -4.786  1.00 21.33 ? 94  ILE A C     1 
ATOM   513 O O     . ILE A 1 94  ? 7.751   5.355   -5.675  1.00 23.37 ? 94  ILE A O     1 
ATOM   514 C CB    . ILE A 1 94  ? 6.387   4.470   -3.172  1.00 22.42 ? 94  ILE A CB    1 
ATOM   515 C CG1   . ILE A 1 94  ? 5.108   3.798   -2.660  1.00 24.56 ? 94  ILE A CG1   1 
ATOM   516 C CG2   . ILE A 1 94  ? 7.414   4.795   -2.017  1.00 21.95 ? 94  ILE A CG2   1 
ATOM   517 C CD1   . ILE A 1 94  ? 4.173   4.685   -1.719  1.00 31.41 ? 94  ILE A CD1   1 
ATOM   518 N N     . ASP A 1 95  ? 7.835   7.299   -4.508  1.00 22.19 ? 95  ASP A N     1 
ATOM   519 C CA    . ASP A 1 95  ? 9.008   7.779   -5.205  1.00 23.37 ? 95  ASP A CA    1 
ATOM   520 C C     . ASP A 1 95  ? 10.227  6.956   -4.838  1.00 24.02 ? 95  ASP A C     1 
ATOM   521 O O     . ASP A 1 95  ? 10.366  6.365   -3.755  1.00 21.53 ? 95  ASP A O     1 
ATOM   522 C CB    . ASP A 1 95  ? 9.285   9.263   -4.986  1.00 24.97 ? 95  ASP A CB    1 
ATOM   523 C CG    . ASP A 1 95  ? 8.078   10.133  -5.358  1.00 36.56 ? 95  ASP A CG    1 
ATOM   524 O OD1   . ASP A 1 95  ? 7.566   9.955   -6.471  1.00 26.59 ? 95  ASP A OD1   1 
ATOM   525 O OD2   . ASP A 1 95  ? 7.673   10.971  -4.537  1.00 51.12 ? 95  ASP A OD2   1 
ATOM   526 N N     . ASN A 1 96  ? 11.116  6.885   -5.795  1.00 25.40 ? 96  ASN A N     1 
ATOM   527 C CA    . ASN A 1 96  ? 12.298  6.066   -5.617  1.00 25.81 ? 96  ASN A CA    1 
ATOM   528 C C     . ASN A 1 96  ? 13.097  6.453   -4.391  1.00 23.38 ? 96  ASN A C     1 
ATOM   529 O O     . ASN A 1 96  ? 13.662  5.583   -3.685  1.00 25.25 ? 96  ASN A O     1 
ATOM   530 C CB    . ASN A 1 96  ? 13.211  6.226   -6.831  1.00 27.24 ? 96  ASN A CB    1 
ATOM   531 C CG    . ASN A 1 96  ? 14.472  5.498   -6.645  1.00 28.35 ? 96  ASN A CG    1 
ATOM   532 O OD1   . ASN A 1 96  ? 15.483  6.086   -6.209  1.00 24.08 ? 96  ASN A OD1   1 
ATOM   533 N ND2   . ASN A 1 96  ? 14.432  4.173   -6.885  1.00 29.95 ? 96  ASN A ND2   1 
ATOM   534 N N     . ASP A 1 97  ? 13.159  7.741   -4.115  1.00 24.09 ? 97  ASP A N     1 
ATOM   535 C CA    . ASP A 1 97  ? 14.007  8.214   -3.032  1.00 24.58 ? 97  ASP A CA    1 
ATOM   536 C C     . ASP A 1 97  ? 13.225  8.574   -1.759  1.00 25.73 ? 97  ASP A C     1 
ATOM   537 O O     . ASP A 1 97  ? 13.757  9.293   -0.879  1.00 25.91 ? 97  ASP A O     1 
ATOM   538 C CB    . ASP A 1 97  ? 14.831  9.421   -3.479  1.00 26.90 ? 97  ASP A CB    1 
ATOM   539 C CG    . ASP A 1 97  ? 13.988  10.497  -4.163  1.00 33.02 ? 97  ASP A CG    1 
ATOM   540 O OD1   . ASP A 1 97  ? 12.728  10.427  -4.204  1.00 27.71 ? 97  ASP A OD1   1 
ATOM   541 O OD2   . ASP A 1 97  ? 14.618  11.448  -4.663  1.00 52.75 ? 97  ASP A OD2   1 
ATOM   542 N N     . TYR A 1 98  ? 11.979  8.111   -1.641  1.00 22.60 ? 98  TYR A N     1 
ATOM   543 C CA    . TYR A 1 98  ? 11.191  8.385   -0.445  1.00 22.98 ? 98  TYR A CA    1 
ATOM   544 C C     . TYR A 1 98  ? 11.775  7.518   0.684   1.00 24.07 ? 98  TYR A C     1 
ATOM   545 O O     . TYR A 1 98  ? 12.020  6.338   0.450   1.00 22.07 ? 98  TYR A O     1 
ATOM   546 C CB    . TYR A 1 98  ? 9.757   7.944   -0.712  1.00 22.65 ? 98  TYR A CB    1 
ATOM   547 C CG    . TYR A 1 98  ? 8.824   8.019   0.448   1.00 25.10 ? 98  TYR A CG    1 
ATOM   548 C CD1   . TYR A 1 98  ? 8.388   9.232   0.911   1.00 20.03 ? 98  TYR A CD1   1 
ATOM   549 C CD2   . TYR A 1 98  ? 8.318   6.855   1.038   1.00 23.19 ? 98  TYR A CD2   1 
ATOM   550 C CE1   . TYR A 1 98  ? 7.535   9.312   1.966   1.00 26.06 ? 98  TYR A CE1   1 
ATOM   551 C CE2   . TYR A 1 98  ? 7.428   6.912   2.085   1.00 19.48 ? 98  TYR A CE2   1 
ATOM   552 C CZ    . TYR A 1 98  ? 7.063   8.165   2.558   1.00 21.67 ? 98  TYR A CZ    1 
ATOM   553 O OH    . TYR A 1 98  ? 6.167   8.264   3.578   1.00 23.58 ? 98  TYR A OH    1 
ATOM   554 N N     . THR A 1 99  ? 12.013  8.090   1.873   1.00 24.78 ? 99  THR A N     1 
ATOM   555 C CA    . THR A 1 99  ? 12.638  7.334   2.935   1.00 22.21 ? 99  THR A CA    1 
ATOM   556 C C     . THR A 1 99  ? 11.693  7.279   4.121   1.00 23.77 ? 99  THR A C     1 
ATOM   557 O O     . THR A 1 99  ? 12.040  6.807   5.195   1.00 21.59 ? 99  THR A O     1 
ATOM   558 C CB    . THR A 1 99  ? 14.042  7.934   3.337   1.00 22.98 ? 99  THR A CB    1 
ATOM   559 O OG1   . THR A 1 99  ? 13.856  9.292   3.755   1.00 23.04 ? 99  THR A OG1   1 
ATOM   560 C CG2   . THR A 1 99  ? 14.988  7.918   2.156   1.00 19.05 ? 99  THR A CG2   1 
ATOM   561 N N     . GLY A 1 100 ? 10.464  7.706   3.926   1.00 24.14 ? 100 GLY A N     1 
ATOM   562 C CA    . GLY A 1 100 ? 9.531   7.694   5.011   1.00 21.32 ? 100 GLY A CA    1 
ATOM   563 C C     . GLY A 1 100 ? 8.811   6.372   5.025   1.00 22.92 ? 100 GLY A C     1 
ATOM   564 O O     . GLY A 1 100 ? 9.166   5.463   4.307   1.00 18.61 ? 100 GLY A O     1 
ATOM   565 N N     . GLU A 1 101 ? 7.766   6.306   5.849   1.00 22.56 ? 101 GLU A N     1 
ATOM   566 C CA    . GLU A 1 101 ? 7.041   5.132   6.039   1.00 21.71 ? 101 GLU A CA    1 
ATOM   567 C C     . GLU A 1 101 ? 6.012   5.031   4.917   1.00 21.44 ? 101 GLU A C     1 
ATOM   568 O O     . GLU A 1 101 ? 5.333   6.011   4.526   1.00 23.46 ? 101 GLU A O     1 
ATOM   569 C CB    . GLU A 1 101 ? 6.357   5.165   7.410   1.00 24.94 ? 101 GLU A CB    1 
ATOM   570 C CG    . GLU A 1 101 ? 5.442   4.027   7.559   1.00 21.28 ? 101 GLU A CG    1 
ATOM   571 C CD    . GLU A 1 101 ? 4.697   3.990   8.912   1.00 28.72 ? 101 GLU A CD    1 
ATOM   572 O OE1   . GLU A 1 101 ? 4.534   5.025   9.564   1.00 31.19 ? 101 GLU A OE1   1 
ATOM   573 O OE2   . GLU A 1 101 ? 4.274   2.896   9.292   1.00 29.73 ? 101 GLU A OE2   1 
ATOM   574 N N     . ILE A 1 102 ? 5.928   3.846   4.373   1.00 22.46 ? 102 ILE A N     1 
ATOM   575 C CA    . ILE A 1 102 ? 4.962   3.538   3.318   1.00 23.80 ? 102 ILE A CA    1 
ATOM   576 C C     . ILE A 1 102 ? 3.588   3.362   3.988   1.00 26.02 ? 102 ILE A C     1 
ATOM   577 O O     . ILE A 1 102 ? 3.420   2.520   4.845   1.00 28.88 ? 102 ILE A O     1 
ATOM   578 C CB    . ILE A 1 102 ? 5.401   2.294   2.549   1.00 26.73 ? 102 ILE A CB    1 
ATOM   579 C CG1   . ILE A 1 102 ? 6.623   2.679   1.709   1.00 29.30 ? 102 ILE A CG1   1 
ATOM   580 C CG2   . ILE A 1 102 ? 4.241   1.823   1.637   1.00 25.13 ? 102 ILE A CG2   1 
ATOM   581 C CD1   . ILE A 1 102 ? 7.283   1.538   0.992   1.00 27.29 ? 102 ILE A CD1   1 
ATOM   582 N N     . LYS A 1 103 ? 2.631   4.218   3.656   1.00 23.68 ? 103 LYS A N     1 
ATOM   583 C CA    . LYS A 1 103 ? 1.298   4.099   4.264   1.00 22.30 ? 103 LYS A CA    1 
ATOM   584 C C     . LYS A 1 103 ? 0.298   3.729   3.187   1.00 22.55 ? 103 LYS A C     1 
ATOM   585 O O     . LYS A 1 103 ? 0.471   4.020   1.971   1.00 23.83 ? 103 LYS A O     1 
ATOM   586 C CB    . LYS A 1 103 ? 0.889   5.410   4.922   1.00 24.65 ? 103 LYS A CB    1 
ATOM   587 C CG    . LYS A 1 103 ? 1.827   5.767   6.079   1.00 30.42 ? 103 LYS A CG    1 
ATOM   588 C CD    . LYS A 1 103 ? 1.156   6.569   7.126   1.00 38.57 ? 103 LYS A CD    1 
ATOM   589 C CE    . LYS A 1 103 ? 2.199   7.080   8.117   1.00 44.46 ? 103 LYS A CE    1 
ATOM   590 N NZ    . LYS A 1 103 ? 1.495   7.806   9.214   1.00 53.05 ? 103 LYS A NZ    1 
ATOM   591 N N     . ILE A 1 104 ? -0.746  3.054   3.624   1.00 20.37 ? 104 ILE A N     1 
ATOM   592 C CA    A ILE A 1 104 ? -1.749  2.647   2.684   0.60 22.62 ? 104 ILE A CA    1 
ATOM   593 C CA    B ILE A 1 104 ? -1.795  2.596   2.734   0.40 21.72 ? 104 ILE A CA    1 
ATOM   594 C C     . ILE A 1 104 ? -2.917  3.598   2.883   1.00 21.80 ? 104 ILE A C     1 
ATOM   595 O O     . ILE A 1 104 ? -3.428  3.756   3.990   1.00 24.92 ? 104 ILE A O     1 
ATOM   596 C CB    A ILE A 1 104 ? -2.248  1.229   2.933   0.60 22.47 ? 104 ILE A CB    1 
ATOM   597 C CB    B ILE A 1 104 ? -2.374  1.220   3.179   0.40 21.47 ? 104 ILE A CB    1 
ATOM   598 C CG1   A ILE A 1 104 ? -1.084  0.232   3.045   0.60 24.76 ? 104 ILE A CG1   1 
ATOM   599 C CG1   B ILE A 1 104 ? -1.282  0.133   3.262   0.40 20.95 ? 104 ILE A CG1   1 
ATOM   600 C CG2   A ILE A 1 104 ? -3.251  0.774   1.851   0.60 22.34 ? 104 ILE A CG2   1 
ATOM   601 C CG2   B ILE A 1 104 ? -3.585  0.776   2.301   0.40 16.72 ? 104 ILE A CG2   1 
ATOM   602 C CD1   A ILE A 1 104 ? -1.490  -1.070  3.675   0.60 19.78 ? 104 ILE A CD1   1 
ATOM   603 C CD1   B ILE A 1 104 ? -0.301  0.158   2.105   0.40 17.17 ? 104 ILE A CD1   1 
ATOM   604 N N     . MET A 1 105 ? -3.317  4.214   1.787   1.00 22.35 ? 105 MET A N     1 
ATOM   605 C CA    . MET A 1 105 ? -4.439  5.146   1.798   1.00 24.54 ? 105 MET A CA    1 
ATOM   606 C C     . MET A 1 105 ? -5.683  4.335   1.511   1.00 25.92 ? 105 MET A C     1 
ATOM   607 O O     . MET A 1 105 ? -5.804  3.675   0.441   1.00 24.82 ? 105 MET A O     1 
ATOM   608 C CB    . MET A 1 105 ? -4.264  6.207   0.711   1.00 23.17 ? 105 MET A CB    1 
ATOM   609 C CG    . MET A 1 105 ? -3.048  7.043   0.941   1.00 26.27 ? 105 MET A CG    1 
ATOM   610 S SD    . MET A 1 105 ? -3.069  8.431   -0.218  1.00 34.74 ? 105 MET A SD    1 
ATOM   611 C CE    . MET A 1 105 ? -2.891  7.560   -1.842  1.00 29.03 ? 105 MET A CE    1 
ATOM   612 N N     . ALA A 1 106 ? -6.590  4.309   2.477   1.00 26.50 ? 106 ALA A N     1 
ATOM   613 C CA    . ALA A 1 106 ? -7.717  3.397   2.367   1.00 25.56 ? 106 ALA A CA    1 
ATOM   614 C C     . ALA A 1 106 ? -9.039  4.049   2.759   1.00 25.19 ? 106 ALA A C     1 
ATOM   615 O O     . ALA A 1 106 ? -9.058  5.038   3.486   1.00 21.65 ? 106 ALA A O     1 
ATOM   616 C CB    . ALA A 1 106 ? -7.485  2.114   3.156   1.00 28.52 ? 106 ALA A CB    1 
ATOM   617 N N     . LYS A 1 107 ? -10.164 3.500   2.263   1.00 22.67 ? 107 LYS A N     1 
ATOM   618 C CA    A LYS A 1 107 ? -11.455 4.003   2.699   0.60 22.41 ? 107 LYS A CA    1 
ATOM   619 C CA    B LYS A 1 107 ? -11.462 4.006   2.689   0.40 22.46 ? 107 LYS A CA    1 
ATOM   620 C C     . LYS A 1 107 ? -12.465 2.873   2.682   1.00 23.51 ? 107 LYS A C     1 
ATOM   621 O O     . LYS A 1 107 ? -12.504 2.104   1.734   1.00 22.94 ? 107 LYS A O     1 
ATOM   622 C CB    A LYS A 1 107 ? -11.927 5.110   1.752   0.60 25.52 ? 107 LYS A CB    1 
ATOM   623 C CB    B LYS A 1 107 ? -11.932 5.137   1.754   0.40 24.48 ? 107 LYS A CB    1 
ATOM   624 C CG    A LYS A 1 107 ? -13.275 5.683   2.154   0.60 24.20 ? 107 LYS A CG    1 
ATOM   625 C CG    B LYS A 1 107 ? -13.364 5.601   2.027   0.40 21.54 ? 107 LYS A CG    1 
ATOM   626 C CD    A LYS A 1 107 ? -14.021 6.115   0.941   0.60 17.49 ? 107 LYS A CD    1 
ATOM   627 C CD    B LYS A 1 107 ? -13.508 7.096   1.879   0.40 15.09 ? 107 LYS A CD    1 
ATOM   628 C CE    A LYS A 1 107 ? -15.388 6.662   1.278   0.60 24.00 ? 107 LYS A CE    1 
ATOM   629 C CE    B LYS A 1 107 ? -14.823 7.564   2.428   0.40 19.33 ? 107 LYS A CE    1 
ATOM   630 N NZ    A LYS A 1 107 ? -16.481 5.653   1.401   0.60 25.04 ? 107 LYS A NZ    1 
ATOM   631 N NZ    B LYS A 1 107 ? -16.013 7.290   1.566   0.40 23.82 ? 107 LYS A NZ    1 
ATOM   632 N N     . ALA A 1 108 ? -13.306 2.795   3.721   1.00 21.40 ? 108 ALA A N     1 
ATOM   633 C CA    . ALA A 1 108 ? -14.407 1.813   3.686   1.00 22.69 ? 108 ALA A CA    1 
ATOM   634 C C     . ALA A 1 108 ? -15.443 2.347   2.681   1.00 25.18 ? 108 ALA A C     1 
ATOM   635 O O     . ALA A 1 108 ? -15.842 3.528   2.775   1.00 23.85 ? 108 ALA A O     1 
ATOM   636 C CB    . ALA A 1 108 ? -15.021 1.633   5.128   1.00 22.33 ? 108 ALA A CB    1 
ATOM   637 N N     . VAL A 1 109 ? -15.902 1.539   1.709   1.00 27.14 ? 109 VAL A N     1 
ATOM   638 C CA    A VAL A 1 109 ? -16.734 2.138   0.634   0.60 29.90 ? 109 VAL A CA    1 
ATOM   639 C CA    B VAL A 1 109 ? -16.740 2.101   0.622   0.40 29.07 ? 109 VAL A CA    1 
ATOM   640 C C     . VAL A 1 109 ? -18.200 2.279   1.043   1.00 31.11 ? 109 VAL A C     1 
ATOM   641 O O     . VAL A 1 109 ? -18.814 3.370   0.850   1.00 35.03 ? 109 VAL A O     1 
ATOM   642 C CB    A VAL A 1 109 ? -16.578 1.456   -0.792  0.60 28.95 ? 109 VAL A CB    1 
ATOM   643 C CB    B VAL A 1 109 ? -16.616 1.284   -0.718  0.40 27.85 ? 109 VAL A CB    1 
ATOM   644 C CG1   A VAL A 1 109 ? -15.147 0.886   -1.010  0.60 23.72 ? 109 VAL A CG1   1 
ATOM   645 C CG1   B VAL A 1 109 ? -16.659 -0.182  -0.458  0.40 23.36 ? 109 VAL A CG1   1 
ATOM   646 C CG2   A VAL A 1 109 ? -17.647 0.430   -1.043  0.60 31.81 ? 109 VAL A CG2   1 
ATOM   647 C CG2   B VAL A 1 109 ? -17.681 1.673   -1.710  0.40 26.32 ? 109 VAL A CG2   1 
ATOM   648 N N     . ASN A 1 110 ? -18.747 1.219   1.618   1.00 30.17 ? 110 ASN A N     1 
ATOM   649 C CA    . ASN A 1 110 ? -20.161 1.199   1.909   1.00 33.87 ? 110 ASN A CA    1 
ATOM   650 C C     . ASN A 1 110 ? -20.478 0.859   3.322   1.00 33.64 ? 110 ASN A C     1 
ATOM   651 O O     . ASN A 1 110 ? -21.473 1.359   3.881   1.00 36.31 ? 110 ASN A O     1 
ATOM   652 C CB    . ASN A 1 110 ? -20.857 0.150   1.011   1.00 34.21 ? 110 ASN A CB    1 
ATOM   653 C CG    . ASN A 1 110 ? -21.542 0.771   -0.160  1.00 35.18 ? 110 ASN A CG    1 
ATOM   654 O OD1   . ASN A 1 110 ? -21.677 1.990   -0.248  1.00 50.32 ? 110 ASN A OD1   1 
ATOM   655 N ND2   . ASN A 1 110 ? -22.004 -0.045  -1.054  1.00 43.00 ? 110 ASN A ND2   1 
ATOM   656 N N     . ASN A 1 111 ? -19.685 -0.049  3.876   1.00 33.79 ? 111 ASN A N     1 
ATOM   657 C CA    . ASN A 1 111 ? -19.924 -0.582  5.195   1.00 33.87 ? 111 ASN A CA    1 
ATOM   658 C C     . ASN A 1 111 ? -18.774 -0.323  6.145   1.00 31.45 ? 111 ASN A C     1 
ATOM   659 O O     . ASN A 1 111 ? -17.724 0.127   5.717   1.00 28.60 ? 111 ASN A O     1 
ATOM   660 C CB    . ASN A 1 111 ? -20.083 -2.097  5.104   1.00 36.20 ? 111 ASN A CB    1 
ATOM   661 C CG    . ASN A 1 111 ? -21.021 -2.509  3.997   1.00 44.68 ? 111 ASN A CG    1 
ATOM   662 O OD1   . ASN A 1 111 ? -22.156 -2.036  3.915   1.00 48.24 ? 111 ASN A OD1   1 
ATOM   663 N ND2   . ASN A 1 111 ? -20.541 -3.387  3.125   1.00 54.48 ? 111 ASN A ND2   1 
ATOM   664 N N     . ILE A 1 112 ? -18.971 -0.714  7.408   1.00 29.54 ? 112 ILE A N     1 
ATOM   665 C CA    . ILE A 1 112 ? -17.927 -0.707  8.412   1.00 30.70 ? 112 ILE A CA    1 
ATOM   666 C C     . ILE A 1 112 ? -16.905 -1.786  8.076   1.00 32.71 ? 112 ILE A C     1 
ATOM   667 O O     . ILE A 1 112 ? -17.249 -2.955  7.944   1.00 34.84 ? 112 ILE A O     1 
ATOM   668 C CB    . ILE A 1 112 ? -18.512 -0.913  9.807   1.00 31.21 ? 112 ILE A CB    1 
ATOM   669 C CG1   . ILE A 1 112 ? -19.468 0.250   10.125  1.00 33.30 ? 112 ILE A CG1   1 
ATOM   670 C CG2   . ILE A 1 112 ? -17.413 -1.081  10.809  1.00 29.18 ? 112 ILE A CG2   1 
ATOM   671 C CD1   . ILE A 1 112 ? -20.481 -0.010  11.264  1.00 38.01 ? 112 ILE A CD1   1 
ATOM   672 N N     . VAL A 1 113 ? -15.664 -1.380  7.883   1.00 31.08 ? 113 VAL A N     1 
ATOM   673 C CA    . VAL A 1 113 ? -14.582 -2.324  7.658   1.00 30.48 ? 113 VAL A CA    1 
ATOM   674 C C     . VAL A 1 113 ? -13.627 -2.424  8.839   1.00 29.08 ? 113 VAL A C     1 
ATOM   675 O O     . VAL A 1 113 ? -13.186 -1.402  9.368   1.00 27.27 ? 113 VAL A O     1 
ATOM   676 C CB    . VAL A 1 113 ? -13.811 -1.902  6.440   1.00 28.78 ? 113 VAL A CB    1 
ATOM   677 C CG1   . VAL A 1 113 ? -12.487 -2.679  6.371   1.00 38.28 ? 113 VAL A CG1   1 
ATOM   678 C CG2   . VAL A 1 113 ? -14.663 -2.064  5.218   1.00 31.30 ? 113 VAL A CG2   1 
ATOM   679 N N     . THR A 1 114 ? -13.296 -3.654  9.255   1.00 30.02 ? 114 THR A N     1 
ATOM   680 C CA    . THR A 1 114 ? -12.384 -3.831  10.348  1.00 31.89 ? 114 THR A CA    1 
ATOM   681 C C     . THR A 1 114 ? -11.058 -4.462  9.872   1.00 34.21 ? 114 THR A C     1 
ATOM   682 O O     . THR A 1 114 ? -11.052 -5.589  9.385   1.00 35.30 ? 114 THR A O     1 
ATOM   683 C CB    . THR A 1 114 ? -13.021 -4.662  11.449  1.00 32.88 ? 114 THR A CB    1 
ATOM   684 O OG1   . THR A 1 114 ? -14.114 -3.937  12.027  1.00 29.68 ? 114 THR A OG1   1 
ATOM   685 C CG2   . THR A 1 114 ? -12.046 -4.916  12.493  1.00 26.89 ? 114 THR A CG2   1 
ATOM   686 N N     . VAL A 1 115 ? -9.954  -3.736  10.049  1.00 34.54 ? 115 VAL A N     1 
ATOM   687 C CA    . VAL A 1 115 ? -8.613  -4.202  9.633   1.00 37.78 ? 115 VAL A CA    1 
ATOM   688 C C     . VAL A 1 115 ? -7.851  -4.692  10.858  1.00 36.97 ? 115 VAL A C     1 
ATOM   689 O O     . VAL A 1 115 ? -7.502  -3.892  11.752  1.00 35.46 ? 115 VAL A O     1 
ATOM   690 C CB    . VAL A 1 115 ? -7.792  -3.109  8.806   1.00 39.76 ? 115 VAL A CB    1 
ATOM   691 C CG1   . VAL A 1 115 ? -8.659  -2.447  7.721   1.00 41.34 ? 115 VAL A CG1   1 
ATOM   692 C CG2   . VAL A 1 115 ? -7.137  -1.999  9.675   1.00 46.94 ? 115 VAL A CG2   1 
ATOM   693 N N     . SER A 1 116 ? -7.693  -6.011  10.957  1.00 38.73 ? 116 SER A N     1 
ATOM   694 C CA    . SER A 1 116 ? -6.900  -6.597  12.045  1.00 37.99 ? 116 SER A CA    1 
ATOM   695 C C     . SER A 1 116 ? -5.408  -6.505  11.765  1.00 36.65 ? 116 SER A C     1 
ATOM   696 O O     . SER A 1 116 ? -4.994  -6.683  10.625  1.00 36.73 ? 116 SER A O     1 
ATOM   697 C CB    . SER A 1 116 ? -7.283  -8.051  12.229  1.00 37.71 ? 116 SER A CB    1 
ATOM   698 O OG    . SER A 1 116 ? -8.511  -8.130  12.910  1.00 44.87 ? 116 SER A OG    1 
ATOM   699 N N     . GLN A 1 117 ? -4.602  -6.265  12.804  1.00 38.81 ? 117 GLN A N     1 
ATOM   700 C CA    . GLN A 1 117 ? -3.136  -6.242  12.653  1.00 38.76 ? 117 GLN A CA    1 
ATOM   701 C C     . GLN A 1 117 ? -2.728  -7.463  11.873  1.00 39.94 ? 117 GLN A C     1 
ATOM   702 O O     . GLN A 1 117 ? -3.196  -8.574  12.176  1.00 36.98 ? 117 GLN A O     1 
ATOM   703 C CB    . GLN A 1 117 ? -2.413  -6.319  13.980  1.00 40.24 ? 117 GLN A CB    1 
ATOM   704 C CG    . GLN A 1 117 ? -2.386  -5.080  14.834  1.00 44.25 ? 117 GLN A CG    1 
ATOM   705 C CD    . GLN A 1 117 ? -1.197  -5.095  15.779  1.00 40.72 ? 117 GLN A CD    1 
ATOM   706 N N     . GLY A 1 118 ? -1.882  -7.263  10.859  1.00 40.77 ? 118 GLY A N     1 
ATOM   707 C CA    . GLY A 1 118 ? -1.348  -8.362  10.087  1.00 39.00 ? 118 GLY A CA    1 
ATOM   708 C C     . GLY A 1 118 ? -2.203  -8.895  8.951   1.00 41.02 ? 118 GLY A C     1 
ATOM   709 O O     . GLY A 1 118 ? -1.757  -9.794  8.222   1.00 42.74 ? 118 GLY A O     1 
ATOM   710 N N     . ASN A 1 119 ? -3.425  -8.384  8.775   1.00 37.72 ? 119 ASN A N     1 
ATOM   711 C CA    . ASN A 1 119 ? -4.171  -8.655  7.545   1.00 38.70 ? 119 ASN A CA    1 
ATOM   712 C C     . ASN A 1 119 ? -3.431  -7.995  6.411   1.00 36.42 ? 119 ASN A C     1 
ATOM   713 O O     . ASN A 1 119 ? -3.055  -6.818  6.554   1.00 36.42 ? 119 ASN A O     1 
ATOM   714 C CB    . ASN A 1 119 ? -5.576  -8.040  7.584   1.00 39.46 ? 119 ASN A CB    1 
ATOM   715 N N     . ARG A 1 120 ? -3.203  -8.735  5.325   1.00 34.85 ? 120 ARG A N     1 
ATOM   716 C CA    . ARG A 1 120 ? -2.570  -8.162  4.143   1.00 35.74 ? 120 ARG A CA    1 
ATOM   717 C C     . ARG A 1 120 ? -3.610  -7.412  3.321   1.00 37.27 ? 120 ARG A C     1 
ATOM   718 O O     . ARG A 1 120 ? -4.441  -8.027  2.628   1.00 39.62 ? 120 ARG A O     1 
ATOM   719 C CB    . ARG A 1 120 ? -1.787  -9.191  3.310   1.00 37.06 ? 120 ARG A CB    1 
ATOM   720 C CG    . ARG A 1 120 ? -2.572  -10.099 2.361   1.00 40.34 ? 120 ARG A CG    1 
ATOM   721 N N     . ILE A 1 121 ? -3.482  -6.080  3.368   1.00 30.93 ? 121 ILE A N     1 
ATOM   722 C CA    . ILE A 1 121 ? -4.465  -5.120  2.937   1.00 32.49 ? 121 ILE A CA    1 
ATOM   723 C C     . ILE A 1 121 ? -4.142  -4.622  1.509   1.00 30.79 ? 121 ILE A C     1 
ATOM   724 O O     . ILE A 1 121 ? -5.042  -4.411  0.643   1.00 33.43 ? 121 ILE A O     1 
ATOM   725 C CB    . ILE A 1 121 ? -4.434  -3.934  3.976   1.00 33.98 ? 121 ILE A CB    1 
ATOM   726 C CG1   . ILE A 1 121 ? -5.146  -4.344  5.244   1.00 36.59 ? 121 ILE A CG1   1 
ATOM   727 C CG2   . ILE A 1 121 ? -5.110  -2.701  3.461   1.00 40.00 ? 121 ILE A CG2   1 
ATOM   728 N N     . ALA A 1 122 ? -2.862  -4.522  1.224   1.00 24.51 ? 122 ALA A N     1 
ATOM   729 C CA    . ALA A 1 122 ? -2.465  -3.920  -0.053  1.00 22.17 ? 122 ALA A CA    1 
ATOM   730 C C     . ALA A 1 122 ? -1.229  -4.624  -0.589  1.00 23.35 ? 122 ALA A C     1 
ATOM   731 O O     . ALA A 1 122 ? -0.729  -5.579  0.009   1.00 22.13 ? 122 ALA A O     1 
ATOM   732 C CB    . ALA A 1 122 ? -2.186  -2.451  0.158   1.00 19.40 ? 122 ALA A CB    1 
ATOM   733 N N     . GLN A 1 123 ? -0.701  -4.129  -1.691  1.00 20.87 ? 123 GLN A N     1 
ATOM   734 C CA    . GLN A 1 123 ? 0.489   -4.760  -2.239  1.00 21.66 ? 123 GLN A CA    1 
ATOM   735 C C     . GLN A 1 123 ? 1.291   -3.644  -2.883  1.00 22.68 ? 123 GLN A C     1 
ATOM   736 O O     . GLN A 1 123 ? 0.750   -2.638  -3.307  1.00 19.95 ? 123 GLN A O     1 
ATOM   737 C CB    . GLN A 1 123 ? 0.119   -5.828  -3.240  1.00 24.06 ? 123 GLN A CB    1 
ATOM   738 C CG    . GLN A 1 123 ? -0.645  -5.267  -4.430  1.00 20.84 ? 123 GLN A CG    1 
ATOM   739 C CD    . GLN A 1 123 ? -1.117  -6.433  -5.263  1.00 23.96 ? 123 GLN A CD    1 
ATOM   740 O OE1   . GLN A 1 123 ? -0.330  -7.276  -5.672  1.00 25.57 ? 123 GLN A OE1   1 
ATOM   741 N NE2   . GLN A 1 123 ? -2.413  -6.514  -5.460  1.00 22.49 ? 123 GLN A NE2   1 
ATOM   742 N N     . LEU A 1 124 ? 2.593   -3.786  -2.801  1.00 21.08 ? 124 LEU A N     1 
ATOM   743 C CA    . LEU A 1 124 ? 3.472   -2.847  -3.417  1.00 23.61 ? 124 LEU A CA    1 
ATOM   744 C C     . LEU A 1 124 ? 3.968   -3.479  -4.705  1.00 20.62 ? 124 LEU A C     1 
ATOM   745 O O     . LEU A 1 124 ? 4.559   -4.536  -4.693  1.00 20.68 ? 124 LEU A O     1 
ATOM   746 C CB    . LEU A 1 124 ? 4.672   -2.542  -2.512  1.00 24.75 ? 124 LEU A CB    1 
ATOM   747 C CG    . LEU A 1 124 ? 5.769   -1.593  -3.088  1.00 29.39 ? 124 LEU A CG    1 
ATOM   748 C CD1   . LEU A 1 124 ? 5.304   -0.146  -3.180  1.00 26.65 ? 124 LEU A CD1   1 
ATOM   749 C CD2   . LEU A 1 124 ? 7.060   -1.634  -2.260  1.00 29.00 ? 124 LEU A CD2   1 
ATOM   750 N N     . ILE A 1 125 ? 3.844   -2.747  -5.799  1.00 24.10 ? 125 ILE A N     1 
ATOM   751 C CA    . ILE A 1 125 ? 4.349   -3.196  -7.082  1.00 25.57 ? 125 ILE A CA    1 
ATOM   752 C C     . ILE A 1 125 ? 5.502   -2.295  -7.484  1.00 26.12 ? 125 ILE A C     1 
ATOM   753 O O     . ILE A 1 125 ? 5.435   -1.094  -7.293  1.00 25.81 ? 125 ILE A O     1 
ATOM   754 C CB    . ILE A 1 125 ? 3.244   -3.091  -8.092  1.00 28.76 ? 125 ILE A CB    1 
ATOM   755 C CG1   . ILE A 1 125 ? 2.354   -4.358  -7.996  1.00 28.69 ? 125 ILE A CG1   1 
ATOM   756 C CG2   . ILE A 1 125 ? 3.817   -3.003  -9.516  1.00 33.24 ? 125 ILE A CG2   1 
ATOM   757 C CD1   . ILE A 1 125 ? 0.997   -3.964  -7.861  1.00 36.20 ? 125 ILE A CD1   1 
ATOM   758 N N     . LEU A 1 126 ? 6.593   -2.877  -7.953  1.00 25.49 ? 126 LEU A N     1 
ATOM   759 C CA    . LEU A 1 126 ? 7.753   -2.074  -8.404  1.00 25.54 ? 126 LEU A CA    1 
ATOM   760 C C     . LEU A 1 126 ? 7.685   -1.949  -9.901  1.00 27.57 ? 126 LEU A C     1 
ATOM   761 O O     . LEU A 1 126 ? 7.397   -2.920  -10.600 1.00 28.41 ? 126 LEU A O     1 
ATOM   762 C CB    . LEU A 1 126 ? 9.083   -2.705  -8.019  1.00 27.35 ? 126 LEU A CB    1 
ATOM   763 C CG    . LEU A 1 126 ? 9.213   -2.869  -6.528  1.00 26.53 ? 126 LEU A CG    1 
ATOM   764 C CD1   . LEU A 1 126 ? 10.476  -3.652  -6.270  1.00 31.30 ? 126 LEU A CD1   1 
ATOM   765 C CD2   . LEU A 1 126 ? 9.213   -1.475  -5.851  1.00 28.26 ? 126 LEU A CD2   1 
ATOM   766 N N     . LEU A 1 127 ? 7.902   -0.727  -10.365 1.00 26.33 ? 127 LEU A N     1 
ATOM   767 C CA    . LEU A 1 127 ? 7.909   -0.413  -11.799 1.00 23.84 ? 127 LEU A CA    1 
ATOM   768 C C     . LEU A 1 127 ? 9.155   0.385   -12.184 1.00 26.00 ? 127 LEU A C     1 
ATOM   769 O O     . LEU A 1 127 ? 9.767   1.064   -11.334 1.00 24.43 ? 127 LEU A O     1 
ATOM   770 C CB    . LEU A 1 127 ? 6.622   0.341   -12.173 1.00 23.54 ? 127 LEU A CB    1 
ATOM   771 C CG    . LEU A 1 127 ? 5.349   -0.529  -12.148 1.00 22.88 ? 127 LEU A CG    1 
ATOM   772 C CD1   . LEU A 1 127 ? 4.125   0.345   -12.150 1.00 23.00 ? 127 LEU A CD1   1 
ATOM   773 C CD2   . LEU A 1 127 ? 5.370   -1.465  -13.309 1.00 24.35 ? 127 LEU A CD2   1 
ATOM   774 N N     . PRO A 1 128 ? 9.533   0.292   -13.475 1.00 25.21 ? 128 PRO A N     1 
ATOM   775 C CA    . PRO A 1 128 ? 10.674  0.974   -13.990 1.00 28.00 ? 128 PRO A CA    1 
ATOM   776 C C     . PRO A 1 128 ? 10.395  2.476   -13.983 1.00 26.12 ? 128 PRO A C     1 
ATOM   777 O O     . PRO A 1 128 ? 9.282   2.950   -14.304 1.00 25.75 ? 128 PRO A O     1 
ATOM   778 C CB    . PRO A 1 128 ? 10.825  0.389   -15.403 1.00 28.70 ? 128 PRO A CB    1 
ATOM   779 C CG    . PRO A 1 128 ? 9.479   -0.039  -15.801 1.00 29.49 ? 128 PRO A CG    1 
ATOM   780 C CD    . PRO A 1 128 ? 8.817   -0.477  -14.522 1.00 26.38 ? 128 PRO A CD    1 
ATOM   781 N N     . LEU A 1 129 ? 11.397  3.209   -13.540 1.00 25.66 ? 129 LEU A N     1 
ATOM   782 C CA    . LEU A 1 129 ? 11.300  4.659   -13.542 1.00 27.47 ? 129 LEU A CA    1 
ATOM   783 C C     . LEU A 1 129 ? 11.915  5.139   -14.852 1.00 26.91 ? 129 LEU A C     1 
ATOM   784 O O     . LEU A 1 129 ? 13.121  5.036   -15.057 1.00 25.97 ? 129 LEU A O     1 
ATOM   785 C CB    . LEU A 1 129 ? 12.077  5.207   -12.332 1.00 27.31 ? 129 LEU A CB    1 
ATOM   786 C CG    . LEU A 1 129 ? 11.576  6.430   -11.552 1.00 35.62 ? 129 LEU A CG    1 
ATOM   787 C CD1   . LEU A 1 129 ? 12.774  6.977   -10.687 1.00 33.08 ? 129 LEU A CD1   1 
ATOM   788 C CD2   . LEU A 1 129 ? 10.958  7.489   -12.466 1.00 34.62 ? 129 LEU A CD2   1 
ATOM   789 N N     . ILE A 1 130 ? 11.109  5.707   -15.735 1.00 26.26 ? 130 ILE A N     1 
ATOM   790 C CA    . ILE A 1 130 ? 11.592  6.048   -17.018 1.00 27.31 ? 130 ILE A CA    1 
ATOM   791 C C     . ILE A 1 130 ? 12.204  7.407   -16.839 1.00 28.22 ? 130 ILE A C     1 
ATOM   792 O O     . ILE A 1 130 ? 11.614  8.281   -16.182 1.00 25.29 ? 130 ILE A O     1 
ATOM   793 C CB    . ILE A 1 130 ? 10.407  6.069   -18.054 1.00 29.54 ? 130 ILE A CB    1 
ATOM   794 C CG1   . ILE A 1 130 ? 10.102  4.666   -18.504 1.00 30.74 ? 130 ILE A CG1   1 
ATOM   795 C CG2   . ILE A 1 130 ? 10.750  6.903   -19.280 1.00 33.10 ? 130 ILE A CG2   1 
ATOM   796 C CD1   . ILE A 1 130 ? 8.718   4.528   -19.033 1.00 37.19 ? 130 ILE A CD1   1 
ATOM   797 N N     . GLU A 1 131 ? 13.408  7.567   -17.397 1.00 29.43 ? 131 GLU A N     1 
ATOM   798 C CA    . GLU A 1 131 ? 14.082  8.867   -17.448 1.00 28.84 ? 131 GLU A CA    1 
ATOM   799 C C     . GLU A 1 131 ? 13.520  9.743   -18.610 1.00 29.47 ? 131 GLU A C     1 
ATOM   800 O O     . GLU A 1 131 ? 13.229  9.260   -19.701 1.00 29.75 ? 131 GLU A O     1 
ATOM   801 C CB    . GLU A 1 131 ? 15.618  8.665   -17.509 1.00 27.77 ? 131 GLU A CB    1 
ATOM   802 N N     . THR A 1 132 ? 13.221  11.001  -18.308 1.00 32.08 ? 132 THR A N     1 
ATOM   803 C CA    . THR A 1 132 ? 12.734  11.958  -19.315 1.00 32.59 ? 132 THR A CA    1 
ATOM   804 C C     . THR A 1 132 ? 13.549  13.233  -19.145 1.00 33.02 ? 132 THR A C     1 
ATOM   805 O O     . THR A 1 132 ? 14.333  13.343  -18.199 1.00 34.25 ? 132 THR A O     1 
ATOM   806 C CB    . THR A 1 132 ? 11.237  12.279  -19.139 1.00 33.40 ? 132 THR A CB    1 
ATOM   807 O OG1   . THR A 1 132 ? 11.054  13.150  -18.015 1.00 31.24 ? 132 THR A OG1   1 
ATOM   808 C CG2   . THR A 1 132 ? 10.429  11.026  -18.893 1.00 31.82 ? 132 THR A CG2   1 
ATOM   809 N N     . ASP A 1 133 ? 13.351  14.196  -20.032 1.00 33.35 ? 133 ASP A N     1 
ATOM   810 C CA    . ASP A 1 133 ? 14.077  15.447  -19.991 1.00 34.88 ? 133 ASP A CA    1 
ATOM   811 C C     . ASP A 1 133 ? 13.307  16.534  -19.245 1.00 33.26 ? 133 ASP A C     1 
ATOM   812 O O     . ASP A 1 133 ? 13.773  17.670  -19.151 1.00 32.81 ? 133 ASP A O     1 
ATOM   813 C CB    . ASP A 1 133 ? 14.410  15.885  -21.407 1.00 36.50 ? 133 ASP A CB    1 
ATOM   814 C CG    . ASP A 1 133 ? 15.720  15.294  -21.906 1.00 45.76 ? 133 ASP A CG    1 
ATOM   815 O OD1   . ASP A 1 133 ? 15.825  15.043  -23.132 1.00 52.57 ? 133 ASP A OD1   1 
ATOM   816 O OD2   . ASP A 1 133 ? 16.644  15.084  -21.078 1.00 46.51 ? 133 ASP A OD2   1 
ATOM   817 N N     . ASN A 1 134 ? 12.153  16.190  -18.679 1.00 31.00 ? 134 ASN A N     1 
ATOM   818 C CA    . ASN A 1 134 ? 11.382  17.168  -17.899 1.00 29.34 ? 134 ASN A CA    1 
ATOM   819 C C     . ASN A 1 134 ? 12.212  17.873  -16.849 1.00 29.86 ? 134 ASN A C     1 
ATOM   820 O O     . ASN A 1 134 ? 13.037  17.242  -16.187 1.00 28.21 ? 134 ASN A O     1 
ATOM   821 C CB    . ASN A 1 134 ? 10.212  16.504  -17.223 1.00 28.63 ? 134 ASN A CB    1 
ATOM   822 C CG    . ASN A 1 134 ? 9.194   16.071  -18.215 1.00 27.42 ? 134 ASN A CG    1 
ATOM   823 O OD1   . ASN A 1 134 ? 9.287   14.964  -18.741 1.00 24.99 ? 134 ASN A OD1   1 
ATOM   824 N ND2   . ASN A 1 134 ? 8.263   16.967  -18.554 1.00 19.96 ? 134 ASN A ND2   1 
ATOM   825 N N     . LYS A 1 135 ? 11.969  19.179  -16.709 1.00 31.25 ? 135 LYS A N     1 
ATOM   826 C CA    . LYS A 1 135 ? 12.738  19.990  -15.782 1.00 33.91 ? 135 LYS A CA    1 
ATOM   827 C C     . LYS A 1 135 ? 12.325  19.587  -14.395 1.00 35.25 ? 135 LYS A C     1 
ATOM   828 O O     . LYS A 1 135 ? 11.136  19.392  -14.125 1.00 34.14 ? 135 LYS A O     1 
ATOM   829 C CB    . LYS A 1 135 ? 12.517  21.489  -16.022 1.00 35.55 ? 135 LYS A CB    1 
ATOM   830 N N     . VAL A 1 136 ? 13.322  19.390  -13.535 1.00 36.93 ? 136 VAL A N     1 
ATOM   831 C CA    . VAL A 1 136 ? 13.082  19.112  -12.120 1.00 36.57 ? 136 VAL A CA    1 
ATOM   832 C C     . VAL A 1 136 ? 12.859  20.395  -11.341 1.00 38.49 ? 136 VAL A C     1 
ATOM   833 O O     . VAL A 1 136 ? 12.413  20.335  -10.199 1.00 41.34 ? 136 VAL A O     1 
ATOM   834 C CB    . VAL A 1 136 ? 14.233  18.349  -11.492 1.00 35.83 ? 136 VAL A CB    1 
ATOM   835 C CG1   . VAL A 1 136 ? 13.999  18.180  -10.019 1.00 37.13 ? 136 VAL A CG1   1 
ATOM   836 C CG2   . VAL A 1 136 ? 14.402  17.035  -12.171 1.00 33.54 ? 136 VAL A CG2   1 
HETATM 837 N N1    . UMP B 2 .   ? 3.070   7.717   -0.093  1.00 21.66 ? 777 UMP A N1    1 
HETATM 838 C C2    . UMP B 2 .   ? 2.659   6.662   0.678   1.00 23.10 ? 777 UMP A C2    1 
HETATM 839 N N3    . UMP B 2 .   ? 1.503   5.992   0.367   1.00 21.07 ? 777 UMP A N3    1 
HETATM 840 C C4    . UMP B 2 .   ? 0.741   6.331   -0.733  1.00 22.06 ? 777 UMP A C4    1 
HETATM 841 C C5    . UMP B 2 .   ? 1.152   7.411   -1.521  1.00 20.03 ? 777 UMP A C5    1 
HETATM 842 C C6    . UMP B 2 .   ? 2.323   8.123   -1.167  1.00 19.51 ? 777 UMP A C6    1 
HETATM 843 O O2    . UMP B 2 .   ? 3.302   6.308   1.668   1.00 21.21 ? 777 UMP A O2    1 
HETATM 844 O O4    . UMP B 2 .   ? -0.290  5.671   -0.941  1.00 24.43 ? 777 UMP A O4    1 
HETATM 845 C "C1'" . UMP B 2 .   ? 4.310   8.442   0.256   1.00 22.66 ? 777 UMP A "C1'" 1 
HETATM 846 C "C2'" . UMP B 2 .   ? 5.350   7.984   -0.782  1.00 22.80 ? 777 UMP A "C2'" 1 
HETATM 847 C "C3'" . UMP B 2 .   ? 5.435   9.162   -1.736  1.00 18.96 ? 777 UMP A "C3'" 1 
HETATM 848 C "C4'" . UMP B 2 .   ? 5.154   10.288  -0.753  1.00 21.91 ? 777 UMP A "C4'" 1 
HETATM 849 O "O3'" . UMP B 2 .   ? 6.706   9.322   -2.396  1.00 24.89 ? 777 UMP A "O3'" 1 
HETATM 850 O "O4'" . UMP B 2 .   ? 4.146   9.838   0.097   1.00 23.34 ? 777 UMP A "O4'" 1 
HETATM 851 C "C5'" . UMP B 2 .   ? 4.670   11.577  -1.391  1.00 30.19 ? 777 UMP A "C5'" 1 
HETATM 852 O "O5'" . UMP B 2 .   ? 3.431   11.297  -2.017  1.00 34.77 ? 777 UMP A "O5'" 1 
HETATM 853 P P     . UMP B 2 .   ? 2.638   12.486  -2.794  1.00 39.12 ? 777 UMP A P     1 
HETATM 854 O OP1   . UMP B 2 .   ? 1.978   13.357  -1.773  1.00 29.88 ? 777 UMP A OP1   1 
HETATM 855 O OP2   . UMP B 2 .   ? 3.489   13.438  -3.547  1.00 37.90 ? 777 UMP A OP2   1 
HETATM 856 O OP3   . UMP B 2 .   ? 1.717   11.772  -3.687  1.00 38.98 ? 777 UMP A OP3   1 
HETATM 857 O O     . HOH C 3 .   ? 9.905   -14.906 -6.674  1.00 65.51 ? 153 HOH A O     1 
HETATM 858 O O     . HOH C 3 .   ? 8.828   -0.054  11.771  1.00 46.81 ? 154 HOH A O     1 
HETATM 859 O O     . HOH C 3 .   ? 10.251  22.373  -10.182 1.00 56.62 ? 155 HOH A O     1 
HETATM 860 O O     . HOH C 3 .   ? 4.837   -6.936  6.386   1.00 69.28 ? 156 HOH A O     1 
HETATM 861 O O     . HOH C 3 .   ? -1.062  -11.872 -0.375  1.00 62.95 ? 157 HOH A O     1 
HETATM 862 O O     . HOH C 3 .   ? 10.956  -1.220  12.220  1.00 43.76 ? 158 HOH A O     1 
HETATM 863 O O     . HOH C 3 .   ? -4.051  -11.810 -1.279  1.00 44.73 ? 159 HOH A O     1 
HETATM 864 O O     . HOH C 3 .   ? -20.656 4.867   0.981   1.00 48.88 ? 160 HOH A O     1 
HETATM 865 O O     . HOH C 3 .   ? -2.247  3.803   -0.841  1.00 15.15 ? 161 HOH A O     1 
HETATM 866 O O     . HOH C 3 .   ? -13.028 5.060   5.569   1.00 20.13 ? 162 HOH A O     1 
HETATM 867 O O     . HOH C 3 .   ? -8.876  2.173   -5.684  1.00 26.60 ? 163 HOH A O     1 
HETATM 868 O O     . HOH C 3 .   ? -5.066  9.258   8.102   1.00 30.81 ? 164 HOH A O     1 
HETATM 869 O O     . HOH C 3 .   ? 5.850   11.169  -8.045  1.00 23.85 ? 165 HOH A O     1 
HETATM 870 O O     . HOH C 3 .   ? -6.010  -0.297  -5.282  1.00 25.67 ? 166 HOH A O     1 
HETATM 871 O O     . HOH C 3 .   ? 7.046   -5.273  -11.714 1.00 23.65 ? 167 HOH A O     1 
HETATM 872 O O     . HOH C 3 .   ? -8.730  3.848   -7.854  0.33 21.33 ? 168 HOH A O     1 
HETATM 873 O O     . HOH C 3 .   ? -13.467 6.723   -2.570  1.00 26.73 ? 169 HOH A O     1 
HETATM 874 O O     . HOH C 3 .   ? -9.718  4.160   12.895  1.00 34.07 ? 170 HOH A O     1 
HETATM 875 O O     . HOH C 3 .   ? -20.602 5.014   11.946  1.00 32.08 ? 171 HOH A O     1 
HETATM 876 O O     . HOH C 3 .   ? 17.085  4.436   -4.444  1.00 31.16 ? 172 HOH A O     1 
HETATM 877 O O     . HOH C 3 .   ? 6.388   -5.625  -9.006  1.00 31.53 ? 173 HOH A O     1 
HETATM 878 O O     . HOH C 3 .   ? 15.083  -2.427  1.037   1.00 26.81 ? 174 HOH A O     1 
HETATM 879 O O     . HOH C 3 .   ? -16.129 6.566   -1.678  1.00 31.37 ? 175 HOH A O     1 
HETATM 880 O O     . HOH C 3 .   ? 13.655  0.174   1.783   1.00 33.14 ? 176 HOH A O     1 
HETATM 881 O O     . HOH C 3 .   ? -17.316 7.429   11.815  1.00 26.43 ? 177 HOH A O     1 
HETATM 882 O O     . HOH C 3 .   ? 17.410  5.237   -8.797  1.00 35.47 ? 178 HOH A O     1 
HETATM 883 O O     . HOH C 3 .   ? 3.415   -4.733  5.664   1.00 33.88 ? 179 HOH A O     1 
HETATM 884 O O     . HOH C 3 .   ? 17.233  -3.637  2.230   1.00 29.71 ? 180 HOH A O     1 
HETATM 885 O O     . HOH C 3 .   ? 2.294   -11.117 -3.059  1.00 32.75 ? 181 HOH A O     1 
HETATM 886 O O     . HOH C 3 .   ? 7.143   8.406   7.650   1.00 37.02 ? 182 HOH A O     1 
HETATM 887 O O     . HOH C 3 .   ? -21.993 4.084   -1.984  1.00 33.73 ? 183 HOH A O     1 
HETATM 888 O O     . HOH C 3 .   ? 11.479  11.096  2.048   1.00 29.76 ? 184 HOH A O     1 
HETATM 889 O O     . HOH C 3 .   ? 14.879  11.181  2.493   1.00 46.13 ? 185 HOH A O     1 
HETATM 890 O O     . HOH C 3 .   ? 0.265   8.933   -4.388  1.00 40.66 ? 186 HOH A O     1 
HETATM 891 O O     . HOH C 3 .   ? 12.569  13.549  -22.185 1.00 42.19 ? 187 HOH A O     1 
HETATM 892 O O     . HOH C 3 .   ? -7.906  5.372   10.722  1.00 37.83 ? 188 HOH A O     1 
HETATM 893 O O     . HOH C 3 .   ? 15.151  -0.622  -1.724  1.00 35.78 ? 189 HOH A O     1 
HETATM 894 O O     . HOH C 3 .   ? -4.772  7.814   -5.334  1.00 29.65 ? 190 HOH A O     1 
HETATM 895 O O     . HOH C 3 .   ? 10.923  11.768  -22.896 1.00 38.24 ? 191 HOH A O     1 
HETATM 896 O O     . HOH C 3 .   ? -20.405 8.342   4.024   1.00 51.76 ? 192 HOH A O     1 
HETATM 897 O O     . HOH C 3 .   ? 5.373   -8.869  2.957   1.00 45.86 ? 193 HOH A O     1 
HETATM 898 O O     . HOH C 3 .   ? 8.795   -6.799  -8.251  1.00 32.91 ? 194 HOH A O     1 
HETATM 899 O O     . HOH C 3 .   ? 5.615   7.537   9.842   1.00 45.64 ? 195 HOH A O     1 
HETATM 900 O O     . HOH C 3 .   ? -14.596 -3.806  14.587  1.00 46.50 ? 196 HOH A O     1 
HETATM 901 O O     . HOH C 3 .   ? -23.611 9.104   6.518   1.00 45.07 ? 197 HOH A O     1 
HETATM 902 O O     . HOH C 3 .   ? 15.682  10.765  -0.325  1.00 32.53 ? 198 HOH A O     1 
HETATM 903 O O     . HOH C 3 .   ? -8.579  -2.687  -1.726  1.00 32.54 ? 199 HOH A O     1 
HETATM 904 O O     . HOH C 3 .   ? -20.949 4.377   9.269   1.00 34.77 ? 200 HOH A O     1 
HETATM 905 O O     . HOH C 3 .   ? -12.488 -3.899  16.437  1.00 35.17 ? 201 HOH A O     1 
HETATM 906 O O     . HOH C 3 .   ? 10.004  20.504  -17.939 1.00 41.08 ? 202 HOH A O     1 
HETATM 907 O O     . HOH C 3 .   ? 12.750  14.836  -15.416 1.00 41.87 ? 203 HOH A O     1 
HETATM 908 O O     . HOH C 3 .   ? 0.014   10.083  7.275   1.00 45.22 ? 204 HOH A O     1 
HETATM 909 O O     . HOH C 3 .   ? 7.083   -12.200 -9.075  1.00 46.00 ? 205 HOH A O     1 
HETATM 910 O O     . HOH C 3 .   ? 8.726   14.254  -21.584 1.00 40.95 ? 206 HOH A O     1 
HETATM 911 O O     . HOH C 3 .   ? 16.030  8.884   -6.545  1.00 46.75 ? 207 HOH A O     1 
HETATM 912 O O     . HOH C 3 .   ? -3.602  2.707   11.123  1.00 44.88 ? 208 HOH A O     1 
HETATM 913 O O     . HOH C 3 .   ? 14.587  5.695   -19.141 1.00 48.42 ? 209 HOH A O     1 
HETATM 914 O O     . HOH C 3 .   ? -5.567  -6.462  15.352  1.00 52.98 ? 210 HOH A O     1 
HETATM 915 O O     . HOH C 3 .   ? -9.321  -0.685  -4.280  1.00 42.96 ? 211 HOH A O     1 
HETATM 916 O O     . HOH C 3 .   ? -21.821 -1.847  8.097   1.00 47.52 ? 212 HOH A O     1 
HETATM 917 O O     . HOH C 3 .   ? -12.206 -11.194 -7.854  1.00 53.42 ? 213 HOH A O     1 
HETATM 918 O O     . HOH C 3 .   ? -17.595 -0.968  2.435   1.00 37.03 ? 214 HOH A O     1 
HETATM 919 O O     . HOH C 3 .   ? -6.010  -9.655  9.677   1.00 57.33 ? 215 HOH A O     1 
HETATM 920 O O     . HOH C 3 .   ? -6.683  -11.211 -1.949  1.00 45.88 ? 216 HOH A O     1 
HETATM 921 O O     . HOH C 3 .   ? 14.702  -8.844  -0.406  1.00 45.34 ? 217 HOH A O     1 
HETATM 922 O O     . HOH C 3 .   ? -2.059  -10.406 -6.867  1.00 44.74 ? 218 HOH A O     1 
HETATM 923 O O     . HOH C 3 .   ? 10.592  11.942  -0.934  1.00 46.93 ? 219 HOH A O     1 
HETATM 924 O O     . HOH C 3 .   ? -14.365 -5.912  7.958   1.00 50.44 ? 220 HOH A O     1 
HETATM 925 O O     . HOH C 3 .   ? -18.847 -2.967  0.644   1.00 45.39 ? 221 HOH A O     1 
HETATM 926 O O     . HOH C 3 .   ? 14.515  -3.256  -1.560  1.00 52.56 ? 222 HOH A O     1 
HETATM 927 O O     . HOH C 3 .   ? 11.818  -11.675 4.289   1.00 49.19 ? 223 HOH A O     1 
HETATM 928 O O     . HOH C 3 .   ? -13.265 -11.036 -0.546  1.00 51.82 ? 224 HOH A O     1 
HETATM 929 O O     . HOH C 3 .   ? -11.232 -11.664 -5.363  1.00 61.18 ? 225 HOH A O     1 
HETATM 930 O O     . HOH C 3 .   ? -9.533  11.853  5.187   1.00 43.68 ? 226 HOH A O     1 
HETATM 931 O O     . HOH C 3 .   ? 10.975  8.899   -22.292 1.00 45.81 ? 227 HOH A O     1 
HETATM 932 O O     . HOH C 3 .   ? -1.151  5.962   9.900   1.00 52.43 ? 228 HOH A O     1 
HETATM 933 O O     . HOH C 3 .   ? -1.394  4.324   13.368  1.00 56.62 ? 229 HOH A O     1 
HETATM 934 O O     . HOH C 3 .   ? 12.795  7.736   7.950   1.00 54.79 ? 230 HOH A O     1 
HETATM 935 O O     . HOH C 3 .   ? 5.981   -4.276  9.894   1.00 66.83 ? 231 HOH A O     1 
HETATM 936 O O     . HOH C 3 .   ? -16.456 -4.259  10.405  1.00 44.57 ? 232 HOH A O     1 
HETATM 937 O O     . HOH C 3 .   ? 10.806  12.264  -3.600  1.00 46.38 ? 233 HOH A O     1 
HETATM 938 O O     . HOH C 3 .   ? 14.636  11.669  -23.043 1.00 57.74 ? 234 HOH A O     1 
HETATM 939 O O     . HOH C 3 .   ? -17.354 12.766  6.270   1.00 42.45 ? 235 HOH A O     1 
HETATM 940 O O     . HOH C 3 .   ? -3.737  -1.925  16.980  1.00 42.81 ? 236 HOH A O     1 
HETATM 941 O O     . HOH C 3 .   ? 4.430   2.016   11.654  1.00 45.46 ? 237 HOH A O     1 
HETATM 942 O O     . HOH C 3 .   ? -5.263  -11.815 7.771   1.00 57.47 ? 238 HOH A O     1 
HETATM 943 O O     . HOH C 3 .   ? 17.635  -3.436  -4.479  1.00 43.13 ? 239 HOH A O     1 
HETATM 944 O O     . HOH C 3 .   ? -3.389  -5.317  8.360   1.00 41.03 ? 240 HOH A O     1 
HETATM 945 O O     . HOH C 3 .   ? 1.857   -6.388  10.224  1.00 57.15 ? 241 HOH A O     1 
HETATM 946 O O     . HOH C 3 .   ? 15.712  6.000   -13.779 1.00 58.82 ? 242 HOH A O     1 
HETATM 947 O O     . HOH C 3 .   ? 17.809  7.370   -15.800 1.00 57.94 ? 243 HOH A O     1 
HETATM 948 O O     . HOH C 3 .   ? -2.045  -13.188 -5.400  1.00 50.09 ? 244 HOH A O     1 
HETATM 949 O O     . HOH C 3 .   ? -4.814  -11.355 5.226   1.00 54.07 ? 245 HOH A O     1 
HETATM 950 O O     . HOH C 3 .   ? -18.722 -5.300  0.046   1.00 59.75 ? 246 HOH A O     1 
HETATM 951 O O     . HOH C 3 .   ? 12.125  2.154   15.197  1.00 67.65 ? 247 HOH A O     1 
HETATM 952 O O     . HOH C 3 .   ? 10.494  8.685   8.943   1.00 47.25 ? 248 HOH A O     1 
HETATM 953 O O     . HOH C 3 .   ? 8.122   11.673  -1.929  1.00 53.04 ? 249 HOH A O     1 
HETATM 954 O O     . HOH C 3 .   ? -10.653 -8.074  10.642  1.00 52.19 ? 250 HOH A O     1 
HETATM 955 O O     . HOH C 3 .   ? -16.591 -5.786  4.885   1.00 52.73 ? 251 HOH A O     1 
HETATM 956 O O     . HOH C 3 .   ? -4.602  4.888   10.858  1.00 49.67 ? 252 HOH A O     1 
HETATM 957 O O     . HOH C 3 .   ? 3.523   -8.415  9.538   1.00 58.95 ? 253 HOH A O     1 
HETATM 958 O O     . HOH C 3 .   ? 16.343  -2.465  10.308  1.00 58.20 ? 254 HOH A O     1 
HETATM 959 O O     . HOH C 3 .   ? 16.837  -2.064  -9.142  1.00 51.46 ? 255 HOH A O     1 
HETATM 960 O O     . HOH C 3 .   ? 14.474  4.263   14.373  1.00 65.41 ? 256 HOH A O     1 
HETATM 961 O O     . HOH C 3 .   ? 19.139  -3.116  -8.584  1.00 52.23 ? 257 HOH A O     1 
HETATM 962 O O     . HOH C 3 .   ? 2.819   5.566   11.527  1.00 47.62 ? 258 HOH A O     1 
HETATM 963 O O     . HOH C 3 .   ? 18.678  -5.450  -9.973  1.00 69.30 ? 259 HOH A O     1 
HETATM 964 O O     . HOH C 3 .   ? -13.164 -8.464  9.790   1.00 53.84 ? 260 HOH A O     1 
HETATM 965 O O     . HOH C 3 .   ? -9.062  8.142   12.733  1.00 47.21 ? 261 HOH A O     1 
HETATM 966 O O     . HOH C 3 .   ? -15.539 -6.830  10.184  1.00 63.30 ? 262 HOH A O     1 
HETATM 967 O O     . HOH C 3 .   ? -24.200 2.300   0.930   1.00 74.90 ? 263 HOH A O     1 
HETATM 968 O O     . HOH C 3 .   ? 14.056  -0.359  -14.552 1.00 63.98 ? 264 HOH A O     1 
HETATM 969 O O     . HOH C 3 .   ? -4.695  -9.278  15.054  1.00 58.92 ? 265 HOH A O     1 
HETATM 970 O O     . HOH C 3 .   ? 17.528  6.518   -19.539 1.00 62.49 ? 266 HOH A O     1 
HETATM 971 O O     . HOH C 3 .   ? 0.151   -0.660  16.481  1.00 65.90 ? 267 HOH A O     1 
HETATM 972 O O     . HOH C 3 .   ? -0.632  2.090   13.409  1.00 56.17 ? 268 HOH A O     1 
HETATM 973 O O     . HOH C 3 .   ? 0.030   -11.463 -5.235  1.00 49.68 ? 269 HOH A O     1 
HETATM 974 O O     . HOH C 3 .   ? 21.251  7.193   -16.272 1.00 59.99 ? 270 HOH A O     1 
HETATM 975 O O     . HOH C 3 .   ? 2.963   10.099  -4.883  1.00 37.04 ? 271 HOH A O     1 
# 
